data_2CUQ
#
_entry.id   2CUQ
#
loop_
_entity.id
_entity.type
_entity.pdbx_description
1 polymer 'Four and a half LIM domains 3'
2 non-polymer 'ZINC ION'
#
_entity_poly.entity_id   1
_entity_poly.type   'polypeptide(L)'
_entity_poly.pdbx_seq_one_letter_code
;GSSGSSGPCYENKFAPRCARCSKTLTQGGVTYRDQPWHRECLVCTGCQTPLAGQQFTSRDEDPYCVACFGELFASGPSSG
;
_entity_poly.pdbx_strand_id   A
#
loop_
_chem_comp.id
_chem_comp.type
_chem_comp.name
_chem_comp.formula
ZN non-polymer 'ZINC ION' 'Zn 2'
#
# COMPACT_ATOMS: atom_id res chain seq x y z
N GLY A 1 -12.94 34.21 -12.01
CA GLY A 1 -12.91 33.10 -11.08
C GLY A 1 -12.53 33.52 -9.67
N SER A 2 -13.53 33.96 -8.90
CA SER A 2 -13.28 34.41 -7.53
C SER A 2 -14.35 33.86 -6.59
N SER A 3 -13.91 33.29 -5.47
CA SER A 3 -14.81 32.73 -4.48
C SER A 3 -14.23 32.84 -3.08
N GLY A 4 -15.11 32.98 -2.09
CA GLY A 4 -14.67 33.09 -0.71
C GLY A 4 -15.73 32.64 0.28
N SER A 5 -15.54 33.00 1.55
CA SER A 5 -16.49 32.62 2.59
C SER A 5 -16.97 31.18 2.40
N SER A 6 -16.04 30.30 2.04
CA SER A 6 -16.38 28.90 1.82
C SER A 6 -15.29 27.99 2.37
N GLY A 7 -15.65 26.74 2.66
CA GLY A 7 -14.69 25.78 3.18
C GLY A 7 -15.04 25.34 4.58
N PRO A 8 -15.95 24.35 4.69
CA PRO A 8 -16.38 23.81 5.98
C PRO A 8 -15.29 23.01 6.67
N CYS A 9 -15.57 22.55 7.89
CA CYS A 9 -14.62 21.76 8.65
C CYS A 9 -15.24 20.45 9.11
N TYR A 10 -15.00 19.39 8.34
CA TYR A 10 -15.54 18.07 8.66
C TYR A 10 -14.47 17.00 8.50
N GLU A 11 -14.21 16.26 9.58
CA GLU A 11 -13.22 15.19 9.55
C GLU A 11 -13.36 14.28 10.77
N ASN A 12 -13.51 12.99 10.53
CA ASN A 12 -13.66 12.02 11.60
C ASN A 12 -13.03 10.68 11.23
N LYS A 13 -11.98 10.30 11.96
CA LYS A 13 -11.29 9.04 11.70
C LYS A 13 -11.76 7.96 12.67
N PHE A 14 -12.59 7.04 12.17
CA PHE A 14 -13.10 5.96 12.99
C PHE A 14 -12.58 4.61 12.50
N ALA A 15 -11.98 4.62 11.32
CA ALA A 15 -11.43 3.40 10.73
C ALA A 15 -10.36 3.72 9.69
N PRO A 16 -9.47 2.75 9.43
CA PRO A 16 -8.39 2.91 8.46
C PRO A 16 -8.91 2.94 7.02
N ARG A 17 -8.29 3.78 6.19
CA ARG A 17 -8.69 3.91 4.80
C ARG A 17 -7.51 3.63 3.87
N CYS A 18 -7.80 3.02 2.72
CA CYS A 18 -6.76 2.71 1.75
C CYS A 18 -5.82 3.89 1.54
N ALA A 19 -4.52 3.65 1.70
CA ALA A 19 -3.53 4.70 1.52
C ALA A 19 -3.52 5.21 0.08
N ARG A 20 -4.15 4.48 -0.81
CA ARG A 20 -4.21 4.86 -2.22
C ARG A 20 -5.47 5.67 -2.50
N CYS A 21 -6.62 5.07 -2.22
CA CYS A 21 -7.90 5.73 -2.45
C CYS A 21 -8.37 6.48 -1.19
N SER A 22 -8.15 5.86 -0.04
CA SER A 22 -8.55 6.44 1.24
C SER A 22 -10.06 6.47 1.37
N LYS A 23 -10.69 5.33 1.11
CA LYS A 23 -12.15 5.22 1.20
C LYS A 23 -12.56 4.68 2.56
N THR A 24 -12.38 3.38 2.77
CA THR A 24 -12.73 2.75 4.03
C THR A 24 -12.27 1.30 4.07
N LEU A 25 -11.89 0.83 5.25
CA LEU A 25 -11.43 -0.54 5.42
C LEU A 25 -12.07 -1.19 6.65
N THR A 26 -13.26 -1.74 6.47
CA THR A 26 -13.98 -2.39 7.56
C THR A 26 -13.90 -3.90 7.45
N GLN A 27 -13.85 -4.40 6.22
CA GLN A 27 -13.77 -5.84 5.98
C GLN A 27 -12.33 -6.33 6.09
N GLY A 28 -11.65 -5.92 7.15
CA GLY A 28 -10.27 -6.33 7.36
C GLY A 28 -9.31 -5.60 6.43
N GLY A 29 -8.89 -6.29 5.37
CA GLY A 29 -7.97 -5.68 4.43
C GLY A 29 -6.52 -6.03 4.72
N VAL A 30 -5.61 -5.18 4.28
CA VAL A 30 -4.19 -5.41 4.50
C VAL A 30 -3.46 -4.09 4.76
N THR A 31 -2.16 -4.19 5.04
CA THR A 31 -1.34 -3.01 5.32
C THR A 31 0.03 -3.13 4.67
N TYR A 32 0.41 -2.11 3.90
CA TYR A 32 1.70 -2.11 3.23
C TYR A 32 2.56 -0.93 3.70
N ARG A 33 3.74 -1.24 4.24
CA ARG A 33 4.65 -0.21 4.73
C ARG A 33 4.02 0.57 5.88
N ASP A 34 3.58 -0.15 6.91
CA ASP A 34 2.96 0.48 8.07
C ASP A 34 1.82 1.40 7.64
N GLN A 35 1.07 0.97 6.63
CA GLN A 35 -0.06 1.76 6.13
C GLN A 35 -1.15 0.85 5.58
N PRO A 36 -2.41 1.26 5.78
CA PRO A 36 -3.57 0.50 5.31
C PRO A 36 -3.71 0.51 3.79
N TRP A 37 -3.83 -0.67 3.19
CA TRP A 37 -3.96 -0.78 1.75
C TRP A 37 -5.12 -1.71 1.38
N HIS A 38 -5.76 -1.43 0.25
CA HIS A 38 -6.88 -2.24 -0.21
C HIS A 38 -6.39 -3.57 -0.78
N ARG A 39 -6.84 -4.67 -0.18
CA ARG A 39 -6.45 -6.00 -0.62
C ARG A 39 -6.31 -6.04 -2.15
N GLU A 40 -7.27 -5.43 -2.84
CA GLU A 40 -7.26 -5.40 -4.29
C GLU A 40 -6.18 -4.46 -4.82
N CYS A 41 -6.12 -3.26 -4.24
CA CYS A 41 -5.13 -2.26 -4.65
C CYS A 41 -3.72 -2.81 -4.49
N LEU A 42 -3.40 -3.28 -3.28
CA LEU A 42 -2.08 -3.83 -3.00
C LEU A 42 -1.65 -4.82 -4.08
N VAL A 43 -0.92 -4.32 -5.08
CA VAL A 43 -0.45 -5.15 -6.18
C VAL A 43 0.94 -4.72 -6.64
N CYS A 44 1.68 -5.65 -7.23
CA CYS A 44 3.02 -5.37 -7.72
C CYS A 44 3.02 -4.13 -8.63
N THR A 45 4.11 -3.38 -8.58
CA THR A 45 4.24 -2.17 -9.40
C THR A 45 4.87 -2.49 -10.75
N GLY A 46 4.80 -3.76 -11.15
CA GLY A 46 5.37 -4.17 -12.42
C GLY A 46 4.45 -5.08 -13.21
N CYS A 47 4.00 -6.17 -12.57
CA CYS A 47 3.10 -7.11 -13.22
C CYS A 47 1.67 -6.90 -12.76
N GLN A 48 1.49 -6.08 -11.74
CA GLN A 48 0.17 -5.79 -11.20
C GLN A 48 -0.47 -7.05 -10.62
N THR A 49 0.25 -7.71 -9.71
CA THR A 49 -0.23 -8.93 -9.08
C THR A 49 -0.52 -8.71 -7.60
N PRO A 50 -1.61 -9.30 -7.11
CA PRO A 50 -2.02 -9.19 -5.71
C PRO A 50 -1.07 -9.91 -4.76
N LEU A 51 -0.32 -9.15 -3.99
CA LEU A 51 0.63 -9.72 -3.03
C LEU A 51 -0.04 -9.98 -1.68
N ALA A 52 -1.37 -9.94 -1.68
CA ALA A 52 -2.13 -10.18 -0.46
C ALA A 52 -1.59 -11.38 0.30
N GLY A 53 -0.78 -11.12 1.34
CA GLY A 53 -0.21 -12.19 2.12
C GLY A 53 0.77 -13.03 1.33
N GLN A 54 1.53 -12.38 0.46
CA GLN A 54 2.53 -13.08 -0.36
C GLN A 54 3.93 -12.59 -0.06
N GLN A 55 4.93 -13.43 -0.34
CA GLN A 55 6.32 -13.07 -0.11
C GLN A 55 6.82 -12.12 -1.18
N PHE A 56 7.02 -10.86 -0.80
CA PHE A 56 7.50 -9.84 -1.73
C PHE A 56 8.36 -8.82 -1.00
N THR A 57 8.87 -7.84 -1.75
CA THR A 57 9.70 -6.79 -1.19
C THR A 57 9.36 -5.42 -1.76
N SER A 58 9.74 -4.37 -1.04
CA SER A 58 9.45 -3.01 -1.48
C SER A 58 10.73 -2.33 -1.98
N ARG A 59 10.59 -1.54 -3.04
CA ARG A 59 11.72 -0.83 -3.61
C ARG A 59 11.32 0.59 -4.03
N ASP A 60 12.14 1.56 -3.65
CA ASP A 60 11.88 2.96 -3.98
C ASP A 60 10.44 3.34 -3.61
N GLU A 61 9.99 2.84 -2.46
CA GLU A 61 8.63 3.13 -1.99
C GLU A 61 7.59 2.54 -2.93
N ASP A 62 7.80 1.28 -3.32
CA ASP A 62 6.88 0.60 -4.22
C ASP A 62 6.94 -0.91 -4.00
N PRO A 63 5.76 -1.52 -3.79
CA PRO A 63 5.65 -2.98 -3.56
C PRO A 63 5.95 -3.78 -4.83
N TYR A 64 7.04 -4.54 -4.80
CA TYR A 64 7.43 -5.35 -5.95
C TYR A 64 7.51 -6.83 -5.56
N CYS A 65 6.93 -7.69 -6.39
CA CYS A 65 6.93 -9.11 -6.14
C CYS A 65 8.29 -9.73 -6.48
N VAL A 66 8.62 -10.82 -5.81
CA VAL A 66 9.89 -11.50 -6.04
C VAL A 66 10.16 -11.67 -7.54
N ALA A 67 9.10 -11.94 -8.30
CA ALA A 67 9.22 -12.12 -9.74
C ALA A 67 9.75 -10.86 -10.41
N CYS A 68 9.34 -9.70 -9.90
CA CYS A 68 9.76 -8.43 -10.46
C CYS A 68 11.10 -8.00 -9.86
N PHE A 69 11.21 -8.09 -8.54
CA PHE A 69 12.43 -7.71 -7.84
C PHE A 69 13.65 -8.35 -8.50
N GLY A 70 13.57 -9.66 -8.74
CA GLY A 70 14.68 -10.36 -9.37
C GLY A 70 14.55 -10.42 -10.88
N GLU A 71 13.90 -9.41 -11.44
CA GLU A 71 13.71 -9.35 -12.89
C GLU A 71 14.01 -7.95 -13.43
N LEU A 72 13.62 -6.94 -12.65
CA LEU A 72 13.84 -5.55 -13.05
C LEU A 72 15.19 -5.06 -12.54
N PHE A 73 15.37 -5.07 -11.23
CA PHE A 73 16.62 -4.62 -10.62
C PHE A 73 17.74 -5.63 -10.86
N ALA A 74 17.41 -6.92 -10.73
CA ALA A 74 18.38 -7.97 -10.93
C ALA A 74 18.45 -8.38 -12.40
N SER A 75 18.41 -7.38 -13.29
CA SER A 75 18.46 -7.63 -14.72
C SER A 75 19.75 -8.38 -15.09
N GLY A 76 19.86 -8.75 -16.37
CA GLY A 76 21.03 -9.46 -16.83
C GLY A 76 22.32 -8.84 -16.33
N PRO A 77 23.30 -9.69 -16.01
CA PRO A 77 24.61 -9.24 -15.51
C PRO A 77 25.43 -8.54 -16.59
N SER A 78 25.74 -7.26 -16.35
CA SER A 78 26.52 -6.47 -17.29
C SER A 78 25.88 -6.50 -18.68
N SER A 79 24.56 -6.38 -18.72
CA SER A 79 23.83 -6.40 -19.98
C SER A 79 23.59 -4.99 -20.50
N GLY A 80 23.56 -4.84 -21.82
CA GLY A 80 23.35 -3.54 -22.41
C GLY A 80 22.23 -2.77 -21.74
ZN ZN B . -7.54 1.50 -2.73
ZN ZN C . 5.66 -8.45 -10.12
N GLY A 1 -18.57 35.25 36.80
CA GLY A 1 -19.43 35.19 35.63
C GLY A 1 -19.91 33.78 35.36
N SER A 2 -19.50 33.22 34.23
CA SER A 2 -19.89 31.87 33.84
C SER A 2 -19.02 31.35 32.70
N SER A 3 -18.52 30.13 32.87
CA SER A 3 -17.67 29.51 31.86
C SER A 3 -18.20 28.14 31.46
N GLY A 4 -17.87 27.71 30.25
CA GLY A 4 -18.32 26.42 29.77
C GLY A 4 -17.22 25.63 29.09
N SER A 5 -17.60 24.75 28.18
CA SER A 5 -16.63 23.92 27.46
C SER A 5 -17.11 23.62 26.05
N SER A 6 -16.16 23.49 25.13
CA SER A 6 -16.48 23.21 23.73
C SER A 6 -15.26 22.69 22.99
N GLY A 7 -15.50 21.98 21.90
CA GLY A 7 -14.42 21.43 21.10
C GLY A 7 -14.57 19.94 20.86
N PRO A 8 -15.57 19.57 20.07
CA PRO A 8 -15.86 18.16 19.74
C PRO A 8 -14.79 17.55 18.84
N CYS A 9 -14.90 16.26 18.58
CA CYS A 9 -13.95 15.56 17.72
C CYS A 9 -13.79 16.28 16.39
N TYR A 10 -12.54 16.59 16.03
CA TYR A 10 -12.25 17.28 14.79
C TYR A 10 -12.36 16.33 13.60
N GLU A 11 -11.71 15.18 13.71
CA GLU A 11 -11.74 14.18 12.65
C GLU A 11 -12.72 13.06 12.97
N ASN A 12 -13.70 12.86 12.09
CA ASN A 12 -14.70 11.82 12.29
C ASN A 12 -14.21 10.47 11.76
N LYS A 13 -12.94 10.17 12.05
CA LYS A 13 -12.34 8.91 11.62
C LYS A 13 -12.39 7.87 12.73
N PHE A 14 -12.94 6.70 12.41
CA PHE A 14 -13.04 5.61 13.38
C PHE A 14 -12.40 4.34 12.85
N ALA A 15 -12.15 4.31 11.54
CA ALA A 15 -11.54 3.15 10.90
C ALA A 15 -10.48 3.57 9.90
N PRO A 16 -9.61 2.63 9.52
CA PRO A 16 -8.53 2.88 8.56
C PRO A 16 -9.05 3.08 7.15
N ARG A 17 -8.25 3.75 6.31
CA ARG A 17 -8.64 4.01 4.93
C ARG A 17 -7.48 3.71 3.99
N CYS A 18 -7.80 3.13 2.84
CA CYS A 18 -6.78 2.79 1.84
C CYS A 18 -5.81 3.95 1.64
N ALA A 19 -4.52 3.65 1.81
CA ALA A 19 -3.48 4.66 1.64
C ALA A 19 -3.50 5.25 0.23
N ARG A 20 -4.14 4.54 -0.69
CA ARG A 20 -4.23 4.98 -2.07
C ARG A 20 -5.47 5.83 -2.30
N CYS A 21 -6.64 5.22 -2.10
CA CYS A 21 -7.90 5.92 -2.29
C CYS A 21 -8.30 6.67 -1.01
N SER A 22 -8.07 6.04 0.13
CA SER A 22 -8.39 6.65 1.42
C SER A 22 -9.91 6.74 1.61
N LYS A 23 -10.60 5.62 1.38
CA LYS A 23 -12.05 5.57 1.52
C LYS A 23 -12.45 4.95 2.86
N THR A 24 -12.25 3.64 2.98
CA THR A 24 -12.58 2.93 4.21
C THR A 24 -12.03 1.51 4.18
N LEU A 25 -11.88 0.92 5.36
CA LEU A 25 -11.36 -0.43 5.48
C LEU A 25 -11.96 -1.15 6.69
N THR A 26 -12.71 -2.22 6.42
CA THR A 26 -13.34 -2.98 7.48
C THR A 26 -13.05 -4.47 7.34
N GLN A 27 -13.50 -5.05 6.23
CA GLN A 27 -13.28 -6.47 5.97
C GLN A 27 -12.26 -6.67 4.86
N GLY A 28 -11.60 -7.83 4.86
CA GLY A 28 -10.60 -8.12 3.85
C GLY A 28 -9.68 -6.94 3.59
N GLY A 29 -8.87 -6.59 4.58
CA GLY A 29 -7.96 -5.47 4.42
C GLY A 29 -6.53 -5.84 4.79
N VAL A 30 -5.58 -5.03 4.32
CA VAL A 30 -4.16 -5.28 4.61
C VAL A 30 -3.43 -3.98 4.90
N THR A 31 -2.15 -4.10 5.26
CA THR A 31 -1.34 -2.92 5.57
C THR A 31 0.05 -3.04 4.95
N TYR A 32 0.43 -2.03 4.18
CA TYR A 32 1.74 -2.03 3.54
C TYR A 32 2.57 -0.83 3.99
N ARG A 33 3.74 -1.11 4.56
CA ARG A 33 4.63 -0.07 5.05
C ARG A 33 3.99 0.70 6.20
N ASP A 34 3.50 -0.03 7.20
CA ASP A 34 2.86 0.58 8.36
C ASP A 34 1.70 1.48 7.93
N GLN A 35 1.02 1.09 6.86
CA GLN A 35 -0.10 1.87 6.35
C GLN A 35 -1.18 0.96 5.77
N PRO A 36 -2.45 1.34 5.97
CA PRO A 36 -3.60 0.57 5.47
C PRO A 36 -3.71 0.61 3.96
N TRP A 37 -3.84 -0.56 3.35
CA TRP A 37 -3.97 -0.64 1.89
C TRP A 37 -5.12 -1.57 1.50
N HIS A 38 -5.75 -1.27 0.37
CA HIS A 38 -6.87 -2.06 -0.12
C HIS A 38 -6.38 -3.37 -0.72
N ARG A 39 -6.83 -4.49 -0.15
CA ARG A 39 -6.44 -5.81 -0.63
C ARG A 39 -6.36 -5.84 -2.15
N GLU A 40 -7.30 -5.15 -2.80
CA GLU A 40 -7.33 -5.10 -4.25
C GLU A 40 -6.26 -4.15 -4.79
N CYS A 41 -6.14 -2.98 -4.17
CA CYS A 41 -5.15 -2.00 -4.58
C CYS A 41 -3.74 -2.55 -4.44
N LEU A 42 -3.43 -3.04 -3.25
CA LEU A 42 -2.10 -3.59 -2.98
C LEU A 42 -1.72 -4.61 -4.05
N VAL A 43 -0.87 -4.19 -4.98
CA VAL A 43 -0.42 -5.07 -6.06
C VAL A 43 0.96 -4.66 -6.56
N CYS A 44 1.68 -5.61 -7.14
CA CYS A 44 3.01 -5.35 -7.66
C CYS A 44 3.01 -4.17 -8.62
N THR A 45 4.13 -3.47 -8.69
CA THR A 45 4.25 -2.30 -9.55
C THR A 45 4.88 -2.68 -10.90
N GLY A 46 4.81 -3.97 -11.22
CA GLY A 46 5.37 -4.44 -12.48
C GLY A 46 4.43 -5.36 -13.23
N CYS A 47 3.94 -6.39 -12.55
CA CYS A 47 3.02 -7.34 -13.17
C CYS A 47 1.58 -7.10 -12.68
N GLN A 48 1.44 -6.26 -11.66
CA GLN A 48 0.13 -5.95 -11.11
C GLN A 48 -0.50 -7.18 -10.48
N THR A 49 0.23 -7.80 -9.56
CA THR A 49 -0.27 -8.99 -8.88
C THR A 49 -0.53 -8.71 -7.41
N PRO A 50 -1.62 -9.29 -6.88
CA PRO A 50 -2.01 -9.12 -5.48
C PRO A 50 -1.05 -9.82 -4.52
N LEU A 51 -0.28 -9.04 -3.78
CA LEU A 51 0.68 -9.60 -2.82
C LEU A 51 -0.01 -9.97 -1.52
N ALA A 52 -1.34 -9.90 -1.52
CA ALA A 52 -2.12 -10.23 -0.32
C ALA A 52 -1.63 -11.52 0.31
N GLY A 53 -0.90 -11.40 1.42
CA GLY A 53 -0.39 -12.56 2.11
C GLY A 53 0.68 -13.29 1.30
N GLN A 54 1.47 -12.53 0.55
CA GLN A 54 2.53 -13.10 -0.27
C GLN A 54 3.87 -12.45 0.03
N GLN A 55 4.94 -13.20 -0.19
CA GLN A 55 6.29 -12.70 0.07
C GLN A 55 6.74 -11.76 -1.05
N PHE A 56 7.06 -10.52 -0.69
CA PHE A 56 7.50 -9.53 -1.65
C PHE A 56 8.47 -8.54 -1.02
N THR A 57 8.93 -7.59 -1.81
CA THR A 57 9.87 -6.58 -1.33
C THR A 57 9.49 -5.19 -1.82
N SER A 58 9.89 -4.17 -1.07
CA SER A 58 9.59 -2.78 -1.42
C SER A 58 10.80 -2.11 -2.06
N ARG A 59 10.55 -1.39 -3.15
CA ARG A 59 11.61 -0.69 -3.87
C ARG A 59 11.14 0.67 -4.34
N ASP A 60 11.94 1.70 -4.08
CA ASP A 60 11.61 3.06 -4.47
C ASP A 60 10.18 3.41 -4.09
N GLU A 61 9.82 3.12 -2.84
CA GLU A 61 8.48 3.40 -2.33
C GLU A 61 7.43 2.70 -3.20
N ASP A 62 7.78 1.54 -3.74
CA ASP A 62 6.86 0.78 -4.58
C ASP A 62 6.96 -0.71 -4.26
N PRO A 63 5.80 -1.32 -3.94
CA PRO A 63 5.73 -2.75 -3.61
C PRO A 63 5.96 -3.63 -4.83
N TYR A 64 7.06 -4.36 -4.82
CA TYR A 64 7.41 -5.25 -5.92
C TYR A 64 7.46 -6.70 -5.46
N CYS A 65 6.94 -7.60 -6.29
CA CYS A 65 6.92 -9.02 -5.97
C CYS A 65 8.29 -9.66 -6.26
N VAL A 66 8.54 -10.79 -5.63
CA VAL A 66 9.80 -11.50 -5.83
C VAL A 66 10.05 -11.78 -7.31
N ALA A 67 8.98 -12.08 -8.04
CA ALA A 67 9.08 -12.36 -9.46
C ALA A 67 9.59 -11.13 -10.22
N CYS A 68 9.26 -9.95 -9.72
CA CYS A 68 9.68 -8.71 -10.35
C CYS A 68 11.05 -8.27 -9.83
N PHE A 69 11.19 -8.22 -8.52
CA PHE A 69 12.44 -7.81 -7.89
C PHE A 69 13.63 -8.54 -8.53
N GLY A 70 13.47 -9.85 -8.72
CA GLY A 70 14.53 -10.64 -9.31
C GLY A 70 14.39 -10.75 -10.83
N GLU A 71 13.74 -9.77 -11.44
CA GLU A 71 13.54 -9.77 -12.87
C GLU A 71 13.90 -8.41 -13.47
N LEU A 72 13.54 -7.35 -12.77
CA LEU A 72 13.81 -5.98 -13.23
C LEU A 72 15.21 -5.55 -12.80
N PHE A 73 15.44 -5.47 -11.50
CA PHE A 73 16.73 -5.07 -10.97
C PHE A 73 17.77 -6.17 -11.16
N ALA A 74 17.36 -7.41 -10.88
CA ALA A 74 18.25 -8.55 -11.03
C ALA A 74 18.11 -9.19 -12.40
N SER A 75 18.79 -8.60 -13.39
CA SER A 75 18.73 -9.11 -14.76
C SER A 75 20.04 -9.82 -15.12
N GLY A 76 20.55 -10.62 -14.19
CA GLY A 76 21.77 -11.35 -14.43
C GLY A 76 23.00 -10.45 -14.37
N PRO A 77 24.04 -10.91 -13.66
CA PRO A 77 25.30 -10.16 -13.51
C PRO A 77 26.08 -10.09 -14.81
N SER A 78 27.04 -9.16 -14.87
CA SER A 78 27.87 -8.99 -16.05
C SER A 78 27.01 -8.67 -17.27
N SER A 79 26.01 -7.80 -17.07
CA SER A 79 25.12 -7.42 -18.15
C SER A 79 25.86 -7.35 -19.49
N GLY A 80 27.04 -6.74 -19.47
CA GLY A 80 27.84 -6.61 -20.68
C GLY A 80 28.08 -5.18 -21.07
ZN ZN B . -7.68 1.67 -2.63
ZN ZN C . 5.55 -8.53 -10.03
N GLY A 1 -20.37 40.06 1.59
CA GLY A 1 -20.33 38.93 2.49
C GLY A 1 -18.99 38.78 3.18
N SER A 2 -18.61 39.79 3.96
CA SER A 2 -17.35 39.76 4.68
C SER A 2 -17.45 38.94 5.96
N SER A 3 -18.12 37.80 5.86
CA SER A 3 -18.31 36.92 7.01
C SER A 3 -17.38 35.71 6.93
N GLY A 4 -17.33 34.94 8.01
CA GLY A 4 -16.48 33.75 8.04
C GLY A 4 -17.18 32.55 8.61
N SER A 5 -17.17 31.44 7.88
CA SER A 5 -17.82 30.22 8.32
C SER A 5 -17.28 29.01 7.55
N SER A 6 -17.12 27.89 8.25
CA SER A 6 -16.61 26.67 7.63
C SER A 6 -17.55 25.50 7.91
N GLY A 7 -17.55 24.52 7.01
CA GLY A 7 -18.40 23.36 7.18
C GLY A 7 -17.61 22.06 7.22
N PRO A 8 -16.84 21.87 8.30
CA PRO A 8 -16.02 20.67 8.48
C PRO A 8 -16.85 19.43 8.74
N CYS A 9 -16.55 18.35 8.03
CA CYS A 9 -17.28 17.10 8.17
C CYS A 9 -16.70 16.27 9.32
N TYR A 10 -17.18 16.55 10.54
CA TYR A 10 -16.70 15.84 11.72
C TYR A 10 -16.73 14.33 11.48
N GLU A 11 -15.54 13.74 11.37
CA GLU A 11 -15.42 12.30 11.15
C GLU A 11 -16.01 11.52 12.32
N ASN A 12 -16.64 10.39 12.02
CA ASN A 12 -17.24 9.56 13.05
C ASN A 12 -16.78 8.11 12.92
N LYS A 13 -16.76 7.62 11.68
CA LYS A 13 -16.33 6.25 11.42
C LYS A 13 -14.89 6.03 11.86
N PHE A 14 -14.70 5.10 12.80
CA PHE A 14 -13.36 4.80 13.31
C PHE A 14 -12.79 3.56 12.62
N ALA A 15 -12.09 3.78 11.51
CA ALA A 15 -11.49 2.70 10.75
C ALA A 15 -10.48 3.23 9.74
N PRO A 16 -9.49 2.40 9.40
CA PRO A 16 -8.44 2.77 8.43
C PRO A 16 -8.98 2.85 7.01
N ARG A 17 -8.27 3.59 6.16
CA ARG A 17 -8.68 3.76 4.77
C ARG A 17 -7.50 3.52 3.83
N CYS A 18 -7.76 2.84 2.72
CA CYS A 18 -6.74 2.54 1.74
C CYS A 18 -5.83 3.75 1.53
N ALA A 19 -4.53 3.54 1.70
CA ALA A 19 -3.55 4.61 1.53
C ALA A 19 -3.59 5.16 0.11
N ARG A 20 -4.17 4.39 -0.81
CA ARG A 20 -4.26 4.79 -2.20
C ARG A 20 -5.54 5.59 -2.45
N CYS A 21 -6.68 4.93 -2.24
CA CYS A 21 -7.98 5.57 -2.45
C CYS A 21 -8.44 6.27 -1.18
N SER A 22 -8.19 5.65 -0.04
CA SER A 22 -8.59 6.21 1.25
C SER A 22 -10.11 6.23 1.39
N LYS A 23 -10.74 5.10 1.10
CA LYS A 23 -12.19 4.98 1.19
C LYS A 23 -12.61 4.48 2.56
N THR A 24 -12.43 3.18 2.80
CA THR A 24 -12.78 2.58 4.08
C THR A 24 -12.29 1.14 4.16
N LEU A 25 -11.90 0.72 5.36
CA LEU A 25 -11.40 -0.64 5.57
C LEU A 25 -12.01 -1.24 6.83
N THR A 26 -13.31 -1.01 7.02
CA THR A 26 -14.01 -1.54 8.18
C THR A 26 -13.46 -2.90 8.59
N GLN A 27 -13.51 -3.85 7.66
CA GLN A 27 -13.02 -5.20 7.91
C GLN A 27 -12.52 -5.85 6.62
N GLY A 28 -11.52 -6.72 6.76
CA GLY A 28 -10.97 -7.40 5.60
C GLY A 28 -10.06 -6.51 4.79
N GLY A 29 -8.79 -6.43 5.19
CA GLY A 29 -7.84 -5.60 4.48
C GLY A 29 -6.40 -5.96 4.81
N VAL A 30 -5.46 -5.18 4.28
CA VAL A 30 -4.05 -5.42 4.51
C VAL A 30 -3.31 -4.12 4.82
N THR A 31 -2.02 -4.24 5.12
CA THR A 31 -1.20 -3.07 5.44
C THR A 31 0.17 -3.17 4.76
N TYR A 32 0.50 -2.16 3.96
CA TYR A 32 1.77 -2.13 3.26
C TYR A 32 2.62 -0.95 3.72
N ARG A 33 3.80 -1.22 4.25
CA ARG A 33 4.70 -0.19 4.72
C ARG A 33 4.07 0.61 5.86
N ASP A 34 3.64 -0.11 6.89
CA ASP A 34 3.01 0.53 8.05
C ASP A 34 1.85 1.42 7.63
N GLN A 35 1.12 0.98 6.61
CA GLN A 35 -0.02 1.73 6.10
C GLN A 35 -1.10 0.80 5.55
N PRO A 36 -2.37 1.17 5.78
CA PRO A 36 -3.51 0.38 5.33
C PRO A 36 -3.68 0.41 3.80
N TRP A 37 -3.79 -0.76 3.20
CA TRP A 37 -3.95 -0.86 1.75
C TRP A 37 -5.09 -1.81 1.40
N HIS A 38 -5.69 -1.59 0.23
CA HIS A 38 -6.79 -2.42 -0.24
C HIS A 38 -6.29 -3.73 -0.83
N ARG A 39 -6.68 -4.85 -0.22
CA ARG A 39 -6.26 -6.15 -0.69
C ARG A 39 -6.14 -6.19 -2.21
N GLU A 40 -7.10 -5.57 -2.88
CA GLU A 40 -7.11 -5.51 -4.34
C GLU A 40 -6.05 -4.54 -4.86
N CYS A 41 -6.04 -3.34 -4.31
CA CYS A 41 -5.08 -2.32 -4.72
C CYS A 41 -3.65 -2.83 -4.55
N LEU A 42 -3.34 -3.31 -3.35
CA LEU A 42 -2.00 -3.84 -3.07
C LEU A 42 -1.55 -4.81 -4.15
N VAL A 43 -0.90 -4.29 -5.18
CA VAL A 43 -0.42 -5.11 -6.28
C VAL A 43 0.96 -4.65 -6.75
N CYS A 44 1.68 -5.55 -7.41
CA CYS A 44 3.01 -5.24 -7.91
C CYS A 44 2.98 -4.01 -8.81
N THR A 45 4.15 -3.40 -8.99
CA THR A 45 4.26 -2.21 -9.82
C THR A 45 4.69 -2.57 -11.24
N GLY A 46 5.11 -3.82 -11.42
CA GLY A 46 5.54 -4.28 -12.74
C GLY A 46 4.52 -5.18 -13.40
N CYS A 47 4.20 -6.29 -12.74
CA CYS A 47 3.23 -7.24 -13.28
C CYS A 47 1.82 -6.90 -12.81
N GLN A 48 1.74 -6.11 -11.74
CA GLN A 48 0.44 -5.72 -11.19
C GLN A 48 -0.27 -6.92 -10.59
N THR A 49 0.44 -7.71 -9.81
CA THR A 49 -0.13 -8.90 -9.18
C THR A 49 -0.47 -8.64 -7.72
N PRO A 50 -1.61 -9.21 -7.27
CA PRO A 50 -2.07 -9.04 -5.88
C PRO A 50 -1.19 -9.78 -4.89
N LEU A 51 -0.41 -9.03 -4.13
CA LEU A 51 0.50 -9.61 -3.13
C LEU A 51 -0.24 -9.86 -1.82
N ALA A 52 -1.57 -9.79 -1.87
CA ALA A 52 -2.39 -10.01 -0.69
C ALA A 52 -1.91 -11.24 0.08
N GLY A 53 -1.13 -11.02 1.13
CA GLY A 53 -0.62 -12.11 1.94
C GLY A 53 0.40 -12.95 1.19
N GLN A 54 1.22 -12.29 0.39
CA GLN A 54 2.25 -12.98 -0.39
C GLN A 54 3.63 -12.43 -0.05
N GLN A 55 4.66 -13.26 -0.25
CA GLN A 55 6.04 -12.86 0.04
C GLN A 55 6.57 -11.93 -1.05
N PHE A 56 6.82 -10.68 -0.68
CA PHE A 56 7.33 -9.69 -1.63
C PHE A 56 8.22 -8.68 -0.93
N THR A 57 8.74 -7.72 -1.69
CA THR A 57 9.61 -6.69 -1.14
C THR A 57 9.30 -5.32 -1.75
N SER A 58 9.61 -4.27 -1.00
CA SER A 58 9.36 -2.91 -1.46
C SER A 58 10.65 -2.23 -1.91
N ARG A 59 10.58 -1.48 -3.00
CA ARG A 59 11.74 -0.79 -3.53
C ARG A 59 11.37 0.63 -3.98
N ASP A 60 12.19 1.59 -3.61
CA ASP A 60 11.96 2.99 -3.97
C ASP A 60 10.52 3.39 -3.66
N GLU A 61 10.02 2.93 -2.53
CA GLU A 61 8.65 3.25 -2.10
C GLU A 61 7.64 2.65 -3.07
N ASP A 62 7.84 1.38 -3.41
CA ASP A 62 6.94 0.69 -4.34
C ASP A 62 6.98 -0.82 -4.11
N PRO A 63 5.80 -1.43 -3.90
CA PRO A 63 5.68 -2.86 -3.67
C PRO A 63 5.99 -3.68 -4.91
N TYR A 64 7.09 -4.42 -4.86
CA TYR A 64 7.50 -5.26 -5.98
C TYR A 64 7.54 -6.73 -5.59
N CYS A 65 6.89 -7.57 -6.39
CA CYS A 65 6.85 -9.00 -6.13
C CYS A 65 8.20 -9.65 -6.43
N VAL A 66 8.47 -10.77 -5.77
CA VAL A 66 9.72 -11.48 -5.96
C VAL A 66 10.01 -11.69 -7.44
N ALA A 67 8.96 -11.90 -8.22
CA ALA A 67 9.10 -12.10 -9.66
C ALA A 67 9.70 -10.87 -10.34
N CYS A 68 9.31 -9.69 -9.87
CA CYS A 68 9.81 -8.44 -10.43
C CYS A 68 11.13 -8.05 -9.78
N PHE A 69 11.15 -8.03 -8.45
CA PHE A 69 12.36 -7.66 -7.71
C PHE A 69 13.58 -8.37 -8.29
N GLY A 70 13.46 -9.67 -8.52
CA GLY A 70 14.56 -10.43 -9.07
C GLY A 70 14.53 -10.50 -10.58
N GLU A 71 13.95 -9.48 -11.20
CA GLU A 71 13.85 -9.43 -12.65
C GLU A 71 14.23 -8.05 -13.19
N LEU A 72 13.76 -7.00 -12.50
CA LEU A 72 14.05 -5.63 -12.89
C LEU A 72 15.41 -5.19 -12.37
N PHE A 73 15.56 -5.18 -11.05
CA PHE A 73 16.81 -4.78 -10.43
C PHE A 73 17.90 -5.84 -10.65
N ALA A 74 17.51 -7.10 -10.47
CA ALA A 74 18.44 -8.21 -10.65
C ALA A 74 18.54 -8.62 -12.11
N SER A 75 19.45 -7.98 -12.85
CA SER A 75 19.63 -8.27 -14.26
C SER A 75 20.63 -9.42 -14.45
N GLY A 76 20.27 -10.36 -15.31
CA GLY A 76 21.14 -11.50 -15.58
C GLY A 76 22.10 -11.24 -16.72
N PRO A 77 22.68 -12.32 -17.27
CA PRO A 77 23.63 -12.23 -18.37
C PRO A 77 22.98 -11.77 -19.68
N SER A 78 23.80 -11.36 -20.63
CA SER A 78 23.30 -10.90 -21.92
C SER A 78 23.86 -11.76 -23.06
N SER A 79 23.07 -12.73 -23.49
CA SER A 79 23.49 -13.62 -24.57
C SER A 79 22.29 -14.05 -25.41
N GLY A 80 22.57 -14.73 -26.52
CA GLY A 80 21.50 -15.19 -27.39
C GLY A 80 21.25 -16.68 -27.27
ZN ZN B . -7.62 1.31 -2.71
ZN ZN C . 5.72 -8.40 -10.10
N GLY A 1 -16.01 36.59 20.42
CA GLY A 1 -16.50 36.15 19.13
C GLY A 1 -17.31 34.87 19.21
N SER A 2 -17.57 34.26 18.07
CA SER A 2 -18.34 33.03 18.02
C SER A 2 -17.50 31.88 17.48
N SER A 3 -18.05 30.66 17.55
CA SER A 3 -17.34 29.48 17.08
C SER A 3 -18.32 28.33 16.83
N GLY A 4 -18.51 27.99 15.56
CA GLY A 4 -19.42 26.91 15.21
C GLY A 4 -19.65 26.81 13.72
N SER A 5 -18.59 26.96 12.94
CA SER A 5 -18.70 26.90 11.49
C SER A 5 -17.64 25.96 10.91
N SER A 6 -17.93 24.66 10.97
CA SER A 6 -17.00 23.65 10.46
C SER A 6 -17.73 22.66 9.55
N GLY A 7 -18.82 22.09 10.04
CA GLY A 7 -19.58 21.14 9.26
C GLY A 7 -20.02 19.94 10.08
N PRO A 8 -21.10 19.27 9.63
CA PRO A 8 -21.64 18.10 10.31
C PRO A 8 -20.73 16.89 10.20
N CYS A 9 -20.77 16.02 11.20
CA CYS A 9 -19.93 14.82 11.21
C CYS A 9 -20.80 13.57 11.31
N TYR A 10 -20.47 12.56 10.51
CA TYR A 10 -21.22 11.31 10.50
C TYR A 10 -20.30 10.13 10.77
N GLU A 11 -19.37 10.31 11.70
CA GLU A 11 -18.43 9.25 12.07
C GLU A 11 -18.95 8.44 13.24
N ASN A 12 -19.44 7.24 12.95
CA ASN A 12 -19.98 6.36 13.98
C ASN A 12 -18.89 5.41 14.50
N LYS A 13 -18.11 4.84 13.59
CA LYS A 13 -17.04 3.94 13.95
C LYS A 13 -15.70 4.39 13.37
N PHE A 14 -14.60 3.96 13.98
CA PHE A 14 -13.28 4.31 13.51
C PHE A 14 -12.58 3.13 12.85
N ALA A 15 -12.26 3.28 11.56
CA ALA A 15 -11.60 2.22 10.82
C ALA A 15 -10.57 2.80 9.84
N PRO A 16 -9.60 1.96 9.46
CA PRO A 16 -8.53 2.36 8.53
C PRO A 16 -9.06 2.57 7.11
N ARG A 17 -8.28 3.25 6.29
CA ARG A 17 -8.67 3.52 4.90
C ARG A 17 -7.48 3.33 3.97
N CYS A 18 -7.75 2.73 2.81
CA CYS A 18 -6.70 2.47 1.83
C CYS A 18 -5.78 3.68 1.68
N ALA A 19 -4.48 3.46 1.79
CA ALA A 19 -3.51 4.53 1.67
C ALA A 19 -3.52 5.13 0.27
N ARG A 20 -4.11 4.40 -0.67
CA ARG A 20 -4.20 4.87 -2.05
C ARG A 20 -5.48 5.66 -2.28
N CYS A 21 -6.62 5.03 -2.02
CA CYS A 21 -7.91 5.67 -2.20
C CYS A 21 -8.36 6.36 -0.91
N SER A 22 -8.13 5.69 0.21
CA SER A 22 -8.51 6.23 1.51
C SER A 22 -10.04 6.29 1.65
N LYS A 23 -10.70 5.19 1.31
CA LYS A 23 -12.15 5.11 1.39
C LYS A 23 -12.58 4.47 2.70
N THR A 24 -12.45 3.15 2.79
CA THR A 24 -12.83 2.42 3.99
C THR A 24 -12.32 0.98 3.94
N LEU A 25 -12.03 0.42 5.11
CA LEU A 25 -11.54 -0.95 5.20
C LEU A 25 -12.25 -1.71 6.32
N THR A 26 -13.57 -1.57 6.37
CA THR A 26 -14.37 -2.25 7.38
C THR A 26 -14.03 -3.74 7.45
N GLN A 27 -14.18 -4.42 6.33
CA GLN A 27 -13.89 -5.85 6.26
C GLN A 27 -12.38 -6.10 6.31
N GLY A 28 -11.84 -6.16 7.53
CA GLY A 28 -10.41 -6.39 7.68
C GLY A 28 -9.59 -5.65 6.66
N GLY A 29 -8.59 -6.33 6.11
CA GLY A 29 -7.73 -5.70 5.11
C GLY A 29 -6.26 -5.99 5.35
N VAL A 30 -5.40 -5.29 4.63
CA VAL A 30 -3.96 -5.47 4.78
C VAL A 30 -3.27 -4.15 5.12
N THR A 31 -1.95 -4.21 5.30
CA THR A 31 -1.17 -3.03 5.63
C THR A 31 0.21 -3.07 4.98
N TYR A 32 0.49 -2.10 4.13
CA TYR A 32 1.77 -2.03 3.45
C TYR A 32 2.57 -0.80 3.89
N ARG A 33 3.75 -1.04 4.45
CA ARG A 33 4.61 0.05 4.92
C ARG A 33 3.94 0.81 6.06
N ASP A 34 3.53 0.08 7.09
CA ASP A 34 2.87 0.69 8.25
C ASP A 34 1.69 1.54 7.81
N GLN A 35 0.97 1.06 6.80
CA GLN A 35 -0.20 1.78 6.29
C GLN A 35 -1.21 0.81 5.68
N PRO A 36 -2.50 1.11 5.89
CA PRO A 36 -3.60 0.28 5.37
C PRO A 36 -3.72 0.36 3.85
N TRP A 37 -3.83 -0.80 3.21
CA TRP A 37 -3.95 -0.86 1.76
C TRP A 37 -5.08 -1.79 1.34
N HIS A 38 -5.62 -1.57 0.15
CA HIS A 38 -6.72 -2.39 -0.37
C HIS A 38 -6.18 -3.66 -1.02
N ARG A 39 -6.58 -4.81 -0.50
CA ARG A 39 -6.13 -6.09 -1.03
C ARG A 39 -6.06 -6.04 -2.56
N GLU A 40 -7.04 -5.39 -3.16
CA GLU A 40 -7.10 -5.28 -4.62
C GLU A 40 -6.07 -4.28 -5.13
N CYS A 41 -5.90 -3.19 -4.38
CA CYS A 41 -4.95 -2.15 -4.75
C CYS A 41 -3.51 -2.65 -4.62
N LEU A 42 -3.19 -3.18 -3.44
CA LEU A 42 -1.85 -3.71 -3.19
C LEU A 42 -1.43 -4.69 -4.27
N VAL A 43 -0.82 -4.18 -5.33
CA VAL A 43 -0.37 -5.02 -6.44
C VAL A 43 1.02 -4.61 -6.91
N CYS A 44 1.75 -5.55 -7.48
CA CYS A 44 3.10 -5.29 -7.97
C CYS A 44 3.10 -4.10 -8.93
N THR A 45 4.19 -3.35 -8.92
CA THR A 45 4.33 -2.19 -9.79
C THR A 45 4.96 -2.56 -11.12
N GLY A 46 4.90 -3.84 -11.46
CA GLY A 46 5.47 -4.31 -12.70
C GLY A 46 4.54 -5.25 -13.46
N CYS A 47 4.10 -6.30 -12.79
CA CYS A 47 3.19 -7.27 -13.41
C CYS A 47 1.76 -7.03 -12.95
N GLN A 48 1.59 -6.18 -11.94
CA GLN A 48 0.27 -5.87 -11.43
C GLN A 48 -0.37 -7.10 -10.79
N THR A 49 0.36 -7.74 -9.89
CA THR A 49 -0.14 -8.94 -9.21
C THR A 49 -0.48 -8.65 -7.76
N PRO A 50 -1.58 -9.25 -7.28
CA PRO A 50 -2.03 -9.06 -5.89
C PRO A 50 -1.11 -9.72 -4.88
N LEU A 51 -0.43 -8.91 -4.07
CA LEU A 51 0.48 -9.42 -3.06
C LEU A 51 -0.23 -9.60 -1.72
N ALA A 52 -1.55 -9.52 -1.75
CA ALA A 52 -2.35 -9.68 -0.53
C ALA A 52 -1.89 -10.89 0.26
N GLY A 53 -1.06 -10.65 1.27
CA GLY A 53 -0.56 -11.73 2.10
C GLY A 53 0.42 -12.63 1.36
N GLN A 54 1.21 -12.03 0.49
CA GLN A 54 2.20 -12.78 -0.29
C GLN A 54 3.61 -12.31 0.01
N GLN A 55 4.59 -13.18 -0.24
CA GLN A 55 5.99 -12.85 0.02
C GLN A 55 6.53 -11.94 -1.08
N PHE A 56 6.77 -10.68 -0.73
CA PHE A 56 7.30 -9.70 -1.69
C PHE A 56 8.16 -8.66 -0.99
N THR A 57 8.71 -7.73 -1.77
CA THR A 57 9.56 -6.68 -1.22
C THR A 57 9.22 -5.33 -1.82
N SER A 58 9.70 -4.27 -1.17
CA SER A 58 9.44 -2.91 -1.65
C SER A 58 10.72 -2.26 -2.16
N ARG A 59 10.63 -1.62 -3.32
CA ARG A 59 11.78 -0.96 -3.92
C ARG A 59 11.42 0.46 -4.36
N ASP A 60 12.32 1.40 -4.06
CA ASP A 60 12.09 2.80 -4.42
C ASP A 60 10.70 3.25 -4.00
N GLU A 61 10.26 2.79 -2.83
CA GLU A 61 8.95 3.15 -2.32
C GLU A 61 7.84 2.58 -3.21
N ASP A 62 7.95 1.30 -3.54
CA ASP A 62 6.97 0.65 -4.39
C ASP A 62 6.96 -0.86 -4.14
N PRO A 63 5.77 -1.42 -3.90
CA PRO A 63 5.60 -2.85 -3.66
C PRO A 63 5.87 -3.69 -4.90
N TYR A 64 6.96 -4.46 -4.87
CA TYR A 64 7.33 -5.31 -6.00
C TYR A 64 7.34 -6.78 -5.59
N CYS A 65 6.84 -7.64 -6.47
CA CYS A 65 6.79 -9.07 -6.20
C CYS A 65 8.14 -9.73 -6.49
N VAL A 66 8.45 -10.79 -5.75
CA VAL A 66 9.71 -11.50 -5.94
C VAL A 66 10.02 -11.71 -7.42
N ALA A 67 8.97 -11.95 -8.20
CA ALA A 67 9.12 -12.16 -9.64
C ALA A 67 9.74 -10.94 -10.31
N CYS A 68 9.31 -9.76 -9.89
CA CYS A 68 9.82 -8.51 -10.46
C CYS A 68 11.12 -8.10 -9.79
N PHE A 69 11.14 -8.18 -8.45
CA PHE A 69 12.33 -7.81 -7.69
C PHE A 69 13.58 -8.43 -8.29
N GLY A 70 13.53 -9.75 -8.51
CA GLY A 70 14.67 -10.45 -9.08
C GLY A 70 14.62 -10.51 -10.60
N GLU A 71 13.99 -9.50 -11.20
CA GLU A 71 13.87 -9.45 -12.65
C GLU A 71 14.19 -8.05 -13.18
N LEU A 72 13.76 -7.04 -12.43
CA LEU A 72 14.00 -5.65 -12.82
C LEU A 72 15.34 -5.16 -12.28
N PHE A 73 15.48 -5.17 -10.95
CA PHE A 73 16.70 -4.73 -10.31
C PHE A 73 17.81 -5.76 -10.46
N ALA A 74 17.44 -7.03 -10.25
CA ALA A 74 18.40 -8.13 -10.37
C ALA A 74 18.53 -8.60 -11.81
N SER A 75 19.60 -9.33 -12.09
CA SER A 75 19.84 -9.84 -13.44
C SER A 75 20.04 -8.70 -14.42
N GLY A 76 20.77 -7.68 -14.00
CA GLY A 76 21.03 -6.54 -14.86
C GLY A 76 21.93 -5.51 -14.20
N PRO A 77 21.35 -4.40 -13.72
CA PRO A 77 22.09 -3.33 -13.07
C PRO A 77 22.63 -3.74 -11.71
N SER A 78 23.22 -2.80 -11.00
CA SER A 78 23.79 -3.06 -9.68
C SER A 78 22.83 -2.63 -8.58
N SER A 79 23.10 -3.06 -7.35
CA SER A 79 22.25 -2.73 -6.21
C SER A 79 23.07 -2.70 -4.92
N GLY A 80 23.07 -1.55 -4.26
CA GLY A 80 23.82 -1.41 -3.01
C GLY A 80 23.76 -2.66 -2.17
ZN ZN B . -7.53 1.44 -2.69
ZN ZN C . 5.71 -8.49 -10.23
N GLY A 1 -9.92 21.74 43.99
CA GLY A 1 -10.66 22.46 42.97
C GLY A 1 -11.63 21.55 42.22
N SER A 2 -11.89 21.90 40.96
CA SER A 2 -12.80 21.11 40.13
C SER A 2 -12.19 20.85 38.76
N SER A 3 -12.75 19.87 38.05
CA SER A 3 -12.26 19.52 36.72
C SER A 3 -13.40 19.01 35.85
N GLY A 4 -13.32 19.32 34.55
CA GLY A 4 -14.35 18.89 33.63
C GLY A 4 -14.37 19.72 32.34
N SER A 5 -13.67 19.24 31.32
CA SER A 5 -13.60 19.94 30.05
C SER A 5 -13.21 18.99 28.92
N SER A 6 -14.06 18.90 27.90
CA SER A 6 -13.79 18.02 26.77
C SER A 6 -13.85 18.81 25.46
N GLY A 7 -13.47 18.15 24.37
CA GLY A 7 -13.48 18.80 23.07
C GLY A 7 -14.10 17.92 22.00
N PRO A 8 -14.58 18.55 20.91
CA PRO A 8 -15.21 17.85 19.79
C PRO A 8 -14.21 17.02 18.99
N CYS A 9 -14.71 16.09 18.20
CA CYS A 9 -13.87 15.24 17.37
C CYS A 9 -14.14 15.46 15.89
N TYR A 10 -13.08 15.75 15.14
CA TYR A 10 -13.21 15.98 13.70
C TYR A 10 -13.06 14.69 12.92
N GLU A 11 -11.99 13.95 13.18
CA GLU A 11 -11.73 12.69 12.51
C GLU A 11 -11.44 11.58 13.52
N ASN A 12 -12.39 10.66 13.67
CA ASN A 12 -12.23 9.55 14.61
C ASN A 12 -11.38 8.43 13.99
N LYS A 13 -11.13 7.39 14.77
CA LYS A 13 -10.34 6.26 14.29
C LYS A 13 -11.02 4.94 14.63
N PHE A 14 -11.97 4.54 13.78
CA PHE A 14 -12.69 3.29 13.98
C PHE A 14 -12.19 2.20 13.04
N ALA A 15 -11.46 2.61 12.01
CA ALA A 15 -10.91 1.67 11.04
C ALA A 15 -9.98 2.37 10.07
N PRO A 16 -8.96 1.64 9.58
CA PRO A 16 -7.97 2.17 8.64
C PRO A 16 -8.57 2.43 7.26
N ARG A 17 -7.90 3.27 6.48
CA ARG A 17 -8.36 3.60 5.14
C ARG A 17 -7.24 3.42 4.11
N CYS A 18 -7.59 2.86 2.96
CA CYS A 18 -6.61 2.63 1.91
C CYS A 18 -5.73 3.85 1.70
N ALA A 19 -4.42 3.65 1.74
CA ALA A 19 -3.47 4.75 1.56
C ALA A 19 -3.55 5.31 0.15
N ARG A 20 -4.20 4.58 -0.75
CA ARG A 20 -4.36 5.02 -2.13
C ARG A 20 -5.64 5.82 -2.30
N CYS A 21 -6.76 5.21 -1.93
CA CYS A 21 -8.07 5.86 -2.04
C CYS A 21 -8.46 6.52 -0.73
N SER A 22 -8.19 5.83 0.38
CA SER A 22 -8.52 6.35 1.70
C SER A 22 -10.03 6.35 1.92
N LYS A 23 -10.65 5.20 1.67
CA LYS A 23 -12.10 5.07 1.84
C LYS A 23 -12.43 4.35 3.14
N THR A 24 -12.18 3.03 3.17
CA THR A 24 -12.46 2.23 4.35
C THR A 24 -11.87 0.82 4.20
N LEU A 25 -11.51 0.22 5.33
CA LEU A 25 -10.94 -1.12 5.33
C LEU A 25 -11.57 -1.98 6.40
N THR A 26 -12.85 -1.76 6.66
CA THR A 26 -13.59 -2.52 7.67
C THR A 26 -13.74 -3.97 7.26
N GLN A 27 -14.13 -4.18 6.00
CA GLN A 27 -14.32 -5.53 5.48
C GLN A 27 -13.08 -6.02 4.74
N GLY A 28 -12.23 -6.75 5.45
CA GLY A 28 -11.01 -7.27 4.85
C GLY A 28 -10.08 -6.16 4.41
N GLY A 29 -8.82 -6.25 4.84
CA GLY A 29 -7.84 -5.24 4.47
C GLY A 29 -6.42 -5.66 4.82
N VAL A 30 -5.45 -4.93 4.29
CA VAL A 30 -4.04 -5.23 4.55
C VAL A 30 -3.26 -3.95 4.84
N THR A 31 -1.96 -4.11 5.12
CA THR A 31 -1.10 -2.98 5.42
C THR A 31 0.26 -3.14 4.77
N TYR A 32 0.64 -2.18 3.92
CA TYR A 32 1.93 -2.23 3.25
C TYR A 32 2.79 -1.03 3.63
N ARG A 33 4.00 -1.31 4.10
CA ARG A 33 4.92 -0.25 4.51
C ARG A 33 4.35 0.55 5.66
N ASP A 34 3.87 -0.14 6.69
CA ASP A 34 3.30 0.50 7.86
C ASP A 34 2.15 1.42 7.47
N GLN A 35 1.41 1.02 6.45
CA GLN A 35 0.27 1.81 5.96
C GLN A 35 -0.83 0.90 5.45
N PRO A 36 -2.10 1.30 5.70
CA PRO A 36 -3.27 0.54 5.26
C PRO A 36 -3.45 0.57 3.74
N TRP A 37 -3.64 -0.61 3.17
CA TRP A 37 -3.84 -0.72 1.72
C TRP A 37 -5.03 -1.61 1.40
N HIS A 38 -5.66 -1.37 0.25
CA HIS A 38 -6.81 -2.14 -0.18
C HIS A 38 -6.38 -3.48 -0.77
N ARG A 39 -6.82 -4.56 -0.13
CA ARG A 39 -6.47 -5.91 -0.58
C ARG A 39 -6.38 -5.95 -2.10
N GLU A 40 -7.28 -5.23 -2.77
CA GLU A 40 -7.30 -5.19 -4.22
C GLU A 40 -6.23 -4.25 -4.76
N CYS A 41 -6.23 -3.01 -4.26
CA CYS A 41 -5.26 -2.02 -4.70
C CYS A 41 -3.83 -2.56 -4.55
N LEU A 42 -3.52 -3.09 -3.38
CA LEU A 42 -2.20 -3.64 -3.11
C LEU A 42 -1.79 -4.63 -4.19
N VAL A 43 -0.91 -4.20 -5.10
CA VAL A 43 -0.44 -5.07 -6.18
C VAL A 43 0.95 -4.66 -6.64
N CYS A 44 1.64 -5.59 -7.28
CA CYS A 44 2.99 -5.32 -7.78
C CYS A 44 2.99 -4.16 -8.77
N THR A 45 4.08 -3.38 -8.76
CA THR A 45 4.19 -2.24 -9.65
C THR A 45 4.87 -2.65 -10.97
N GLY A 46 4.84 -3.93 -11.27
CA GLY A 46 5.45 -4.43 -12.50
C GLY A 46 4.51 -5.33 -13.28
N CYS A 47 3.96 -6.34 -12.61
CA CYS A 47 3.05 -7.27 -13.25
C CYS A 47 1.62 -7.05 -12.78
N GLN A 48 1.47 -6.28 -11.72
CA GLN A 48 0.16 -5.99 -11.16
C GLN A 48 -0.47 -7.22 -10.53
N THR A 49 0.27 -7.84 -9.60
CA THR A 49 -0.21 -9.04 -8.92
C THR A 49 -0.55 -8.75 -7.47
N PRO A 50 -1.64 -9.37 -6.98
CA PRO A 50 -2.10 -9.19 -5.60
C PRO A 50 -1.16 -9.83 -4.59
N LEU A 51 -0.39 -9.00 -3.90
CA LEU A 51 0.56 -9.50 -2.89
C LEU A 51 -0.14 -9.72 -1.56
N ALA A 52 -1.47 -9.73 -1.58
CA ALA A 52 -2.25 -9.95 -0.37
C ALA A 52 -1.72 -11.14 0.42
N GLY A 53 -0.94 -10.86 1.45
CA GLY A 53 -0.38 -11.92 2.27
C GLY A 53 0.60 -12.78 1.51
N GLN A 54 1.39 -12.17 0.64
CA GLN A 54 2.37 -12.89 -0.15
C GLN A 54 3.78 -12.38 0.12
N GLN A 55 4.77 -13.23 -0.13
CA GLN A 55 6.16 -12.86 0.09
C GLN A 55 6.67 -11.95 -1.02
N PHE A 56 6.92 -10.69 -0.68
CA PHE A 56 7.40 -9.72 -1.66
C PHE A 56 8.30 -8.68 -0.99
N THR A 57 8.80 -7.74 -1.78
CA THR A 57 9.66 -6.68 -1.27
C THR A 57 9.23 -5.32 -1.77
N SER A 58 9.68 -4.27 -1.09
CA SER A 58 9.34 -2.90 -1.47
C SER A 58 10.58 -2.12 -1.90
N ARG A 59 10.47 -1.40 -3.01
CA ARG A 59 11.58 -0.61 -3.53
C ARG A 59 11.09 0.72 -4.08
N ASP A 60 11.88 1.77 -3.87
CA ASP A 60 11.53 3.10 -4.33
C ASP A 60 10.10 3.45 -3.95
N GLU A 61 9.70 3.05 -2.75
CA GLU A 61 8.34 3.33 -2.26
C GLU A 61 7.31 2.66 -3.16
N ASP A 62 7.66 1.50 -3.70
CA ASP A 62 6.75 0.76 -4.57
C ASP A 62 6.83 -0.74 -4.29
N PRO A 63 5.66 -1.35 -4.04
CA PRO A 63 5.58 -2.80 -3.75
C PRO A 63 5.87 -3.65 -4.98
N TYR A 64 6.91 -4.48 -4.89
CA TYR A 64 7.30 -5.34 -5.99
C TYR A 64 7.35 -6.80 -5.55
N CYS A 65 6.88 -7.69 -6.40
CA CYS A 65 6.87 -9.12 -6.10
C CYS A 65 8.25 -9.73 -6.34
N VAL A 66 8.53 -10.83 -5.63
CA VAL A 66 9.82 -11.50 -5.78
C VAL A 66 10.15 -11.77 -7.23
N ALA A 67 9.13 -12.12 -8.01
CA ALA A 67 9.31 -12.39 -9.43
C ALA A 67 9.80 -11.15 -10.17
N CYS A 68 9.40 -9.98 -9.68
CA CYS A 68 9.79 -8.72 -10.31
C CYS A 68 11.11 -8.23 -9.72
N PHE A 69 11.18 -8.14 -8.40
CA PHE A 69 12.39 -7.68 -7.72
C PHE A 69 13.63 -8.35 -8.30
N GLY A 70 13.55 -9.67 -8.46
CA GLY A 70 14.69 -10.41 -9.01
C GLY A 70 14.63 -10.52 -10.52
N GLU A 71 14.00 -9.53 -11.16
CA GLU A 71 13.87 -9.53 -12.61
C GLU A 71 14.20 -8.14 -13.17
N LEU A 72 13.61 -7.11 -12.57
CA LEU A 72 13.83 -5.74 -13.01
C LEU A 72 15.21 -5.24 -12.57
N PHE A 73 15.45 -5.26 -11.26
CA PHE A 73 16.72 -4.82 -10.72
C PHE A 73 17.81 -5.87 -10.92
N ALA A 74 17.45 -7.13 -10.67
CA ALA A 74 18.39 -8.23 -10.84
C ALA A 74 18.21 -8.91 -12.18
N SER A 75 19.31 -9.00 -12.94
CA SER A 75 19.27 -9.63 -14.25
C SER A 75 18.32 -8.88 -15.18
N GLY A 76 18.34 -7.55 -15.11
CA GLY A 76 17.48 -6.75 -15.95
C GLY A 76 18.18 -6.24 -17.19
N PRO A 77 18.85 -5.09 -17.07
CA PRO A 77 19.58 -4.47 -18.19
C PRO A 77 20.82 -5.27 -18.58
N SER A 78 21.56 -5.74 -17.57
CA SER A 78 22.77 -6.51 -17.82
C SER A 78 22.94 -7.60 -16.76
N SER A 79 23.94 -8.45 -16.95
CA SER A 79 24.21 -9.54 -16.02
C SER A 79 25.53 -9.31 -15.29
N GLY A 80 25.45 -9.17 -13.96
CA GLY A 80 26.64 -8.96 -13.17
C GLY A 80 26.90 -10.07 -12.18
ZN ZN B . -7.64 1.66 -2.57
ZN ZN C . 5.56 -8.49 -10.13
N GLY A 1 -2.73 36.40 29.27
CA GLY A 1 -2.83 35.49 30.39
C GLY A 1 -4.23 34.94 30.59
N SER A 2 -4.84 34.51 29.49
CA SER A 2 -6.20 33.96 29.54
C SER A 2 -6.17 32.45 29.41
N SER A 3 -7.18 31.80 29.99
CA SER A 3 -7.28 30.35 29.96
C SER A 3 -8.62 29.90 29.39
N GLY A 4 -8.65 28.72 28.77
CA GLY A 4 -9.88 28.22 28.20
C GLY A 4 -9.67 27.69 26.78
N SER A 5 -9.85 26.39 26.61
CA SER A 5 -9.69 25.75 25.30
C SER A 5 -10.12 24.29 25.35
N SER A 6 -11.11 23.95 24.53
CA SER A 6 -11.62 22.58 24.47
C SER A 6 -12.43 22.35 23.20
N GLY A 7 -12.53 21.09 22.79
CA GLY A 7 -13.28 20.76 21.59
C GLY A 7 -13.38 19.27 21.36
N PRO A 8 -14.41 18.64 21.95
CA PRO A 8 -14.63 17.20 21.82
C PRO A 8 -15.07 16.80 20.41
N CYS A 9 -14.67 15.60 19.99
CA CYS A 9 -15.02 15.11 18.66
C CYS A 9 -16.12 14.06 18.75
N TYR A 10 -17.09 14.15 17.85
CA TYR A 10 -18.20 13.21 17.83
C TYR A 10 -17.94 12.08 16.84
N GLU A 11 -17.26 11.04 17.30
CA GLU A 11 -16.94 9.89 16.46
C GLU A 11 -17.03 8.59 17.25
N ASN A 12 -18.02 7.77 16.91
CA ASN A 12 -18.22 6.49 17.59
C ASN A 12 -17.34 5.40 16.96
N LYS A 13 -17.48 5.22 15.65
CA LYS A 13 -16.71 4.21 14.93
C LYS A 13 -15.55 4.85 14.18
N PHE A 14 -14.43 4.15 14.12
CA PHE A 14 -13.24 4.65 13.42
C PHE A 14 -12.47 3.51 12.77
N ALA A 15 -12.37 3.55 11.45
CA ALA A 15 -11.65 2.52 10.70
C ALA A 15 -10.66 3.14 9.73
N PRO A 16 -9.61 2.37 9.37
CA PRO A 16 -8.58 2.83 8.44
C PRO A 16 -9.10 2.94 7.01
N ARG A 17 -8.32 3.60 6.16
CA ARG A 17 -8.71 3.79 4.76
C ARG A 17 -7.52 3.52 3.83
N CYS A 18 -7.80 2.89 2.70
CA CYS A 18 -6.77 2.57 1.73
C CYS A 18 -5.83 3.75 1.53
N ALA A 19 -4.52 3.50 1.64
CA ALA A 19 -3.52 4.54 1.48
C ALA A 19 -3.53 5.09 0.05
N ARG A 20 -4.15 4.34 -0.86
CA ARG A 20 -4.22 4.75 -2.25
C ARG A 20 -5.49 5.55 -2.52
N CYS A 21 -6.64 4.96 -2.22
CA CYS A 21 -7.93 5.62 -2.42
C CYS A 21 -8.34 6.39 -1.17
N SER A 22 -8.14 5.77 -0.01
CA SER A 22 -8.50 6.39 1.26
C SER A 22 -10.01 6.46 1.41
N LYS A 23 -10.68 5.33 1.19
CA LYS A 23 -12.13 5.26 1.31
C LYS A 23 -12.53 4.65 2.64
N THR A 24 -12.40 3.33 2.76
CA THR A 24 -12.75 2.63 3.98
C THR A 24 -12.23 1.20 3.96
N LEU A 25 -11.93 0.66 5.14
CA LEU A 25 -11.43 -0.70 5.26
C LEU A 25 -12.12 -1.44 6.40
N THR A 26 -13.45 -1.36 6.42
CA THR A 26 -14.24 -2.02 7.45
C THR A 26 -14.02 -3.53 7.43
N GLN A 27 -13.76 -4.05 6.24
CA GLN A 27 -13.52 -5.49 6.08
C GLN A 27 -12.04 -5.82 6.21
N GLY A 28 -11.73 -7.10 6.40
CA GLY A 28 -10.35 -7.52 6.54
C GLY A 28 -9.47 -7.02 5.40
N GLY A 29 -8.51 -6.17 5.74
CA GLY A 29 -7.62 -5.62 4.73
C GLY A 29 -6.16 -5.92 5.01
N VAL A 30 -5.27 -5.13 4.43
CA VAL A 30 -3.84 -5.31 4.63
C VAL A 30 -3.15 -3.98 4.91
N THR A 31 -1.86 -4.05 5.22
CA THR A 31 -1.09 -2.85 5.52
C THR A 31 0.30 -2.92 4.88
N TYR A 32 0.63 -1.91 4.08
CA TYR A 32 1.92 -1.85 3.40
C TYR A 32 2.71 -0.62 3.84
N ARG A 33 3.90 -0.87 4.40
CA ARG A 33 4.75 0.22 4.86
C ARG A 33 4.08 1.01 5.97
N ASP A 34 3.65 0.31 7.02
CA ASP A 34 2.98 0.95 8.15
C ASP A 34 1.81 1.81 7.67
N GLN A 35 1.06 1.29 6.70
CA GLN A 35 -0.08 2.01 6.16
C GLN A 35 -1.12 1.04 5.61
N PRO A 36 -2.40 1.36 5.84
CA PRO A 36 -3.52 0.53 5.38
C PRO A 36 -3.67 0.55 3.85
N TRP A 37 -3.78 -0.62 3.26
CA TRP A 37 -3.93 -0.74 1.81
C TRP A 37 -5.07 -1.69 1.45
N HIS A 38 -5.67 -1.48 0.29
CA HIS A 38 -6.77 -2.32 -0.17
C HIS A 38 -6.25 -3.65 -0.70
N ARG A 39 -6.69 -4.74 -0.09
CA ARG A 39 -6.27 -6.08 -0.50
C ARG A 39 -6.15 -6.16 -2.02
N GLU A 40 -7.10 -5.55 -2.71
CA GLU A 40 -7.10 -5.56 -4.17
C GLU A 40 -6.05 -4.61 -4.72
N CYS A 41 -6.04 -3.39 -4.21
CA CYS A 41 -5.08 -2.38 -4.65
C CYS A 41 -3.65 -2.88 -4.48
N LEU A 42 -3.32 -3.33 -3.27
CA LEU A 42 -1.98 -3.84 -2.99
C LEU A 42 -1.54 -4.84 -4.05
N VAL A 43 -0.94 -4.33 -5.12
CA VAL A 43 -0.47 -5.18 -6.20
C VAL A 43 0.89 -4.71 -6.72
N CYS A 44 1.65 -5.62 -7.32
CA CYS A 44 2.96 -5.30 -7.85
C CYS A 44 2.89 -4.05 -8.72
N THR A 45 4.05 -3.40 -8.91
CA THR A 45 4.12 -2.20 -9.72
C THR A 45 4.54 -2.52 -11.15
N GLY A 46 4.91 -3.77 -11.39
CA GLY A 46 5.33 -4.18 -12.71
C GLY A 46 4.31 -5.08 -13.39
N CYS A 47 3.97 -6.18 -12.73
CA CYS A 47 3.00 -7.13 -13.27
C CYS A 47 1.59 -6.83 -12.74
N GLN A 48 1.52 -6.04 -11.68
CA GLN A 48 0.24 -5.68 -11.08
C GLN A 48 -0.44 -6.90 -10.48
N THR A 49 0.35 -7.72 -9.78
CA THR A 49 -0.18 -8.93 -9.15
C THR A 49 -0.48 -8.68 -7.67
N PRO A 50 -1.60 -9.27 -7.19
CA PRO A 50 -2.02 -9.13 -5.80
C PRO A 50 -1.09 -9.88 -4.83
N LEU A 51 -0.35 -9.12 -4.03
CA LEU A 51 0.57 -9.71 -3.06
C LEU A 51 -0.13 -9.97 -1.73
N ALA A 52 -1.45 -9.87 -1.74
CA ALA A 52 -2.24 -10.10 -0.53
C ALA A 52 -1.79 -11.36 0.19
N GLY A 53 -1.00 -11.18 1.25
CA GLY A 53 -0.50 -12.31 2.01
C GLY A 53 0.50 -13.14 1.24
N GLN A 54 1.32 -12.47 0.43
CA GLN A 54 2.33 -13.14 -0.37
C GLN A 54 3.73 -12.61 -0.05
N GLN A 55 4.74 -13.44 -0.28
CA GLN A 55 6.12 -13.05 -0.02
C GLN A 55 6.64 -12.11 -1.10
N PHE A 56 6.88 -10.85 -0.73
CA PHE A 56 7.37 -9.85 -1.67
C PHE A 56 8.27 -8.85 -0.96
N THR A 57 8.78 -7.88 -1.73
CA THR A 57 9.65 -6.85 -1.18
C THR A 57 9.30 -5.48 -1.73
N SER A 58 9.74 -4.44 -1.04
CA SER A 58 9.46 -3.07 -1.45
C SER A 58 10.74 -2.37 -1.94
N ARG A 59 10.62 -1.56 -2.97
CA ARG A 59 11.76 -0.84 -3.53
C ARG A 59 11.37 0.58 -3.92
N ASP A 60 12.22 1.54 -3.57
CA ASP A 60 11.96 2.93 -3.90
C ASP A 60 10.52 3.31 -3.57
N GLU A 61 10.03 2.84 -2.42
CA GLU A 61 8.66 3.13 -2.00
C GLU A 61 7.66 2.53 -2.97
N ASP A 62 7.90 1.28 -3.38
CA ASP A 62 7.01 0.60 -4.31
C ASP A 62 7.05 -0.91 -4.09
N PRO A 63 5.88 -1.51 -3.85
CA PRO A 63 5.76 -2.94 -3.62
C PRO A 63 6.02 -3.76 -4.88
N TYR A 64 7.07 -4.56 -4.86
CA TYR A 64 7.44 -5.39 -6.00
C TYR A 64 7.45 -6.86 -5.63
N CYS A 65 6.82 -7.69 -6.46
CA CYS A 65 6.75 -9.12 -6.22
C CYS A 65 8.08 -9.79 -6.53
N VAL A 66 8.36 -10.90 -5.85
CA VAL A 66 9.60 -11.65 -6.05
C VAL A 66 9.89 -11.84 -7.54
N ALA A 67 8.83 -11.84 -8.34
CA ALA A 67 8.97 -12.02 -9.79
C ALA A 67 9.61 -10.79 -10.43
N CYS A 68 9.19 -9.61 -9.98
CA CYS A 68 9.72 -8.36 -10.51
C CYS A 68 11.03 -7.98 -9.82
N PHE A 69 11.05 -8.09 -8.49
CA PHE A 69 12.22 -7.76 -7.71
C PHE A 69 13.47 -8.40 -8.31
N GLY A 70 13.39 -9.68 -8.65
CA GLY A 70 14.52 -10.38 -9.24
C GLY A 70 14.47 -10.38 -10.75
N GLU A 71 13.85 -9.35 -11.33
CA GLU A 71 13.74 -9.25 -12.78
C GLU A 71 14.07 -7.83 -13.24
N LEU A 72 13.69 -6.85 -12.43
CA LEU A 72 13.95 -5.45 -12.77
C LEU A 72 15.31 -5.00 -12.22
N PHE A 73 15.47 -5.09 -10.90
CA PHE A 73 16.72 -4.70 -10.26
C PHE A 73 17.78 -5.78 -10.43
N ALA A 74 17.37 -7.03 -10.24
CA ALA A 74 18.29 -8.16 -10.36
C ALA A 74 18.65 -8.42 -11.82
N SER A 75 19.82 -8.99 -12.05
CA SER A 75 20.28 -9.29 -13.40
C SER A 75 20.70 -10.75 -13.52
N GLY A 76 21.07 -11.16 -14.73
CA GLY A 76 21.49 -12.52 -14.97
C GLY A 76 20.58 -13.54 -14.27
N PRO A 77 21.17 -14.36 -13.40
CA PRO A 77 20.44 -15.38 -12.66
C PRO A 77 19.50 -14.79 -11.61
N SER A 78 18.60 -15.61 -11.08
CA SER A 78 17.66 -15.15 -10.07
C SER A 78 18.37 -14.84 -8.75
N SER A 79 18.58 -13.56 -8.49
CA SER A 79 19.25 -13.14 -7.28
C SER A 79 18.25 -12.59 -6.26
N GLY A 80 17.69 -13.49 -5.45
CA GLY A 80 16.72 -13.09 -4.45
C GLY A 80 17.36 -12.31 -3.30
ZN ZN B . -7.54 1.38 -2.75
ZN ZN C . 5.62 -8.41 -10.18
N GLY A 1 8.15 15.71 19.13
CA GLY A 1 7.38 16.22 18.00
C GLY A 1 5.89 16.03 18.18
N SER A 2 5.32 16.75 19.14
CA SER A 2 3.89 16.64 19.43
C SER A 2 3.09 17.48 18.42
N SER A 3 1.77 17.33 18.47
CA SER A 3 0.89 18.06 17.58
C SER A 3 -0.46 18.34 18.24
N GLY A 4 -1.01 19.52 17.99
CA GLY A 4 -2.29 19.89 18.56
C GLY A 4 -3.40 18.92 18.19
N SER A 5 -4.05 19.17 17.08
CA SER A 5 -5.14 18.31 16.60
C SER A 5 -6.31 18.35 17.59
N SER A 6 -6.64 19.55 18.06
CA SER A 6 -7.74 19.72 19.00
C SER A 6 -9.09 19.73 18.27
N GLY A 7 -9.25 18.81 17.32
CA GLY A 7 -10.48 18.73 16.57
C GLY A 7 -11.20 17.42 16.79
N PRO A 8 -11.92 17.31 17.92
CA PRO A 8 -12.67 16.10 18.26
C PRO A 8 -13.88 15.89 17.36
N CYS A 9 -14.15 16.87 16.50
CA CYS A 9 -15.28 16.79 15.59
C CYS A 9 -14.80 16.62 14.14
N TYR A 10 -13.80 15.77 13.96
CA TYR A 10 -13.25 15.52 12.63
C TYR A 10 -13.09 14.01 12.38
N GLU A 11 -13.44 13.58 11.18
CA GLU A 11 -13.32 12.17 10.82
C GLU A 11 -11.88 11.69 10.93
N ASN A 12 -11.59 10.96 12.00
CA ASN A 12 -10.24 10.44 12.23
C ASN A 12 -10.21 9.50 13.43
N LYS A 13 -9.37 8.49 13.36
CA LYS A 13 -9.24 7.51 14.45
C LYS A 13 -10.56 6.79 14.69
N PHE A 14 -11.27 6.49 13.60
CA PHE A 14 -12.55 5.80 13.69
C PHE A 14 -12.55 4.55 12.81
N ALA A 15 -11.70 4.55 11.79
CA ALA A 15 -11.61 3.42 10.87
C ALA A 15 -10.48 3.62 9.87
N PRO A 16 -9.86 2.50 9.45
CA PRO A 16 -8.75 2.53 8.49
C PRO A 16 -9.21 2.92 7.09
N ARG A 17 -8.27 3.37 6.26
CA ARG A 17 -8.58 3.78 4.90
C ARG A 17 -7.41 3.49 3.97
N CYS A 18 -7.71 3.01 2.77
CA CYS A 18 -6.69 2.69 1.78
C CYS A 18 -5.72 3.85 1.60
N ALA A 19 -4.43 3.58 1.73
CA ALA A 19 -3.41 4.60 1.58
C ALA A 19 -3.39 5.15 0.15
N ARG A 20 -4.04 4.44 -0.76
CA ARG A 20 -4.10 4.86 -2.16
C ARG A 20 -5.35 5.69 -2.42
N CYS A 21 -6.51 5.13 -2.09
CA CYS A 21 -7.77 5.82 -2.30
C CYS A 21 -8.19 6.57 -1.03
N SER A 22 -7.99 5.94 0.12
CA SER A 22 -8.36 6.55 1.40
C SER A 22 -9.87 6.58 1.57
N LYS A 23 -10.52 5.46 1.25
CA LYS A 23 -11.97 5.36 1.37
C LYS A 23 -12.36 4.75 2.71
N THR A 24 -12.18 3.44 2.84
CA THR A 24 -12.52 2.74 4.07
C THR A 24 -12.09 1.27 4.00
N LEU A 25 -11.73 0.72 5.15
CA LEU A 25 -11.30 -0.67 5.22
C LEU A 25 -11.96 -1.39 6.40
N THR A 26 -13.25 -1.15 6.57
CA THR A 26 -13.99 -1.78 7.66
C THR A 26 -13.84 -3.29 7.65
N GLN A 27 -14.02 -3.88 6.47
CA GLN A 27 -13.90 -5.33 6.32
C GLN A 27 -12.44 -5.75 6.23
N GLY A 28 -12.19 -7.05 6.37
CA GLY A 28 -10.83 -7.55 6.30
C GLY A 28 -10.01 -6.84 5.25
N GLY A 29 -8.84 -6.33 5.65
CA GLY A 29 -7.97 -5.62 4.72
C GLY A 29 -6.51 -5.98 4.92
N VAL A 30 -5.64 -5.23 4.25
CA VAL A 30 -4.20 -5.47 4.36
C VAL A 30 -3.44 -4.19 4.65
N THR A 31 -2.14 -4.31 4.87
CA THR A 31 -1.30 -3.14 5.16
C THR A 31 0.05 -3.27 4.47
N TYR A 32 0.44 -2.21 3.76
CA TYR A 32 1.72 -2.19 3.06
C TYR A 32 2.58 -1.03 3.52
N ARG A 33 3.76 -1.35 4.06
CA ARG A 33 4.68 -0.34 4.55
C ARG A 33 4.09 0.42 5.72
N ASP A 34 3.66 -0.31 6.74
CA ASP A 34 3.07 0.29 7.93
C ASP A 34 1.92 1.21 7.55
N GLN A 35 1.13 0.80 6.55
CA GLN A 35 0.00 1.60 6.10
C GLN A 35 -1.10 0.70 5.53
N PRO A 36 -2.35 1.10 5.77
CA PRO A 36 -3.52 0.35 5.29
C PRO A 36 -3.67 0.41 3.78
N TRP A 37 -3.81 -0.75 3.15
CA TRP A 37 -3.96 -0.83 1.70
C TRP A 37 -5.12 -1.74 1.32
N HIS A 38 -5.77 -1.44 0.20
CA HIS A 38 -6.90 -2.24 -0.27
C HIS A 38 -6.42 -3.57 -0.84
N ARG A 39 -6.83 -4.66 -0.22
CA ARG A 39 -6.44 -6.00 -0.67
C ARG A 39 -6.35 -6.05 -2.19
N GLU A 40 -7.23 -5.31 -2.86
CA GLU A 40 -7.25 -5.28 -4.32
C GLU A 40 -6.16 -4.35 -4.85
N CYS A 41 -6.08 -3.15 -4.27
CA CYS A 41 -5.10 -2.17 -4.69
C CYS A 41 -3.68 -2.71 -4.54
N LEU A 42 -3.37 -3.22 -3.35
CA LEU A 42 -2.06 -3.78 -3.08
C LEU A 42 -1.66 -4.79 -4.15
N VAL A 43 -0.88 -4.33 -5.13
CA VAL A 43 -0.43 -5.20 -6.21
C VAL A 43 0.91 -4.74 -6.77
N CYS A 44 1.70 -5.67 -7.28
CA CYS A 44 3.00 -5.36 -7.84
C CYS A 44 2.92 -4.14 -8.74
N THR A 45 4.07 -3.50 -8.97
CA THR A 45 4.12 -2.31 -9.82
C THR A 45 4.53 -2.67 -11.24
N GLY A 46 4.95 -3.92 -11.43
CA GLY A 46 5.37 -4.36 -12.75
C GLY A 46 4.34 -5.27 -13.40
N CYS A 47 4.03 -6.38 -12.74
CA CYS A 47 3.06 -7.34 -13.26
C CYS A 47 1.66 -7.05 -12.71
N GLN A 48 1.60 -6.28 -11.64
CA GLN A 48 0.33 -5.94 -11.01
C GLN A 48 -0.33 -7.16 -10.41
N THR A 49 0.42 -7.88 -9.57
CA THR A 49 -0.10 -9.09 -8.92
C THR A 49 -0.44 -8.81 -7.46
N PRO A 50 -1.54 -9.42 -6.98
CA PRO A 50 -1.99 -9.26 -5.59
C PRO A 50 -1.06 -9.95 -4.60
N LEU A 51 -0.25 -9.16 -3.92
CA LEU A 51 0.68 -9.70 -2.93
C LEU A 51 0.00 -9.92 -1.59
N ALA A 52 -1.33 -9.90 -1.60
CA ALA A 52 -2.11 -10.10 -0.39
C ALA A 52 -1.54 -11.25 0.45
N GLY A 53 -0.75 -10.91 1.45
CA GLY A 53 -0.15 -11.93 2.30
C GLY A 53 0.83 -12.81 1.56
N GLN A 54 1.60 -12.20 0.66
CA GLN A 54 2.59 -12.95 -0.13
C GLN A 54 3.99 -12.42 0.14
N GLN A 55 4.99 -13.28 -0.08
CA GLN A 55 6.37 -12.90 0.13
C GLN A 55 6.87 -11.98 -0.97
N PHE A 56 7.04 -10.71 -0.63
CA PHE A 56 7.51 -9.71 -1.60
C PHE A 56 8.37 -8.66 -0.92
N THR A 57 8.86 -7.70 -1.70
CA THR A 57 9.70 -6.63 -1.18
C THR A 57 9.27 -5.28 -1.73
N SER A 58 9.73 -4.21 -1.09
CA SER A 58 9.40 -2.86 -1.51
C SER A 58 10.64 -2.11 -2.00
N ARG A 59 10.44 -1.23 -2.98
CA ARG A 59 11.55 -0.47 -3.53
C ARG A 59 11.13 0.99 -3.78
N ASP A 60 11.93 1.92 -3.28
CA ASP A 60 11.64 3.34 -3.44
C ASP A 60 10.16 3.63 -3.18
N GLU A 61 9.61 2.96 -2.17
CA GLU A 61 8.20 3.14 -1.82
C GLU A 61 7.28 2.51 -2.88
N ASP A 62 7.67 1.34 -3.36
CA ASP A 62 6.89 0.64 -4.37
C ASP A 62 6.95 -0.88 -4.14
N PRO A 63 5.77 -1.49 -3.94
CA PRO A 63 5.65 -2.92 -3.70
C PRO A 63 5.97 -3.74 -4.94
N TYR A 64 7.07 -4.48 -4.90
CA TYR A 64 7.49 -5.32 -6.02
C TYR A 64 7.55 -6.78 -5.63
N CYS A 65 6.91 -7.63 -6.42
CA CYS A 65 6.88 -9.07 -6.16
C CYS A 65 8.23 -9.70 -6.48
N VAL A 66 8.57 -10.76 -5.77
CA VAL A 66 9.83 -11.46 -5.99
C VAL A 66 10.09 -11.69 -7.48
N ALA A 67 9.02 -11.92 -8.23
CA ALA A 67 9.13 -12.14 -9.66
C ALA A 67 9.68 -10.91 -10.37
N CYS A 68 9.25 -9.73 -9.91
CA CYS A 68 9.70 -8.48 -10.51
C CYS A 68 11.04 -8.05 -9.91
N PHE A 69 11.14 -8.09 -8.59
CA PHE A 69 12.37 -7.71 -7.90
C PHE A 69 13.58 -8.32 -8.57
N GLY A 70 13.55 -9.64 -8.74
CA GLY A 70 14.67 -10.33 -9.37
C GLY A 70 14.53 -10.40 -10.87
N GLU A 71 13.75 -9.48 -11.43
CA GLU A 71 13.54 -9.44 -12.88
C GLU A 71 13.86 -8.06 -13.43
N LEU A 72 13.65 -7.03 -12.62
CA LEU A 72 13.92 -5.66 -13.03
C LEU A 72 15.32 -5.23 -12.59
N PHE A 73 15.57 -5.25 -11.29
CA PHE A 73 16.87 -4.87 -10.75
C PHE A 73 17.90 -5.96 -10.98
N ALA A 74 17.50 -7.20 -10.74
CA ALA A 74 18.39 -8.34 -10.93
C ALA A 74 18.41 -8.79 -12.38
N SER A 75 19.18 -8.09 -13.21
CA SER A 75 19.28 -8.41 -14.63
C SER A 75 20.47 -7.71 -15.25
N GLY A 76 21.15 -8.41 -16.17
CA GLY A 76 22.30 -7.84 -16.83
C GLY A 76 22.81 -8.71 -17.96
N PRO A 77 24.08 -9.13 -17.87
CA PRO A 77 24.71 -9.98 -18.89
C PRO A 77 24.14 -11.40 -18.91
N SER A 78 23.20 -11.66 -18.00
CA SER A 78 22.56 -12.97 -17.90
C SER A 78 21.14 -12.86 -17.38
N SER A 79 20.38 -13.94 -17.49
CA SER A 79 19.00 -13.96 -17.05
C SER A 79 18.86 -14.81 -15.78
N GLY A 80 18.10 -14.30 -14.82
CA GLY A 80 17.89 -15.01 -13.57
C GLY A 80 18.34 -14.22 -12.37
ZN ZN B . -7.51 1.58 -2.70
ZN ZN C . 5.62 -8.52 -10.14
N GLY A 1 5.22 32.73 17.83
CA GLY A 1 5.43 31.50 18.58
C GLY A 1 4.24 31.14 19.46
N SER A 2 4.54 30.69 20.68
CA SER A 2 3.49 30.31 21.61
C SER A 2 2.31 29.68 20.88
N SER A 3 2.61 28.83 19.91
CA SER A 3 1.57 28.16 19.13
C SER A 3 1.41 26.70 19.55
N GLY A 4 0.24 26.15 19.31
CA GLY A 4 -0.02 24.77 19.68
C GLY A 4 -0.82 24.02 18.63
N SER A 5 -1.18 22.78 18.93
CA SER A 5 -1.95 21.97 18.00
C SER A 5 -3.24 21.47 18.64
N SER A 6 -4.35 22.11 18.28
CA SER A 6 -5.65 21.74 18.82
C SER A 6 -6.66 21.49 17.70
N GLY A 7 -7.33 20.35 17.76
CA GLY A 7 -8.32 20.01 16.74
C GLY A 7 -8.71 18.54 16.79
N PRO A 8 -9.74 18.24 17.60
CA PRO A 8 -10.25 16.87 17.74
C PRO A 8 -10.96 16.36 16.49
N CYS A 9 -11.49 15.15 16.57
CA CYS A 9 -12.20 14.57 15.43
C CYS A 9 -13.57 14.04 15.86
N TYR A 10 -14.61 14.52 15.18
CA TYR A 10 -15.97 14.11 15.49
C TYR A 10 -16.53 13.19 14.42
N GLU A 11 -16.52 11.89 14.70
CA GLU A 11 -17.01 10.90 13.75
C GLU A 11 -17.74 9.77 14.47
N ASN A 12 -18.76 9.22 13.83
CA ASN A 12 -19.53 8.12 14.41
C ASN A 12 -18.66 6.90 14.65
N LYS A 13 -17.97 6.46 13.60
CA LYS A 13 -17.09 5.29 13.69
C LYS A 13 -15.69 5.63 13.23
N PHE A 14 -14.75 4.73 13.48
CA PHE A 14 -13.35 4.94 13.09
C PHE A 14 -12.77 3.67 12.48
N ALA A 15 -11.95 3.85 11.44
CA ALA A 15 -11.32 2.72 10.78
C ALA A 15 -10.29 3.20 9.76
N PRO A 16 -9.35 2.31 9.40
CA PRO A 16 -8.29 2.62 8.44
C PRO A 16 -8.82 2.75 7.02
N ARG A 17 -8.18 3.60 6.22
CA ARG A 17 -8.59 3.83 4.85
C ARG A 17 -7.43 3.60 3.89
N CYS A 18 -7.72 2.97 2.75
CA CYS A 18 -6.69 2.69 1.75
C CYS A 18 -5.79 3.91 1.54
N ALA A 19 -4.48 3.70 1.67
CA ALA A 19 -3.52 4.78 1.49
C ALA A 19 -3.57 5.33 0.07
N ARG A 20 -4.17 4.56 -0.84
CA ARG A 20 -4.28 4.96 -2.23
C ARG A 20 -5.55 5.76 -2.48
N CYS A 21 -6.69 5.14 -2.17
CA CYS A 21 -7.99 5.79 -2.36
C CYS A 21 -8.44 6.46 -1.06
N SER A 22 -8.20 5.81 0.06
CA SER A 22 -8.60 6.34 1.36
C SER A 22 -10.11 6.35 1.51
N LYS A 23 -10.73 5.22 1.19
CA LYS A 23 -12.19 5.09 1.29
C LYS A 23 -12.58 4.48 2.63
N THR A 24 -12.38 3.17 2.77
CA THR A 24 -12.72 2.47 3.99
C THR A 24 -12.16 1.05 3.99
N LEU A 25 -11.80 0.55 5.17
CA LEU A 25 -11.25 -0.79 5.30
C LEU A 25 -11.91 -1.54 6.47
N THR A 26 -13.08 -2.09 6.22
CA THR A 26 -13.81 -2.83 7.24
C THR A 26 -13.36 -4.29 7.29
N GLN A 27 -13.27 -4.92 6.13
CA GLN A 27 -12.85 -6.32 6.03
C GLN A 27 -11.43 -6.49 6.55
N GLY A 28 -10.96 -7.73 6.56
CA GLY A 28 -9.61 -8.01 7.03
C GLY A 28 -8.62 -6.93 6.63
N GLY A 29 -8.70 -6.50 5.38
CA GLY A 29 -7.79 -5.47 4.89
C GLY A 29 -6.34 -5.84 5.09
N VAL A 30 -5.45 -5.05 4.49
CA VAL A 30 -4.01 -5.29 4.60
C VAL A 30 -3.25 -4.01 4.89
N THR A 31 -1.94 -4.13 5.12
CA THR A 31 -1.11 -2.97 5.40
C THR A 31 0.23 -3.09 4.68
N TYR A 32 0.57 -2.07 3.90
CA TYR A 32 1.82 -2.05 3.16
C TYR A 32 2.69 -0.88 3.60
N ARG A 33 3.83 -1.19 4.20
CA ARG A 33 4.75 -0.17 4.67
C ARG A 33 4.14 0.64 5.82
N ASP A 34 3.68 -0.07 6.84
CA ASP A 34 3.06 0.57 8.00
C ASP A 34 1.91 1.48 7.57
N GLN A 35 1.18 1.06 6.54
CA GLN A 35 0.05 1.85 6.04
C GLN A 35 -1.04 0.93 5.50
N PRO A 36 -2.30 1.31 5.73
CA PRO A 36 -3.46 0.54 5.29
C PRO A 36 -3.63 0.59 3.77
N TRP A 37 -3.75 -0.58 3.15
CA TRP A 37 -3.92 -0.67 1.71
C TRP A 37 -5.07 -1.61 1.35
N HIS A 38 -5.68 -1.37 0.18
CA HIS A 38 -6.78 -2.19 -0.27
C HIS A 38 -6.28 -3.51 -0.87
N ARG A 39 -6.68 -4.62 -0.26
CA ARG A 39 -6.27 -5.93 -0.73
C ARG A 39 -6.26 -5.99 -2.25
N GLU A 40 -7.19 -5.27 -2.87
CA GLU A 40 -7.29 -5.24 -4.32
C GLU A 40 -6.26 -4.28 -4.92
N CYS A 41 -6.09 -3.13 -4.29
CA CYS A 41 -5.15 -2.13 -4.75
C CYS A 41 -3.71 -2.62 -4.62
N LEU A 42 -3.37 -3.10 -3.42
CA LEU A 42 -2.03 -3.61 -3.15
C LEU A 42 -1.62 -4.62 -4.22
N VAL A 43 -0.92 -4.14 -5.25
CA VAL A 43 -0.46 -5.01 -6.33
C VAL A 43 0.93 -4.60 -6.79
N CYS A 44 1.66 -5.55 -7.38
CA CYS A 44 3.01 -5.31 -7.87
C CYS A 44 3.03 -4.10 -8.80
N THR A 45 4.16 -3.39 -8.81
CA THR A 45 4.30 -2.20 -9.66
C THR A 45 4.94 -2.57 -10.99
N GLY A 46 4.86 -3.84 -11.35
CA GLY A 46 5.43 -4.30 -12.61
C GLY A 46 4.50 -5.22 -13.37
N CYS A 47 3.98 -6.24 -12.68
CA CYS A 47 3.08 -7.20 -13.30
C CYS A 47 1.64 -6.95 -12.86
N GLN A 48 1.48 -6.09 -11.85
CA GLN A 48 0.15 -5.77 -11.33
C GLN A 48 -0.51 -7.00 -10.72
N THR A 49 0.23 -7.70 -9.86
CA THR A 49 -0.28 -8.90 -9.21
C THR A 49 -0.63 -8.61 -7.75
N PRO A 50 -1.75 -9.20 -7.29
CA PRO A 50 -2.23 -9.02 -5.92
C PRO A 50 -1.32 -9.71 -4.89
N LEU A 51 -0.56 -8.91 -4.16
CA LEU A 51 0.35 -9.44 -3.15
C LEU A 51 -0.36 -9.60 -1.81
N ALA A 52 -1.68 -9.57 -1.84
CA ALA A 52 -2.48 -9.71 -0.63
C ALA A 52 -1.97 -10.86 0.22
N GLY A 53 -1.18 -10.54 1.24
CA GLY A 53 -0.63 -11.56 2.11
C GLY A 53 0.32 -12.49 1.40
N GLN A 54 1.12 -11.93 0.49
CA GLN A 54 2.08 -12.72 -0.27
C GLN A 54 3.51 -12.28 0.05
N GLN A 55 4.46 -13.16 -0.24
CA GLN A 55 5.87 -12.87 0.02
C GLN A 55 6.43 -11.93 -1.04
N PHE A 56 6.65 -10.68 -0.66
CA PHE A 56 7.18 -9.68 -1.58
C PHE A 56 8.06 -8.67 -0.85
N THR A 57 8.63 -7.74 -1.60
CA THR A 57 9.50 -6.71 -1.02
C THR A 57 9.25 -5.36 -1.66
N SER A 58 9.50 -4.30 -0.89
CA SER A 58 9.30 -2.94 -1.39
C SER A 58 10.60 -2.36 -1.92
N ARG A 59 10.49 -1.57 -2.99
CA ARG A 59 11.67 -0.96 -3.60
C ARG A 59 11.35 0.47 -4.05
N ASP A 60 12.24 1.40 -3.70
CA ASP A 60 12.06 2.80 -4.06
C ASP A 60 10.65 3.27 -3.75
N GLU A 61 10.11 2.82 -2.61
CA GLU A 61 8.76 3.19 -2.19
C GLU A 61 7.72 2.61 -3.16
N ASP A 62 7.88 1.34 -3.49
CA ASP A 62 6.96 0.67 -4.40
C ASP A 62 6.97 -0.84 -4.16
N PRO A 63 5.76 -1.41 -3.96
CA PRO A 63 5.60 -2.84 -3.72
C PRO A 63 5.90 -3.68 -4.95
N TYR A 64 6.95 -4.50 -4.87
CA TYR A 64 7.34 -5.35 -5.99
C TYR A 64 7.37 -6.81 -5.57
N CYS A 65 6.75 -7.67 -6.38
CA CYS A 65 6.71 -9.10 -6.09
C CYS A 65 8.07 -9.75 -6.37
N VAL A 66 8.39 -10.78 -5.59
CA VAL A 66 9.65 -11.50 -5.76
C VAL A 66 9.96 -11.73 -7.24
N ALA A 67 8.91 -11.89 -8.04
CA ALA A 67 9.06 -12.12 -9.47
C ALA A 67 9.67 -10.91 -10.16
N CYS A 68 9.23 -9.72 -9.76
CA CYS A 68 9.72 -8.48 -10.34
C CYS A 68 11.01 -8.04 -9.66
N PHE A 69 11.07 -8.23 -8.34
CA PHE A 69 12.25 -7.86 -7.57
C PHE A 69 13.51 -8.51 -8.13
N GLY A 70 13.41 -9.81 -8.42
CA GLY A 70 14.54 -10.53 -8.97
C GLY A 70 14.53 -10.58 -10.48
N GLU A 71 13.91 -9.58 -11.09
CA GLU A 71 13.84 -9.52 -12.55
C GLU A 71 14.16 -8.11 -13.05
N LEU A 72 13.69 -7.10 -12.33
CA LEU A 72 13.94 -5.71 -12.69
C LEU A 72 15.23 -5.20 -12.08
N PHE A 73 15.23 -5.03 -10.76
CA PHE A 73 16.41 -4.54 -10.06
C PHE A 73 17.59 -5.50 -10.24
N ALA A 74 17.30 -6.80 -10.14
CA ALA A 74 18.33 -7.82 -10.29
C ALA A 74 18.26 -8.47 -11.67
N SER A 75 18.99 -7.91 -12.63
CA SER A 75 19.01 -8.43 -13.99
C SER A 75 20.29 -9.20 -14.26
N GLY A 76 21.42 -8.59 -13.93
CA GLY A 76 22.70 -9.24 -14.15
C GLY A 76 23.54 -9.30 -12.89
N PRO A 77 24.86 -9.44 -13.06
CA PRO A 77 25.80 -9.52 -11.93
C PRO A 77 25.93 -8.19 -11.19
N SER A 78 26.42 -8.26 -9.95
CA SER A 78 26.59 -7.07 -9.13
C SER A 78 27.96 -6.44 -9.36
N SER A 79 27.97 -5.19 -9.84
CA SER A 79 29.21 -4.49 -10.11
C SER A 79 29.22 -3.13 -9.41
N GLY A 80 30.36 -2.78 -8.83
CA GLY A 80 30.48 -1.51 -8.14
C GLY A 80 31.40 -1.58 -6.93
ZN ZN B . -7.58 1.57 -2.72
ZN ZN C . 5.60 -8.52 -10.14
N GLY A 1 -7.14 42.35 28.74
CA GLY A 1 -6.66 41.42 27.73
C GLY A 1 -7.71 40.39 27.35
N SER A 2 -8.66 40.78 26.52
CA SER A 2 -9.73 39.89 26.09
C SER A 2 -9.62 39.61 24.59
N SER A 3 -9.36 38.35 24.25
CA SER A 3 -9.24 37.95 22.86
C SER A 3 -9.16 36.43 22.74
N GLY A 4 -9.69 35.90 21.62
CA GLY A 4 -9.67 34.47 21.40
C GLY A 4 -10.31 34.08 20.09
N SER A 5 -10.57 32.79 19.92
CA SER A 5 -11.19 32.28 18.71
C SER A 5 -11.60 30.82 18.87
N SER A 6 -12.47 30.35 17.98
CA SER A 6 -12.95 28.98 18.03
C SER A 6 -12.62 28.24 16.73
N GLY A 7 -12.73 26.92 16.76
CA GLY A 7 -12.46 26.12 15.58
C GLY A 7 -11.90 24.75 15.92
N PRO A 8 -12.80 23.80 16.21
CA PRO A 8 -12.42 22.44 16.57
C PRO A 8 -11.85 21.67 15.38
N CYS A 9 -10.61 21.22 15.50
CA CYS A 9 -9.96 20.47 14.44
C CYS A 9 -9.73 19.03 14.85
N TYR A 10 -10.21 18.10 14.02
CA TYR A 10 -10.06 16.67 14.31
C TYR A 10 -10.26 15.84 13.05
N GLU A 11 -10.05 14.54 13.16
CA GLU A 11 -10.20 13.63 12.03
C GLU A 11 -11.31 12.62 12.29
N ASN A 12 -12.55 13.01 12.00
CA ASN A 12 -13.70 12.15 12.20
C ASN A 12 -13.55 10.86 11.40
N LYS A 13 -13.21 9.77 12.09
CA LYS A 13 -13.04 8.47 11.44
C LYS A 13 -13.16 7.34 12.46
N PHE A 14 -13.72 6.22 12.01
CA PHE A 14 -13.88 5.06 12.89
C PHE A 14 -13.07 3.87 12.38
N ALA A 15 -12.54 4.00 11.16
CA ALA A 15 -11.74 2.94 10.57
C ALA A 15 -10.74 3.51 9.57
N PRO A 16 -9.73 2.70 9.21
CA PRO A 16 -8.68 3.10 8.28
C PRO A 16 -9.21 3.23 6.85
N ARG A 17 -8.38 3.78 5.96
CA ARG A 17 -8.76 3.96 4.57
C ARG A 17 -7.57 3.69 3.65
N CYS A 18 -7.84 3.03 2.53
CA CYS A 18 -6.80 2.72 1.56
C CYS A 18 -5.85 3.90 1.37
N ALA A 19 -4.56 3.65 1.55
CA ALA A 19 -3.55 4.70 1.40
C ALA A 19 -3.55 5.26 -0.02
N ARG A 20 -4.15 4.51 -0.95
CA ARG A 20 -4.22 4.94 -2.34
C ARG A 20 -5.48 5.75 -2.60
N CYS A 21 -6.64 5.13 -2.38
CA CYS A 21 -7.92 5.80 -2.60
C CYS A 21 -8.36 6.53 -1.33
N SER A 22 -8.15 5.90 -0.18
CA SER A 22 -8.54 6.48 1.10
C SER A 22 -10.06 6.56 1.22
N LYS A 23 -10.72 5.43 0.98
CA LYS A 23 -12.17 5.36 1.07
C LYS A 23 -12.60 4.77 2.41
N THR A 24 -12.44 3.46 2.55
CA THR A 24 -12.81 2.77 3.78
C THR A 24 -12.22 1.36 3.82
N LEU A 25 -12.08 0.82 5.03
CA LEU A 25 -11.54 -0.52 5.21
C LEU A 25 -12.15 -1.20 6.42
N THR A 26 -12.44 -2.49 6.28
CA THR A 26 -13.03 -3.26 7.37
C THR A 26 -12.27 -4.55 7.61
N GLN A 27 -12.52 -5.18 8.75
CA GLN A 27 -11.84 -6.43 9.10
C GLN A 27 -11.59 -7.28 7.86
N GLY A 28 -10.33 -7.41 7.48
CA GLY A 28 -9.98 -8.19 6.31
C GLY A 28 -8.95 -7.50 5.44
N GLY A 29 -9.01 -6.18 5.38
CA GLY A 29 -8.07 -5.43 4.58
C GLY A 29 -6.62 -5.77 4.89
N VAL A 30 -5.69 -5.05 4.28
CA VAL A 30 -4.27 -5.28 4.49
C VAL A 30 -3.54 -3.98 4.74
N THR A 31 -2.24 -4.07 5.03
CA THR A 31 -1.42 -2.90 5.30
C THR A 31 -0.05 -3.03 4.65
N TYR A 32 0.37 -2.00 3.92
CA TYR A 32 1.65 -2.00 3.25
C TYR A 32 2.48 -0.77 3.66
N ARG A 33 3.66 -1.02 4.22
CA ARG A 33 4.55 0.05 4.64
C ARG A 33 3.94 0.80 5.83
N ASP A 34 3.45 0.06 6.81
CA ASP A 34 2.85 0.66 8.00
C ASP A 34 1.66 1.55 7.62
N GLN A 35 0.92 1.13 6.61
CA GLN A 35 -0.24 1.89 6.15
C GLN A 35 -1.30 0.96 5.57
N PRO A 36 -2.57 1.34 5.74
CA PRO A 36 -3.71 0.56 5.24
C PRO A 36 -3.81 0.58 3.73
N TRP A 37 -3.93 -0.59 3.12
CA TRP A 37 -4.03 -0.70 1.67
C TRP A 37 -5.18 -1.63 1.28
N HIS A 38 -5.74 -1.38 0.10
CA HIS A 38 -6.85 -2.20 -0.39
C HIS A 38 -6.35 -3.53 -0.94
N ARG A 39 -6.82 -4.62 -0.36
CA ARG A 39 -6.42 -5.96 -0.79
C ARG A 39 -6.35 -6.04 -2.30
N GLU A 40 -7.13 -5.20 -2.98
CA GLU A 40 -7.16 -5.18 -4.44
C GLU A 40 -6.09 -4.24 -4.99
N CYS A 41 -5.96 -3.07 -4.39
CA CYS A 41 -4.99 -2.08 -4.82
C CYS A 41 -3.56 -2.61 -4.63
N LEU A 42 -3.29 -3.11 -3.43
CA LEU A 42 -1.96 -3.65 -3.12
C LEU A 42 -1.52 -4.66 -4.18
N VAL A 43 -0.90 -4.16 -5.24
CA VAL A 43 -0.43 -5.02 -6.32
C VAL A 43 0.94 -4.57 -6.82
N CYS A 44 1.71 -5.52 -7.34
CA CYS A 44 3.04 -5.22 -7.85
C CYS A 44 3.02 -3.98 -8.74
N THR A 45 4.18 -3.37 -8.93
CA THR A 45 4.30 -2.17 -9.75
C THR A 45 4.74 -2.52 -11.17
N GLY A 46 5.11 -3.78 -11.37
CA GLY A 46 5.56 -4.22 -12.68
C GLY A 46 4.52 -5.08 -13.38
N CYS A 47 4.13 -6.17 -12.73
CA CYS A 47 3.15 -7.08 -13.30
C CYS A 47 1.74 -6.75 -12.79
N GLN A 48 1.68 -5.96 -11.72
CA GLN A 48 0.40 -5.57 -11.14
C GLN A 48 -0.32 -6.78 -10.56
N THR A 49 0.42 -7.60 -9.81
CA THR A 49 -0.15 -8.79 -9.19
C THR A 49 -0.49 -8.54 -7.72
N PRO A 50 -1.63 -9.09 -7.28
CA PRO A 50 -2.10 -8.95 -5.90
C PRO A 50 -1.22 -9.70 -4.90
N LEU A 51 -0.48 -8.95 -4.11
CA LEU A 51 0.41 -9.55 -3.11
C LEU A 51 -0.32 -9.76 -1.79
N ALA A 52 -1.64 -9.62 -1.83
CA ALA A 52 -2.46 -9.81 -0.63
C ALA A 52 -2.04 -11.05 0.13
N GLY A 53 -1.26 -10.85 1.20
CA GLY A 53 -0.80 -11.96 2.00
C GLY A 53 0.20 -12.83 1.27
N GLN A 54 1.06 -12.19 0.47
CA GLN A 54 2.07 -12.91 -0.29
C GLN A 54 3.48 -12.41 0.04
N GLN A 55 4.47 -13.26 -0.15
CA GLN A 55 5.85 -12.91 0.13
C GLN A 55 6.42 -12.01 -0.96
N PHE A 56 6.70 -10.76 -0.62
CA PHE A 56 7.24 -9.80 -1.57
C PHE A 56 8.15 -8.80 -0.87
N THR A 57 8.72 -7.87 -1.65
CA THR A 57 9.60 -6.85 -1.10
C THR A 57 9.28 -5.48 -1.69
N SER A 58 9.65 -4.44 -0.95
CA SER A 58 9.40 -3.07 -1.40
C SER A 58 10.70 -2.41 -1.87
N ARG A 59 10.61 -1.70 -2.99
CA ARG A 59 11.77 -1.03 -3.56
C ARG A 59 11.43 0.41 -3.96
N ASP A 60 12.29 1.34 -3.56
CA ASP A 60 12.08 2.75 -3.87
C ASP A 60 10.66 3.19 -3.51
N GLU A 61 10.17 2.69 -2.37
CA GLU A 61 8.83 3.02 -1.92
C GLU A 61 7.77 2.48 -2.87
N ASP A 62 7.91 1.21 -3.24
CA ASP A 62 6.98 0.57 -4.15
C ASP A 62 6.97 -0.94 -3.96
N PRO A 63 5.77 -1.52 -3.79
CA PRO A 63 5.60 -2.96 -3.58
C PRO A 63 5.92 -3.76 -4.84
N TYR A 64 7.01 -4.53 -4.79
CA TYR A 64 7.42 -5.34 -5.92
C TYR A 64 7.45 -6.82 -5.55
N CYS A 65 6.80 -7.64 -6.36
CA CYS A 65 6.74 -9.08 -6.12
C CYS A 65 8.08 -9.73 -6.43
N VAL A 66 8.34 -10.86 -5.78
CA VAL A 66 9.59 -11.59 -5.98
C VAL A 66 9.89 -11.77 -7.46
N ALA A 67 8.84 -11.94 -8.26
CA ALA A 67 9.00 -12.12 -9.69
C ALA A 67 9.63 -10.88 -10.34
N CYS A 68 9.22 -9.71 -9.87
CA CYS A 68 9.74 -8.45 -10.40
C CYS A 68 11.07 -8.09 -9.73
N PHE A 69 11.07 -8.13 -8.40
CA PHE A 69 12.28 -7.79 -7.64
C PHE A 69 13.50 -8.47 -8.24
N GLY A 70 13.38 -9.78 -8.49
CA GLY A 70 14.50 -10.52 -9.06
C GLY A 70 14.47 -10.54 -10.58
N GLU A 71 13.90 -9.50 -11.17
CA GLU A 71 13.80 -9.40 -12.62
C GLU A 71 14.19 -8.01 -13.10
N LEU A 72 13.69 -6.98 -12.41
CA LEU A 72 13.99 -5.61 -12.76
C LEU A 72 15.35 -5.18 -12.22
N PHE A 73 15.51 -5.27 -10.91
CA PHE A 73 16.77 -4.91 -10.26
C PHE A 73 17.82 -5.99 -10.45
N ALA A 74 17.40 -7.24 -10.28
CA ALA A 74 18.31 -8.37 -10.43
C ALA A 74 18.29 -8.89 -11.86
N SER A 75 19.01 -8.20 -12.75
CA SER A 75 19.08 -8.60 -14.15
C SER A 75 20.27 -9.52 -14.40
N GLY A 76 21.45 -9.05 -14.03
CA GLY A 76 22.66 -9.83 -14.22
C GLY A 76 23.30 -10.24 -12.91
N PRO A 77 22.88 -11.39 -12.37
CA PRO A 77 23.40 -11.92 -11.11
C PRO A 77 24.84 -12.40 -11.24
N SER A 78 25.78 -11.52 -10.91
CA SER A 78 27.20 -11.84 -11.00
C SER A 78 27.54 -12.48 -12.34
N SER A 79 26.95 -11.95 -13.41
CA SER A 79 27.19 -12.47 -14.75
C SER A 79 28.37 -11.76 -15.41
N GLY A 80 29.10 -12.50 -16.23
CA GLY A 80 30.25 -11.93 -16.91
C GLY A 80 30.65 -12.72 -18.14
ZN ZN B . -7.55 1.56 -2.93
ZN ZN C . 5.66 -8.38 -10.16
N GLY A 1 -35.26 23.38 35.65
CA GLY A 1 -34.89 22.66 34.44
C GLY A 1 -33.39 22.71 34.18
N SER A 2 -32.85 21.59 33.74
CA SER A 2 -31.41 21.49 33.46
C SER A 2 -31.11 20.30 32.55
N SER A 3 -30.40 20.57 31.46
CA SER A 3 -30.04 19.53 30.51
C SER A 3 -28.97 20.02 29.53
N GLY A 4 -28.00 19.16 29.26
CA GLY A 4 -26.92 19.54 28.34
C GLY A 4 -26.15 18.32 27.84
N SER A 5 -25.44 18.51 26.74
CA SER A 5 -24.65 17.42 26.16
C SER A 5 -23.53 17.97 25.28
N SER A 6 -22.29 17.64 25.63
CA SER A 6 -21.13 18.11 24.89
C SER A 6 -20.00 17.08 24.94
N GLY A 7 -19.15 17.09 23.92
CA GLY A 7 -18.04 16.15 23.87
C GLY A 7 -17.42 16.08 22.49
N PRO A 8 -16.08 16.05 22.44
CA PRO A 8 -15.33 15.97 21.19
C PRO A 8 -15.46 14.62 20.51
N CYS A 9 -16.59 14.42 19.83
CA CYS A 9 -16.85 13.17 19.14
C CYS A 9 -15.74 12.85 18.15
N TYR A 10 -15.42 11.57 18.00
CA TYR A 10 -14.37 11.13 17.09
C TYR A 10 -14.90 10.13 16.07
N GLU A 11 -15.56 10.64 15.03
CA GLU A 11 -16.11 9.78 13.99
C GLU A 11 -15.32 9.91 12.70
N ASN A 12 -14.00 9.98 12.83
CA ASN A 12 -13.13 10.10 11.67
C ASN A 12 -12.13 8.96 11.61
N LYS A 13 -11.34 8.81 12.68
CA LYS A 13 -10.35 7.74 12.77
C LYS A 13 -10.94 6.49 13.39
N PHE A 14 -12.14 6.13 12.96
CA PHE A 14 -12.82 4.94 13.49
C PHE A 14 -12.32 3.68 12.79
N ALA A 15 -11.65 3.86 11.66
CA ALA A 15 -11.11 2.74 10.91
C ALA A 15 -10.09 3.21 9.87
N PRO A 16 -9.15 2.32 9.52
CA PRO A 16 -8.11 2.62 8.54
C PRO A 16 -8.64 2.76 7.13
N ARG A 17 -8.04 3.64 6.34
CA ARG A 17 -8.46 3.87 4.96
C ARG A 17 -7.31 3.60 3.99
N CYS A 18 -7.63 2.99 2.86
CA CYS A 18 -6.64 2.68 1.85
C CYS A 18 -5.72 3.87 1.61
N ALA A 19 -4.41 3.66 1.76
CA ALA A 19 -3.44 4.72 1.57
C ALA A 19 -3.48 5.23 0.13
N ARG A 20 -4.18 4.51 -0.73
CA ARG A 20 -4.29 4.90 -2.14
C ARG A 20 -5.58 5.70 -2.38
N CYS A 21 -6.72 5.09 -2.07
CA CYS A 21 -8.01 5.73 -2.25
C CYS A 21 -8.45 6.42 -0.97
N SER A 22 -8.17 5.79 0.17
CA SER A 22 -8.55 6.33 1.47
C SER A 22 -10.06 6.32 1.64
N LYS A 23 -10.69 5.19 1.29
CA LYS A 23 -12.12 5.05 1.41
C LYS A 23 -12.50 4.44 2.75
N THR A 24 -12.29 3.14 2.89
CA THR A 24 -12.60 2.43 4.13
C THR A 24 -12.04 1.01 4.12
N LEU A 25 -11.69 0.51 5.30
CA LEU A 25 -11.13 -0.84 5.42
C LEU A 25 -11.79 -1.59 6.58
N THR A 26 -13.06 -1.31 6.81
CA THR A 26 -13.80 -1.95 7.89
C THR A 26 -13.96 -3.45 7.63
N GLN A 27 -14.30 -3.81 6.40
CA GLN A 27 -14.48 -5.20 6.02
C GLN A 27 -13.22 -5.75 5.35
N GLY A 28 -12.39 -6.45 6.13
CA GLY A 28 -11.17 -7.01 5.59
C GLY A 28 -10.23 -5.96 5.06
N GLY A 29 -8.94 -6.29 4.99
CA GLY A 29 -7.96 -5.35 4.50
C GLY A 29 -6.54 -5.76 4.86
N VAL A 30 -5.56 -5.06 4.28
CA VAL A 30 -4.16 -5.36 4.54
C VAL A 30 -3.37 -4.09 4.83
N THR A 31 -2.09 -4.24 5.16
CA THR A 31 -1.24 -3.11 5.46
C THR A 31 0.14 -3.28 4.82
N TYR A 32 0.53 -2.31 4.01
CA TYR A 32 1.83 -2.35 3.33
C TYR A 32 2.71 -1.20 3.78
N ARG A 33 3.91 -1.51 4.25
CA ARG A 33 4.85 -0.50 4.70
C ARG A 33 4.25 0.32 5.84
N ASP A 34 3.76 -0.36 6.87
CA ASP A 34 3.16 0.30 8.02
C ASP A 34 2.04 1.24 7.58
N GLN A 35 1.31 0.84 6.55
CA GLN A 35 0.22 1.65 6.03
C GLN A 35 -0.92 0.76 5.51
N PRO A 36 -2.16 1.21 5.73
CA PRO A 36 -3.35 0.46 5.30
C PRO A 36 -3.51 0.47 3.78
N TRP A 37 -3.68 -0.71 3.20
CA TRP A 37 -3.84 -0.83 1.76
C TRP A 37 -5.02 -1.75 1.42
N HIS A 38 -5.68 -1.47 0.30
CA HIS A 38 -6.83 -2.26 -0.13
C HIS A 38 -6.37 -3.59 -0.72
N ARG A 39 -6.80 -4.69 -0.09
CA ARG A 39 -6.44 -6.02 -0.56
C ARG A 39 -6.35 -6.07 -2.08
N GLU A 40 -7.31 -5.41 -2.74
CA GLU A 40 -7.34 -5.38 -4.20
C GLU A 40 -6.26 -4.45 -4.74
N CYS A 41 -6.23 -3.23 -4.22
CA CYS A 41 -5.25 -2.23 -4.65
C CYS A 41 -3.83 -2.77 -4.51
N LEU A 42 -3.49 -3.26 -3.32
CA LEU A 42 -2.16 -3.80 -3.07
C LEU A 42 -1.76 -4.80 -4.16
N VAL A 43 -0.88 -4.36 -5.06
CA VAL A 43 -0.40 -5.21 -6.14
C VAL A 43 0.99 -4.78 -6.61
N CYS A 44 1.67 -5.68 -7.29
CA CYS A 44 3.01 -5.41 -7.80
C CYS A 44 3.00 -4.20 -8.74
N THR A 45 4.08 -3.42 -8.70
CA THR A 45 4.19 -2.23 -9.55
C THR A 45 4.80 -2.58 -10.89
N GLY A 46 4.74 -3.85 -11.27
CA GLY A 46 5.29 -4.29 -12.53
C GLY A 46 4.35 -5.22 -13.28
N CYS A 47 3.98 -6.33 -12.64
CA CYS A 47 3.09 -7.30 -13.25
C CYS A 47 1.64 -7.08 -12.80
N GLN A 48 1.47 -6.26 -11.77
CA GLN A 48 0.15 -5.96 -11.24
C GLN A 48 -0.47 -7.20 -10.62
N THR A 49 0.26 -7.83 -9.70
CA THR A 49 -0.23 -9.04 -9.04
C THR A 49 -0.54 -8.77 -7.57
N PRO A 50 -1.63 -9.37 -7.07
CA PRO A 50 -2.06 -9.19 -5.68
C PRO A 50 -1.11 -9.89 -4.70
N LEU A 51 -0.36 -9.09 -3.95
CA LEU A 51 0.58 -9.62 -2.97
C LEU A 51 -0.11 -9.89 -1.64
N ALA A 52 -1.44 -9.89 -1.66
CA ALA A 52 -2.22 -10.15 -0.45
C ALA A 52 -1.64 -11.32 0.33
N GLY A 53 -0.86 -10.99 1.37
CA GLY A 53 -0.26 -12.03 2.18
C GLY A 53 0.74 -12.87 1.42
N GLN A 54 1.51 -12.22 0.55
CA GLN A 54 2.51 -12.92 -0.25
C GLN A 54 3.91 -12.40 0.05
N GLN A 55 4.92 -13.21 -0.23
CA GLN A 55 6.30 -12.83 0.02
C GLN A 55 6.81 -11.89 -1.08
N PHE A 56 7.07 -10.64 -0.69
CA PHE A 56 7.55 -9.65 -1.63
C PHE A 56 8.47 -8.63 -0.94
N THR A 57 8.96 -7.67 -1.70
CA THR A 57 9.85 -6.64 -1.17
C THR A 57 9.50 -5.26 -1.72
N SER A 58 9.78 -4.23 -0.93
CA SER A 58 9.49 -2.86 -1.33
C SER A 58 10.72 -2.20 -1.95
N ARG A 59 10.52 -1.50 -3.06
CA ARG A 59 11.62 -0.82 -3.74
C ARG A 59 11.18 0.55 -4.25
N ASP A 60 12.05 1.53 -4.07
CA ASP A 60 11.76 2.90 -4.51
C ASP A 60 10.37 3.33 -4.04
N GLU A 61 10.00 2.91 -2.83
CA GLU A 61 8.70 3.25 -2.25
C GLU A 61 7.58 2.63 -3.06
N ASP A 62 7.83 1.44 -3.62
CA ASP A 62 6.83 0.74 -4.42
C ASP A 62 6.93 -0.77 -4.20
N PRO A 63 5.78 -1.40 -3.97
CA PRO A 63 5.71 -2.85 -3.74
C PRO A 63 6.01 -3.66 -5.00
N TYR A 64 7.01 -4.52 -4.91
CA TYR A 64 7.41 -5.35 -6.04
C TYR A 64 7.50 -6.82 -5.64
N CYS A 65 6.89 -7.69 -6.43
CA CYS A 65 6.90 -9.12 -6.16
C CYS A 65 8.27 -9.72 -6.47
N VAL A 66 8.63 -10.77 -5.74
CA VAL A 66 9.91 -11.44 -5.95
C VAL A 66 10.20 -11.63 -7.43
N ALA A 67 9.16 -11.94 -8.20
CA ALA A 67 9.30 -12.15 -9.63
C ALA A 67 9.82 -10.89 -10.33
N CYS A 68 9.35 -9.73 -9.87
CA CYS A 68 9.76 -8.46 -10.44
C CYS A 68 11.07 -7.97 -9.80
N PHE A 69 11.09 -7.93 -8.47
CA PHE A 69 12.27 -7.49 -7.75
C PHE A 69 13.53 -8.14 -8.31
N GLY A 70 13.47 -9.46 -8.50
CA GLY A 70 14.61 -10.18 -9.02
C GLY A 70 14.57 -10.31 -10.54
N GLU A 71 13.93 -9.36 -11.19
CA GLU A 71 13.82 -9.37 -12.65
C GLU A 71 14.11 -7.99 -13.23
N LEU A 72 13.70 -6.95 -12.50
CA LEU A 72 13.91 -5.58 -12.95
C LEU A 72 15.23 -5.03 -12.40
N PHE A 73 15.29 -4.88 -11.08
CA PHE A 73 16.49 -4.36 -10.43
C PHE A 73 17.66 -5.34 -10.58
N ALA A 74 17.38 -6.61 -10.37
CA ALA A 74 18.40 -7.65 -10.48
C ALA A 74 18.34 -8.34 -11.84
N SER A 75 19.42 -9.02 -12.20
CA SER A 75 19.50 -9.72 -13.49
C SER A 75 18.59 -10.94 -13.49
N GLY A 76 17.98 -11.22 -14.64
CA GLY A 76 17.10 -12.37 -14.74
C GLY A 76 17.34 -13.16 -16.01
N PRO A 77 16.41 -14.07 -16.33
CA PRO A 77 16.51 -14.93 -17.52
C PRO A 77 16.32 -14.14 -18.81
N SER A 78 16.29 -12.81 -18.69
CA SER A 78 16.11 -11.94 -19.86
C SER A 78 17.46 -11.55 -20.44
N SER A 79 17.95 -12.36 -21.38
CA SER A 79 19.23 -12.10 -22.02
C SER A 79 19.07 -11.14 -23.20
N GLY A 80 20.05 -10.27 -23.40
CA GLY A 80 19.99 -9.31 -24.49
C GLY A 80 21.10 -9.52 -25.50
ZN ZN B . -7.61 1.50 -2.59
ZN ZN C . 5.63 -8.55 -10.13
N GLY A 1 -9.44 42.49 5.45
CA GLY A 1 -10.38 41.90 4.53
C GLY A 1 -9.98 40.50 4.12
N SER A 2 -10.93 39.57 4.23
CA SER A 2 -10.68 38.17 3.88
C SER A 2 -11.96 37.47 3.45
N SER A 3 -11.82 36.35 2.76
CA SER A 3 -12.98 35.59 2.30
C SER A 3 -13.09 34.27 3.05
N GLY A 4 -11.99 33.54 3.16
CA GLY A 4 -12.00 32.27 3.86
C GLY A 4 -12.85 31.23 3.17
N SER A 5 -13.02 30.09 3.81
CA SER A 5 -13.82 29.01 3.25
C SER A 5 -14.91 28.57 4.22
N SER A 6 -14.52 28.18 5.43
CA SER A 6 -15.47 27.75 6.44
C SER A 6 -16.36 26.64 5.91
N GLY A 7 -15.76 25.70 5.18
CA GLY A 7 -16.52 24.59 4.63
C GLY A 7 -16.80 23.51 5.64
N PRO A 8 -18.09 23.27 5.91
CA PRO A 8 -18.52 22.25 6.88
C PRO A 8 -18.25 20.83 6.38
N CYS A 9 -17.59 20.03 7.20
CA CYS A 9 -17.27 18.65 6.84
C CYS A 9 -16.60 17.93 8.01
N TYR A 10 -17.34 17.01 8.61
CA TYR A 10 -16.82 16.24 9.75
C TYR A 10 -17.29 14.79 9.68
N GLU A 11 -16.33 13.88 9.60
CA GLU A 11 -16.64 12.45 9.53
C GLU A 11 -16.13 11.72 10.77
N ASN A 12 -17.05 11.32 11.64
CA ASN A 12 -16.69 10.61 12.86
C ASN A 12 -16.45 9.13 12.58
N LYS A 13 -15.20 8.78 12.28
CA LYS A 13 -14.85 7.39 11.99
C LYS A 13 -13.50 7.04 12.62
N PHE A 14 -13.41 5.83 13.16
CA PHE A 14 -12.18 5.36 13.80
C PHE A 14 -11.64 4.12 13.09
N ALA A 15 -11.71 4.12 11.77
CA ALA A 15 -11.23 2.99 10.98
C ALA A 15 -10.19 3.43 9.95
N PRO A 16 -9.28 2.51 9.59
CA PRO A 16 -8.22 2.79 8.62
C PRO A 16 -8.75 2.96 7.21
N ARG A 17 -8.00 3.67 6.38
CA ARG A 17 -8.41 3.90 4.99
C ARG A 17 -7.27 3.59 4.03
N CYS A 18 -7.61 3.00 2.89
CA CYS A 18 -6.61 2.64 1.88
C CYS A 18 -5.61 3.77 1.70
N ALA A 19 -4.33 3.41 1.63
CA ALA A 19 -3.26 4.39 1.46
C ALA A 19 -3.16 4.83 0.00
N ARG A 20 -4.19 4.51 -0.78
CA ARG A 20 -4.21 4.88 -2.20
C ARG A 20 -5.48 5.66 -2.54
N CYS A 21 -6.62 5.13 -2.11
CA CYS A 21 -7.90 5.77 -2.37
C CYS A 21 -8.37 6.56 -1.15
N SER A 22 -8.21 5.98 0.03
CA SER A 22 -8.62 6.64 1.27
C SER A 22 -10.13 6.62 1.42
N LYS A 23 -10.73 5.45 1.24
CA LYS A 23 -12.18 5.30 1.36
C LYS A 23 -12.55 4.72 2.71
N THR A 24 -12.33 3.41 2.87
CA THR A 24 -12.66 2.73 4.12
C THR A 24 -12.16 1.29 4.09
N LEU A 25 -11.80 0.78 5.26
CA LEU A 25 -11.31 -0.60 5.38
C LEU A 25 -11.95 -1.30 6.57
N THR A 26 -13.16 -1.82 6.36
CA THR A 26 -13.89 -2.52 7.41
C THR A 26 -13.85 -4.03 7.19
N GLN A 27 -14.17 -4.45 5.96
CA GLN A 27 -14.18 -5.86 5.62
C GLN A 27 -12.76 -6.38 5.43
N GLY A 28 -12.08 -6.68 6.53
CA GLY A 28 -10.71 -7.18 6.47
C GLY A 28 -9.73 -6.12 6.00
N GLY A 29 -8.98 -6.44 4.94
CA GLY A 29 -8.01 -5.50 4.41
C GLY A 29 -6.58 -5.89 4.76
N VAL A 30 -5.63 -5.12 4.25
CA VAL A 30 -4.21 -5.38 4.52
C VAL A 30 -3.45 -4.10 4.79
N THR A 31 -2.17 -4.23 5.11
CA THR A 31 -1.33 -3.07 5.40
C THR A 31 0.04 -3.19 4.73
N TYR A 32 0.39 -2.19 3.94
CA TYR A 32 1.67 -2.19 3.23
C TYR A 32 2.55 -1.03 3.71
N ARG A 33 3.74 -1.36 4.20
CA ARG A 33 4.67 -0.35 4.68
C ARG A 33 4.07 0.43 5.85
N ASP A 34 3.65 -0.30 6.88
CA ASP A 34 3.07 0.32 8.06
C ASP A 34 1.92 1.26 7.67
N GLN A 35 1.16 0.87 6.64
CA GLN A 35 0.05 1.67 6.16
C GLN A 35 -1.06 0.79 5.62
N PRO A 36 -2.32 1.21 5.84
CA PRO A 36 -3.49 0.47 5.39
C PRO A 36 -3.65 0.50 3.87
N TRP A 37 -3.77 -0.68 3.27
CA TRP A 37 -3.92 -0.79 1.82
C TRP A 37 -5.08 -1.71 1.46
N HIS A 38 -5.72 -1.44 0.33
CA HIS A 38 -6.85 -2.24 -0.14
C HIS A 38 -6.36 -3.57 -0.72
N ARG A 39 -6.75 -4.66 -0.08
CA ARG A 39 -6.35 -6.00 -0.54
C ARG A 39 -6.32 -6.05 -2.07
N GLU A 40 -7.24 -5.33 -2.71
CA GLU A 40 -7.31 -5.30 -4.16
C GLU A 40 -6.27 -4.36 -4.74
N CYS A 41 -6.13 -3.18 -4.13
CA CYS A 41 -5.16 -2.19 -4.59
C CYS A 41 -3.74 -2.72 -4.47
N LEU A 42 -3.39 -3.20 -3.28
CA LEU A 42 -2.05 -3.74 -3.03
C LEU A 42 -1.66 -4.75 -4.11
N VAL A 43 -0.86 -4.29 -5.07
CA VAL A 43 -0.41 -5.15 -6.15
C VAL A 43 0.98 -4.74 -6.64
N CYS A 44 1.65 -5.67 -7.32
CA CYS A 44 2.99 -5.41 -7.83
C CYS A 44 2.99 -4.21 -8.78
N THR A 45 4.08 -3.47 -8.79
CA THR A 45 4.21 -2.30 -9.64
C THR A 45 4.84 -2.65 -10.98
N GLY A 46 4.80 -3.93 -11.32
CA GLY A 46 5.37 -4.38 -12.58
C GLY A 46 4.46 -5.35 -13.32
N CYS A 47 3.85 -6.27 -12.59
CA CYS A 47 2.96 -7.26 -13.17
C CYS A 47 1.52 -7.02 -12.73
N GLN A 48 1.35 -6.15 -11.75
CA GLN A 48 0.01 -5.83 -11.22
C GLN A 48 -0.62 -7.06 -10.58
N THR A 49 0.15 -7.76 -9.75
CA THR A 49 -0.34 -8.95 -9.08
C THR A 49 -0.61 -8.68 -7.59
N PRO A 50 -1.70 -9.26 -7.07
CA PRO A 50 -2.08 -9.09 -5.67
C PRO A 50 -1.13 -9.79 -4.71
N LEU A 51 -0.30 -9.00 -4.03
CA LEU A 51 0.65 -9.56 -3.09
C LEU A 51 0.01 -9.79 -1.72
N ALA A 52 -1.32 -9.76 -1.69
CA ALA A 52 -2.06 -9.97 -0.46
C ALA A 52 -1.40 -11.04 0.40
N GLY A 53 -0.65 -10.60 1.41
CA GLY A 53 0.03 -11.54 2.29
C GLY A 53 0.98 -12.45 1.54
N GLN A 54 1.74 -11.88 0.61
CA GLN A 54 2.70 -12.66 -0.18
C GLN A 54 4.12 -12.24 0.15
N GLN A 55 5.06 -13.17 -0.04
CA GLN A 55 6.46 -12.91 0.23
C GLN A 55 7.05 -11.98 -0.83
N PHE A 56 6.87 -10.69 -0.65
CA PHE A 56 7.38 -9.69 -1.59
C PHE A 56 8.28 -8.68 -0.88
N THR A 57 8.84 -7.75 -1.65
CA THR A 57 9.71 -6.72 -1.09
C THR A 57 9.38 -5.36 -1.67
N SER A 58 9.74 -4.30 -0.94
CA SER A 58 9.48 -2.93 -1.37
C SER A 58 10.75 -2.30 -1.92
N ARG A 59 10.60 -1.54 -3.00
CA ARG A 59 11.73 -0.87 -3.62
C ARG A 59 11.35 0.54 -4.08
N ASP A 60 12.20 1.51 -3.78
CA ASP A 60 11.95 2.90 -4.17
C ASP A 60 10.53 3.32 -3.79
N GLU A 61 10.05 2.81 -2.65
CA GLU A 61 8.70 3.12 -2.18
C GLU A 61 7.64 2.55 -3.11
N ASP A 62 7.80 1.27 -3.46
CA ASP A 62 6.86 0.60 -4.34
C ASP A 62 6.88 -0.92 -4.12
N PRO A 63 5.70 -1.51 -3.93
CA PRO A 63 5.57 -2.95 -3.71
C PRO A 63 5.88 -3.76 -4.96
N TYR A 64 6.93 -4.57 -4.88
CA TYR A 64 7.34 -5.39 -6.01
C TYR A 64 7.42 -6.87 -5.61
N CYS A 65 6.84 -7.72 -6.43
CA CYS A 65 6.84 -9.16 -6.15
C CYS A 65 8.21 -9.77 -6.46
N VAL A 66 8.53 -10.87 -5.78
CA VAL A 66 9.81 -11.55 -5.99
C VAL A 66 10.10 -11.73 -7.47
N ALA A 67 9.07 -12.01 -8.25
CA ALA A 67 9.22 -12.21 -9.68
C ALA A 67 9.76 -10.96 -10.35
N CYS A 68 9.32 -9.79 -9.89
CA CYS A 68 9.77 -8.52 -10.45
C CYS A 68 11.08 -8.09 -9.81
N PHE A 69 11.14 -8.13 -8.48
CA PHE A 69 12.34 -7.74 -7.75
C PHE A 69 13.59 -8.33 -8.41
N GLY A 70 13.54 -9.63 -8.68
CA GLY A 70 14.67 -10.30 -9.31
C GLY A 70 14.57 -10.33 -10.81
N GLU A 71 13.89 -9.34 -11.38
CA GLU A 71 13.72 -9.27 -12.82
C GLU A 71 13.98 -7.85 -13.33
N LEU A 72 13.48 -6.87 -12.60
CA LEU A 72 13.66 -5.47 -12.97
C LEU A 72 15.00 -4.94 -12.47
N PHE A 73 15.16 -4.90 -11.15
CA PHE A 73 16.40 -4.42 -10.54
C PHE A 73 17.53 -5.42 -10.75
N ALA A 74 17.23 -6.69 -10.54
CA ALA A 74 18.23 -7.75 -10.71
C ALA A 74 18.71 -7.83 -12.16
N SER A 75 20.01 -7.65 -12.36
CA SER A 75 20.59 -7.69 -13.70
C SER A 75 20.50 -9.10 -14.28
N GLY A 76 19.34 -9.42 -14.83
CA GLY A 76 19.14 -10.73 -15.42
C GLY A 76 19.86 -10.90 -16.75
N PRO A 77 19.90 -12.14 -17.26
CA PRO A 77 20.56 -12.45 -18.54
C PRO A 77 19.82 -11.87 -19.73
N SER A 78 20.15 -10.63 -20.09
CA SER A 78 19.51 -9.96 -21.21
C SER A 78 20.42 -8.88 -21.79
N SER A 79 19.97 -8.26 -22.88
CA SER A 79 20.75 -7.22 -23.53
C SER A 79 21.48 -6.36 -22.50
N GLY A 80 20.72 -5.73 -21.62
CA GLY A 80 21.30 -4.89 -20.59
C GLY A 80 20.39 -3.74 -20.19
ZN ZN B . -7.58 1.53 -2.58
ZN ZN C . 5.64 -8.56 -10.10
N GLY A 1 6.93 36.51 29.76
CA GLY A 1 6.45 35.21 29.35
C GLY A 1 5.68 35.25 28.04
N SER A 2 6.02 34.35 27.13
CA SER A 2 5.37 34.29 25.83
C SER A 2 4.86 32.88 25.54
N SER A 3 3.54 32.71 25.59
CA SER A 3 2.92 31.43 25.35
C SER A 3 2.02 31.48 24.11
N GLY A 4 1.76 30.32 23.52
CA GLY A 4 0.92 30.25 22.34
C GLY A 4 -0.51 29.88 22.67
N SER A 5 -1.42 30.15 21.74
CA SER A 5 -2.84 29.85 21.94
C SER A 5 -3.41 29.14 20.72
N SER A 6 -3.40 27.81 20.74
CA SER A 6 -3.91 27.02 19.63
C SER A 6 -4.37 25.65 20.12
N GLY A 7 -5.60 25.27 19.74
CA GLY A 7 -6.14 23.99 20.15
C GLY A 7 -5.85 22.90 19.14
N PRO A 8 -5.40 21.73 19.63
CA PRO A 8 -5.07 20.59 18.78
C PRO A 8 -6.31 19.96 18.17
N CYS A 9 -6.71 20.45 17.00
CA CYS A 9 -7.89 19.93 16.31
C CYS A 9 -7.50 18.80 15.36
N TYR A 10 -7.69 17.56 15.83
CA TYR A 10 -7.35 16.39 15.03
C TYR A 10 -8.61 15.79 14.41
N GLU A 11 -8.41 14.78 13.57
CA GLU A 11 -9.53 14.12 12.90
C GLU A 11 -9.75 12.72 13.48
N ASN A 12 -10.51 12.66 14.57
CA ASN A 12 -10.81 11.38 15.21
C ASN A 12 -11.13 10.30 14.18
N LYS A 13 -10.28 9.28 14.10
CA LYS A 13 -10.48 8.19 13.16
C LYS A 13 -11.24 7.04 13.81
N PHE A 14 -11.92 6.25 12.99
CA PHE A 14 -12.68 5.11 13.49
C PHE A 14 -12.21 3.81 12.85
N ALA A 15 -11.45 3.93 11.77
CA ALA A 15 -10.93 2.77 11.07
C ALA A 15 -9.92 3.19 9.99
N PRO A 16 -9.06 2.24 9.60
CA PRO A 16 -8.02 2.47 8.59
C PRO A 16 -8.61 2.65 7.20
N ARG A 17 -7.95 3.46 6.38
CA ARG A 17 -8.41 3.71 5.01
C ARG A 17 -7.28 3.49 4.01
N CYS A 18 -7.63 2.89 2.86
CA CYS A 18 -6.64 2.62 1.82
C CYS A 18 -5.74 3.83 1.59
N ALA A 19 -4.44 3.61 1.66
CA ALA A 19 -3.48 4.69 1.44
C ALA A 19 -3.56 5.24 0.03
N ARG A 20 -4.21 4.49 -0.86
CA ARG A 20 -4.36 4.90 -2.24
C ARG A 20 -5.66 5.69 -2.44
N CYS A 21 -6.78 5.08 -2.07
CA CYS A 21 -8.09 5.72 -2.20
C CYS A 21 -8.47 6.43 -0.91
N SER A 22 -8.18 5.79 0.22
CA SER A 22 -8.51 6.37 1.52
C SER A 22 -10.01 6.39 1.75
N LYS A 23 -10.67 5.28 1.47
CA LYS A 23 -12.11 5.17 1.64
C LYS A 23 -12.46 4.55 3.00
N THR A 24 -12.28 3.24 3.10
CA THR A 24 -12.58 2.52 4.34
C THR A 24 -12.05 1.09 4.28
N LEU A 25 -11.69 0.55 5.44
CA LEU A 25 -11.17 -0.80 5.53
C LEU A 25 -11.82 -1.56 6.68
N THR A 26 -12.86 -2.33 6.38
CA THR A 26 -13.56 -3.10 7.39
C THR A 26 -13.43 -4.60 7.14
N GLN A 27 -13.89 -5.03 5.97
CA GLN A 27 -13.82 -6.45 5.60
C GLN A 27 -12.56 -6.73 4.78
N GLY A 28 -11.73 -7.63 5.27
CA GLY A 28 -10.51 -7.98 4.57
C GLY A 28 -9.64 -6.77 4.27
N GLY A 29 -8.64 -6.53 5.12
CA GLY A 29 -7.76 -5.40 4.91
C GLY A 29 -6.31 -5.74 5.16
N VAL A 30 -5.40 -4.98 4.55
CA VAL A 30 -3.98 -5.21 4.71
C VAL A 30 -3.23 -3.89 4.93
N THR A 31 -1.92 -4.00 5.17
CA THR A 31 -1.10 -2.82 5.41
C THR A 31 0.23 -2.93 4.68
N TYR A 32 0.55 -1.93 3.86
CA TYR A 32 1.79 -1.92 3.11
C TYR A 32 2.66 -0.73 3.50
N ARG A 33 3.84 -1.01 4.05
CA ARG A 33 4.76 0.04 4.47
C ARG A 33 4.18 0.84 5.64
N ASP A 34 3.80 0.12 6.71
CA ASP A 34 3.24 0.76 7.89
C ASP A 34 2.06 1.65 7.52
N GLN A 35 1.28 1.20 6.54
CA GLN A 35 0.11 1.95 6.09
C GLN A 35 -0.97 1.02 5.56
N PRO A 36 -2.24 1.40 5.79
CA PRO A 36 -3.39 0.60 5.34
C PRO A 36 -3.56 0.62 3.82
N TRP A 37 -3.69 -0.55 3.23
CA TRP A 37 -3.85 -0.67 1.78
C TRP A 37 -4.99 -1.62 1.44
N HIS A 38 -5.61 -1.39 0.29
CA HIS A 38 -6.73 -2.22 -0.16
C HIS A 38 -6.22 -3.53 -0.75
N ARG A 39 -6.63 -4.65 -0.15
CA ARG A 39 -6.22 -5.96 -0.61
C ARG A 39 -6.17 -6.01 -2.14
N GLU A 40 -7.12 -5.34 -2.79
CA GLU A 40 -7.17 -5.31 -4.24
C GLU A 40 -6.14 -4.34 -4.80
N CYS A 41 -6.07 -3.15 -4.22
CA CYS A 41 -5.13 -2.13 -4.66
C CYS A 41 -3.69 -2.62 -4.52
N LEU A 42 -3.35 -3.08 -3.32
CA LEU A 42 -2.01 -3.57 -3.05
C LEU A 42 -1.58 -4.60 -4.10
N VAL A 43 -0.89 -4.14 -5.13
CA VAL A 43 -0.42 -5.02 -6.19
C VAL A 43 0.98 -4.63 -6.65
N CYS A 44 1.68 -5.57 -7.28
CA CYS A 44 3.02 -5.33 -7.77
C CYS A 44 3.05 -4.15 -8.73
N THR A 45 4.11 -3.35 -8.65
CA THR A 45 4.25 -2.18 -9.51
C THR A 45 4.87 -2.56 -10.86
N GLY A 46 4.79 -3.84 -11.19
CA GLY A 46 5.33 -4.31 -12.45
C GLY A 46 4.38 -5.22 -13.20
N CYS A 47 3.97 -6.31 -12.56
CA CYS A 47 3.06 -7.26 -13.17
C CYS A 47 1.62 -7.01 -12.71
N GLN A 48 1.47 -6.13 -11.72
CA GLN A 48 0.15 -5.80 -11.19
C GLN A 48 -0.50 -7.02 -10.56
N THR A 49 0.24 -7.70 -9.70
CA THR A 49 -0.28 -8.89 -9.04
C THR A 49 -0.61 -8.61 -7.57
N PRO A 50 -1.71 -9.20 -7.09
CA PRO A 50 -2.17 -9.02 -5.71
C PRO A 50 -1.25 -9.70 -4.71
N LEU A 51 -0.56 -8.89 -3.91
CA LEU A 51 0.36 -9.40 -2.90
C LEU A 51 -0.34 -9.54 -1.55
N ALA A 52 -1.66 -9.50 -1.57
CA ALA A 52 -2.45 -9.63 -0.34
C ALA A 52 -1.93 -10.77 0.53
N GLY A 53 -1.07 -10.45 1.48
CA GLY A 53 -0.52 -11.47 2.35
C GLY A 53 0.43 -12.41 1.64
N GLN A 54 1.20 -11.87 0.70
CA GLN A 54 2.15 -12.66 -0.06
C GLN A 54 3.58 -12.21 0.20
N GLN A 55 4.53 -13.12 0.00
CA GLN A 55 5.93 -12.81 0.22
C GLN A 55 6.48 -11.93 -0.90
N PHE A 56 6.74 -10.67 -0.59
CA PHE A 56 7.27 -9.73 -1.57
C PHE A 56 8.16 -8.68 -0.90
N THR A 57 8.71 -7.79 -1.71
CA THR A 57 9.60 -6.74 -1.20
C THR A 57 9.24 -5.38 -1.80
N SER A 58 9.70 -4.32 -1.15
CA SER A 58 9.43 -2.96 -1.63
C SER A 58 10.71 -2.27 -2.07
N ARG A 59 10.61 -1.46 -3.11
CA ARG A 59 11.77 -0.74 -3.64
C ARG A 59 11.38 0.68 -4.05
N ASP A 60 12.20 1.64 -3.65
CA ASP A 60 11.95 3.04 -3.97
C ASP A 60 10.50 3.42 -3.67
N GLU A 61 9.99 2.93 -2.54
CA GLU A 61 8.62 3.21 -2.13
C GLU A 61 7.62 2.61 -3.12
N ASP A 62 7.84 1.34 -3.48
CA ASP A 62 6.96 0.66 -4.42
C ASP A 62 6.96 -0.85 -4.16
N PRO A 63 5.76 -1.40 -3.94
CA PRO A 63 5.60 -2.84 -3.67
C PRO A 63 5.87 -3.69 -4.90
N TYR A 64 6.94 -4.49 -4.82
CA TYR A 64 7.32 -5.36 -5.93
C TYR A 64 7.36 -6.82 -5.49
N CYS A 65 6.88 -7.71 -6.36
CA CYS A 65 6.85 -9.14 -6.06
C CYS A 65 8.19 -9.78 -6.39
N VAL A 66 8.51 -10.86 -5.69
CA VAL A 66 9.77 -11.57 -5.89
C VAL A 66 10.03 -11.78 -7.38
N ALA A 67 8.97 -12.10 -8.12
CA ALA A 67 9.09 -12.33 -9.56
C ALA A 67 9.65 -11.10 -10.27
N CYS A 68 9.24 -9.92 -9.82
CA CYS A 68 9.70 -8.67 -10.42
C CYS A 68 11.04 -8.25 -9.81
N PHE A 69 11.10 -8.20 -8.49
CA PHE A 69 12.32 -7.82 -7.80
C PHE A 69 13.54 -8.51 -8.39
N GLY A 70 13.44 -9.82 -8.56
CA GLY A 70 14.53 -10.58 -9.13
C GLY A 70 14.46 -10.68 -10.63
N GLU A 71 13.86 -9.66 -11.26
CA GLU A 71 13.73 -9.64 -12.72
C GLU A 71 14.09 -8.27 -13.27
N LEU A 72 13.59 -7.22 -12.63
CA LEU A 72 13.85 -5.86 -13.05
C LEU A 72 15.23 -5.39 -12.57
N PHE A 73 15.42 -5.42 -11.25
CA PHE A 73 16.69 -5.01 -10.67
C PHE A 73 17.75 -6.09 -10.82
N ALA A 74 17.35 -7.33 -10.57
CA ALA A 74 18.27 -8.47 -10.69
C ALA A 74 18.16 -9.12 -12.07
N SER A 75 19.30 -9.46 -12.65
CA SER A 75 19.33 -10.08 -13.96
C SER A 75 20.36 -11.21 -14.00
N GLY A 76 20.25 -12.07 -15.02
CA GLY A 76 21.17 -13.19 -15.15
C GLY A 76 21.85 -13.22 -16.49
N PRO A 77 21.13 -13.68 -17.52
CA PRO A 77 21.65 -13.78 -18.89
C PRO A 77 21.85 -12.40 -19.52
N SER A 78 23.06 -12.16 -20.03
CA SER A 78 23.37 -10.89 -20.67
C SER A 78 23.49 -11.05 -22.18
N SER A 79 22.84 -10.16 -22.92
CA SER A 79 22.88 -10.20 -24.38
C SER A 79 24.16 -9.58 -24.91
N GLY A 80 24.33 -9.62 -26.23
CA GLY A 80 25.51 -9.06 -26.84
C GLY A 80 26.79 -9.77 -26.41
ZN ZN B . -7.66 1.51 -2.62
ZN ZN C . 5.59 -8.55 -10.05
N GLY A 1 24.11 18.68 7.82
CA GLY A 1 22.86 18.29 7.20
C GLY A 1 21.89 17.67 8.18
N SER A 2 20.87 18.43 8.56
CA SER A 2 19.86 17.95 9.51
C SER A 2 18.46 18.27 9.02
N SER A 3 17.73 17.22 8.62
CA SER A 3 16.37 17.38 8.12
C SER A 3 15.43 16.36 8.75
N GLY A 4 14.16 16.72 8.86
CA GLY A 4 13.18 15.82 9.45
C GLY A 4 11.95 16.55 9.95
N SER A 5 10.78 16.16 9.45
CA SER A 5 9.53 16.78 9.84
C SER A 5 8.34 15.99 9.31
N SER A 6 7.50 15.52 10.24
CA SER A 6 6.32 14.74 9.86
C SER A 6 5.10 15.19 10.66
N GLY A 7 4.00 15.46 9.97
CA GLY A 7 2.79 15.90 10.63
C GLY A 7 2.56 15.18 11.94
N PRO A 8 2.89 15.84 13.06
CA PRO A 8 2.72 15.28 14.40
C PRO A 8 1.26 15.14 14.80
N CYS A 9 0.37 15.45 13.86
CA CYS A 9 -1.06 15.37 14.11
C CYS A 9 -1.79 14.68 12.96
N TYR A 10 -2.75 13.83 13.29
CA TYR A 10 -3.52 13.10 12.29
C TYR A 10 -4.97 12.93 12.71
N GLU A 11 -5.89 13.39 11.87
CA GLU A 11 -7.31 13.28 12.17
C GLU A 11 -8.00 12.33 11.19
N ASN A 12 -8.37 11.15 11.68
CA ASN A 12 -9.03 10.16 10.85
C ASN A 12 -10.06 9.37 11.66
N LYS A 13 -10.91 8.62 10.96
CA LYS A 13 -11.93 7.81 11.62
C LYS A 13 -11.30 6.63 12.36
N PHE A 14 -12.03 6.10 13.33
CA PHE A 14 -11.55 4.96 14.12
C PHE A 14 -11.04 3.85 13.21
N ALA A 15 -11.45 3.90 11.95
CA ALA A 15 -11.04 2.89 10.97
C ALA A 15 -10.10 3.49 9.93
N PRO A 16 -9.13 2.69 9.48
CA PRO A 16 -8.14 3.12 8.48
C PRO A 16 -8.76 3.30 7.10
N ARG A 17 -7.94 3.74 6.15
CA ARG A 17 -8.42 3.96 4.79
C ARG A 17 -7.31 3.69 3.78
N CYS A 18 -7.66 3.07 2.65
CA CYS A 18 -6.69 2.76 1.61
C CYS A 18 -5.76 3.93 1.36
N ALA A 19 -4.46 3.68 1.46
CA ALA A 19 -3.46 4.72 1.23
C ALA A 19 -3.52 5.25 -0.20
N ARG A 20 -4.21 4.51 -1.07
CA ARG A 20 -4.34 4.90 -2.46
C ARG A 20 -5.61 5.73 -2.68
N CYS A 21 -6.75 5.15 -2.34
CA CYS A 21 -8.03 5.83 -2.49
C CYS A 21 -8.41 6.57 -1.21
N SER A 22 -8.14 5.95 -0.07
CA SER A 22 -8.46 6.55 1.22
C SER A 22 -9.96 6.56 1.46
N LYS A 23 -10.60 5.41 1.26
CA LYS A 23 -12.04 5.29 1.46
C LYS A 23 -12.36 4.70 2.83
N THR A 24 -12.11 3.41 2.99
CA THR A 24 -12.37 2.72 4.25
C THR A 24 -11.80 1.31 4.23
N LEU A 25 -11.51 0.78 5.41
CA LEU A 25 -10.96 -0.56 5.55
C LEU A 25 -11.44 -1.23 6.82
N THR A 26 -12.29 -2.24 6.67
CA THR A 26 -12.83 -2.97 7.81
C THR A 26 -12.72 -4.48 7.61
N GLN A 27 -13.38 -4.98 6.58
CA GLN A 27 -13.35 -6.40 6.28
C GLN A 27 -11.93 -6.87 5.96
N GLY A 28 -11.26 -7.46 6.95
CA GLY A 28 -9.90 -7.93 6.75
C GLY A 28 -8.97 -6.82 6.29
N GLY A 29 -8.80 -6.70 4.97
CA GLY A 29 -7.92 -5.68 4.44
C GLY A 29 -6.46 -6.01 4.63
N VAL A 30 -5.59 -5.07 4.28
CA VAL A 30 -4.15 -5.26 4.41
C VAL A 30 -3.44 -3.94 4.68
N THR A 31 -2.14 -4.02 4.99
CA THR A 31 -1.35 -2.84 5.27
C THR A 31 0.04 -2.96 4.66
N TYR A 32 0.37 -2.01 3.78
CA TYR A 32 1.67 -2.01 3.11
C TYR A 32 2.54 -0.86 3.62
N ARG A 33 3.84 -1.11 3.73
CA ARG A 33 4.78 -0.09 4.20
C ARG A 33 4.24 0.59 5.46
N ASP A 34 3.70 -0.20 6.37
CA ASP A 34 3.15 0.33 7.61
C ASP A 34 1.97 1.26 7.34
N GLN A 35 1.29 1.02 6.23
CA GLN A 35 0.13 1.85 5.85
C GLN A 35 -1.01 0.97 5.35
N PRO A 36 -2.25 1.43 5.61
CA PRO A 36 -3.46 0.70 5.20
C PRO A 36 -3.65 0.73 3.69
N TRP A 37 -3.82 -0.46 3.10
CA TRP A 37 -4.02 -0.58 1.66
C TRP A 37 -5.20 -1.49 1.36
N HIS A 38 -5.79 -1.30 0.18
CA HIS A 38 -6.93 -2.12 -0.24
C HIS A 38 -6.46 -3.45 -0.81
N ARG A 39 -6.87 -4.53 -0.17
CA ARG A 39 -6.50 -5.88 -0.61
C ARG A 39 -6.43 -5.95 -2.13
N GLU A 40 -7.39 -5.29 -2.79
CA GLU A 40 -7.45 -5.28 -4.25
C GLU A 40 -6.38 -4.36 -4.83
N CYS A 41 -6.32 -3.14 -4.31
CA CYS A 41 -5.35 -2.16 -4.77
C CYS A 41 -3.93 -2.68 -4.63
N LEU A 42 -3.58 -3.12 -3.42
CA LEU A 42 -2.24 -3.64 -3.15
C LEU A 42 -1.83 -4.63 -4.23
N VAL A 43 -0.96 -4.20 -5.14
CA VAL A 43 -0.49 -5.05 -6.22
C VAL A 43 0.91 -4.61 -6.68
N CYS A 44 1.65 -5.55 -7.25
CA CYS A 44 2.99 -5.27 -7.73
C CYS A 44 2.99 -4.07 -8.66
N THR A 45 4.13 -3.37 -8.73
CA THR A 45 4.26 -2.20 -9.58
C THR A 45 4.88 -2.56 -10.93
N GLY A 46 4.81 -3.84 -11.28
CA GLY A 46 5.37 -4.30 -12.54
C GLY A 46 4.42 -5.21 -13.30
N CYS A 47 4.01 -6.30 -12.65
CA CYS A 47 3.09 -7.25 -13.27
C CYS A 47 1.66 -7.02 -12.80
N GLN A 48 1.51 -6.16 -11.80
CA GLN A 48 0.18 -5.85 -11.26
C GLN A 48 -0.45 -7.08 -10.64
N THR A 49 0.29 -7.76 -9.76
CA THR A 49 -0.20 -8.96 -9.10
C THR A 49 -0.58 -8.68 -7.66
N PRO A 50 -1.68 -9.29 -7.19
CA PRO A 50 -2.17 -9.10 -5.82
C PRO A 50 -1.26 -9.77 -4.79
N LEU A 51 -0.47 -8.95 -4.10
CA LEU A 51 0.46 -9.46 -3.09
C LEU A 51 -0.27 -9.67 -1.76
N ALA A 52 -1.59 -9.64 -1.79
CA ALA A 52 -2.39 -9.83 -0.59
C ALA A 52 -1.93 -11.05 0.19
N GLY A 53 -1.13 -10.81 1.22
CA GLY A 53 -0.61 -11.89 2.04
C GLY A 53 0.37 -12.78 1.30
N GLN A 54 1.17 -12.15 0.43
CA GLN A 54 2.16 -12.90 -0.35
C GLN A 54 3.57 -12.42 -0.03
N GLN A 55 4.55 -13.28 -0.28
CA GLN A 55 5.95 -12.94 -0.01
C GLN A 55 6.49 -12.00 -1.08
N PHE A 56 6.74 -10.76 -0.69
CA PHE A 56 7.26 -9.75 -1.60
C PHE A 56 8.16 -8.76 -0.86
N THR A 57 8.72 -7.81 -1.62
CA THR A 57 9.59 -6.80 -1.04
C THR A 57 9.26 -5.41 -1.58
N SER A 58 9.57 -4.39 -0.80
CA SER A 58 9.31 -3.01 -1.20
C SER A 58 10.58 -2.35 -1.73
N ARG A 59 10.41 -1.54 -2.78
CA ARG A 59 11.54 -0.84 -3.37
C ARG A 59 11.16 0.58 -3.78
N ASP A 60 11.98 1.55 -3.40
CA ASP A 60 11.73 2.94 -3.71
C ASP A 60 10.28 3.31 -3.43
N GLU A 61 9.75 2.81 -2.32
CA GLU A 61 8.37 3.09 -1.93
C GLU A 61 7.39 2.49 -2.94
N ASP A 62 7.63 1.24 -3.31
CA ASP A 62 6.78 0.55 -4.27
C ASP A 62 6.81 -0.97 -4.06
N PRO A 63 5.63 -1.57 -3.86
CA PRO A 63 5.51 -3.01 -3.64
C PRO A 63 5.83 -3.82 -4.89
N TYR A 64 6.93 -4.57 -4.83
CA TYR A 64 7.35 -5.40 -5.96
C TYR A 64 7.42 -6.87 -5.57
N CYS A 65 6.81 -7.72 -6.39
CA CYS A 65 6.80 -9.15 -6.14
C CYS A 65 8.17 -9.78 -6.42
N VAL A 66 8.49 -10.83 -5.69
CA VAL A 66 9.77 -11.52 -5.86
C VAL A 66 10.08 -11.73 -7.34
N ALA A 67 9.04 -11.98 -8.13
CA ALA A 67 9.19 -12.21 -9.56
C ALA A 67 9.77 -10.98 -10.24
N CYS A 68 9.32 -9.80 -9.81
CA CYS A 68 9.80 -8.55 -10.39
C CYS A 68 11.09 -8.09 -9.73
N PHE A 69 11.10 -8.08 -8.40
CA PHE A 69 12.28 -7.67 -7.64
C PHE A 69 13.54 -8.33 -8.21
N GLY A 70 13.47 -9.63 -8.41
CA GLY A 70 14.61 -10.37 -8.94
C GLY A 70 14.62 -10.41 -10.45
N GLU A 71 14.01 -9.40 -11.08
CA GLU A 71 13.95 -9.32 -12.53
C GLU A 71 14.29 -7.92 -13.02
N LEU A 72 13.87 -6.92 -12.26
CA LEU A 72 14.12 -5.52 -12.62
C LEU A 72 15.40 -5.03 -11.97
N PHE A 73 15.45 -5.06 -10.64
CA PHE A 73 16.62 -4.61 -9.90
C PHE A 73 17.80 -5.55 -10.11
N ALA A 74 17.51 -6.86 -10.06
CA ALA A 74 18.55 -7.87 -10.25
C ALA A 74 19.24 -7.71 -11.60
N SER A 75 18.44 -7.61 -12.66
CA SER A 75 18.97 -7.45 -14.00
C SER A 75 19.56 -6.05 -14.20
N GLY A 76 20.50 -5.94 -15.14
CA GLY A 76 21.12 -4.65 -15.41
C GLY A 76 22.59 -4.79 -15.76
N PRO A 77 22.99 -4.13 -16.86
CA PRO A 77 24.38 -4.16 -17.33
C PRO A 77 25.33 -3.41 -16.39
N SER A 78 24.80 -2.93 -15.28
CA SER A 78 25.60 -2.20 -14.31
C SER A 78 25.41 -2.77 -12.91
N SER A 79 26.28 -2.36 -11.99
CA SER A 79 26.22 -2.84 -10.61
C SER A 79 25.83 -4.32 -10.57
N GLY A 80 26.42 -5.10 -11.46
CA GLY A 80 26.12 -6.52 -11.50
C GLY A 80 25.03 -6.86 -12.49
ZN ZN B . -7.77 1.58 -2.81
ZN ZN C . 5.61 -8.37 -10.13
N GLY A 1 -21.39 42.40 -5.54
CA GLY A 1 -20.91 41.40 -4.60
C GLY A 1 -21.59 40.06 -4.80
N SER A 2 -20.82 39.07 -5.22
CA SER A 2 -21.35 37.73 -5.45
C SER A 2 -20.40 36.66 -4.89
N SER A 3 -20.97 35.71 -4.15
CA SER A 3 -20.18 34.64 -3.55
C SER A 3 -20.97 33.34 -3.54
N GLY A 4 -20.28 32.25 -3.22
CA GLY A 4 -20.93 30.94 -3.17
C GLY A 4 -21.03 30.40 -1.76
N SER A 5 -21.32 29.11 -1.65
CA SER A 5 -21.45 28.47 -0.34
C SER A 5 -21.35 26.95 -0.46
N SER A 6 -21.02 26.29 0.64
CA SER A 6 -20.88 24.84 0.66
C SER A 6 -21.30 24.27 2.00
N GLY A 7 -21.27 22.95 2.12
CA GLY A 7 -21.64 22.30 3.36
C GLY A 7 -21.33 20.81 3.35
N PRO A 8 -20.04 20.47 3.53
CA PRO A 8 -19.59 19.08 3.55
C PRO A 8 -20.06 18.33 4.80
N CYS A 9 -20.12 17.01 4.70
CA CYS A 9 -20.55 16.18 5.82
C CYS A 9 -19.49 16.15 6.92
N TYR A 10 -19.80 15.46 8.01
CA TYR A 10 -18.88 15.35 9.14
C TYR A 10 -19.10 14.05 9.90
N GLU A 11 -18.05 13.26 10.02
CA GLU A 11 -18.13 11.98 10.73
C GLU A 11 -16.87 11.73 11.54
N ASN A 12 -17.04 11.18 12.74
CA ASN A 12 -15.91 10.90 13.62
C ASN A 12 -15.78 9.39 13.86
N LYS A 13 -15.16 8.70 12.92
CA LYS A 13 -14.96 7.26 13.03
C LYS A 13 -13.48 6.90 12.98
N PHE A 14 -13.12 5.81 13.64
CA PHE A 14 -11.73 5.36 13.67
C PHE A 14 -11.56 4.06 12.89
N ALA A 15 -10.95 4.16 11.72
CA ALA A 15 -10.72 3.00 10.86
C ALA A 15 -9.70 3.31 9.78
N PRO A 16 -8.90 2.29 9.41
CA PRO A 16 -7.87 2.43 8.38
C PRO A 16 -8.47 2.59 6.99
N ARG A 17 -7.83 3.41 6.16
CA ARG A 17 -8.29 3.65 4.80
C ARG A 17 -7.20 3.35 3.78
N CYS A 18 -7.58 2.74 2.67
CA CYS A 18 -6.63 2.40 1.62
C CYS A 18 -5.67 3.55 1.36
N ALA A 19 -4.37 3.26 1.43
CA ALA A 19 -3.35 4.27 1.20
C ALA A 19 -3.47 4.86 -0.21
N ARG A 20 -4.19 4.16 -1.08
CA ARG A 20 -4.37 4.62 -2.45
C ARG A 20 -5.65 5.45 -2.58
N CYS A 21 -6.79 4.81 -2.34
CA CYS A 21 -8.08 5.49 -2.43
C CYS A 21 -8.40 6.23 -1.13
N SER A 22 -8.04 5.62 -0.01
CA SER A 22 -8.29 6.23 1.30
C SER A 22 -9.79 6.33 1.57
N LYS A 23 -10.51 5.24 1.35
CA LYS A 23 -11.95 5.21 1.57
C LYS A 23 -12.27 4.63 2.94
N THR A 24 -12.21 3.30 3.05
CA THR A 24 -12.50 2.62 4.31
C THR A 24 -12.05 1.16 4.26
N LEU A 25 -11.63 0.64 5.41
CA LEU A 25 -11.19 -0.75 5.50
C LEU A 25 -11.78 -1.44 6.72
N THR A 26 -13.06 -1.17 6.98
CA THR A 26 -13.75 -1.77 8.11
C THR A 26 -13.92 -3.28 7.93
N GLN A 27 -14.58 -3.66 6.84
CA GLN A 27 -14.81 -5.07 6.54
C GLN A 27 -13.53 -5.88 6.72
N GLY A 28 -12.45 -5.39 6.13
CA GLY A 28 -11.17 -6.09 6.24
C GLY A 28 -10.29 -5.87 5.02
N GLY A 29 -8.99 -5.80 5.24
CA GLY A 29 -8.06 -5.60 4.14
C GLY A 29 -6.64 -6.01 4.49
N VAL A 30 -5.69 -5.16 4.17
CA VAL A 30 -4.28 -5.43 4.46
C VAL A 30 -3.51 -4.14 4.73
N THR A 31 -2.24 -4.29 5.09
CA THR A 31 -1.39 -3.14 5.37
C THR A 31 0.00 -3.31 4.76
N TYR A 32 0.43 -2.31 4.00
CA TYR A 32 1.74 -2.36 3.36
C TYR A 32 2.60 -1.18 3.80
N ARG A 33 3.79 -1.49 4.32
CA ARG A 33 4.71 -0.46 4.80
C ARG A 33 4.09 0.35 5.92
N ASP A 34 3.63 -0.34 6.96
CA ASP A 34 3.01 0.33 8.10
C ASP A 34 1.89 1.26 7.65
N GLN A 35 1.19 0.87 6.59
CA GLN A 35 0.10 1.66 6.05
C GLN A 35 -1.03 0.77 5.53
N PRO A 36 -2.28 1.23 5.72
CA PRO A 36 -3.47 0.48 5.28
C PRO A 36 -3.60 0.46 3.76
N TRP A 37 -3.75 -0.73 3.20
CA TRP A 37 -3.88 -0.89 1.75
C TRP A 37 -5.06 -1.79 1.42
N HIS A 38 -5.63 -1.61 0.22
CA HIS A 38 -6.76 -2.42 -0.22
C HIS A 38 -6.28 -3.75 -0.79
N ARG A 39 -6.62 -4.83 -0.11
CA ARG A 39 -6.22 -6.16 -0.55
C ARG A 39 -6.20 -6.25 -2.07
N GLU A 40 -7.16 -5.57 -2.70
CA GLU A 40 -7.25 -5.57 -4.16
C GLU A 40 -6.23 -4.62 -4.78
N CYS A 41 -6.17 -3.40 -4.24
CA CYS A 41 -5.24 -2.40 -4.74
C CYS A 41 -3.80 -2.89 -4.60
N LEU A 42 -3.43 -3.27 -3.39
CA LEU A 42 -2.07 -3.75 -3.13
C LEU A 42 -1.63 -4.76 -4.18
N VAL A 43 -0.93 -4.28 -5.19
CA VAL A 43 -0.44 -5.13 -6.27
C VAL A 43 0.94 -4.68 -6.74
N CYS A 44 1.71 -5.63 -7.26
CA CYS A 44 3.05 -5.34 -7.76
C CYS A 44 3.04 -4.12 -8.67
N THR A 45 4.13 -3.35 -8.63
CA THR A 45 4.24 -2.16 -9.45
C THR A 45 4.85 -2.48 -10.82
N GLY A 46 4.77 -3.75 -11.20
CA GLY A 46 5.32 -4.16 -12.48
C GLY A 46 4.38 -5.09 -13.25
N CYS A 47 3.99 -6.19 -12.60
CA CYS A 47 3.09 -7.15 -13.23
C CYS A 47 1.65 -6.95 -12.75
N GLN A 48 1.49 -6.09 -11.74
CA GLN A 48 0.18 -5.81 -11.19
C GLN A 48 -0.44 -7.06 -10.58
N THR A 49 0.33 -7.74 -9.74
CA THR A 49 -0.14 -8.96 -9.09
C THR A 49 -0.45 -8.71 -7.62
N PRO A 50 -1.53 -9.35 -7.13
CA PRO A 50 -1.96 -9.21 -5.73
C PRO A 50 -1.00 -9.88 -4.76
N LEU A 51 -0.31 -9.07 -3.96
CA LEU A 51 0.64 -9.60 -2.98
C LEU A 51 -0.04 -9.88 -1.66
N ALA A 52 -1.37 -9.94 -1.68
CA ALA A 52 -2.14 -10.21 -0.48
C ALA A 52 -1.61 -11.42 0.26
N GLY A 53 -0.80 -11.17 1.30
CA GLY A 53 -0.22 -12.26 2.07
C GLY A 53 0.79 -13.06 1.28
N GLN A 54 1.55 -12.37 0.43
CA GLN A 54 2.55 -13.03 -0.39
C GLN A 54 3.95 -12.48 -0.09
N GLN A 55 4.97 -13.29 -0.34
CA GLN A 55 6.35 -12.89 -0.09
C GLN A 55 6.83 -11.91 -1.16
N PHE A 56 6.98 -10.65 -0.76
CA PHE A 56 7.43 -9.61 -1.68
C PHE A 56 8.32 -8.61 -0.96
N THR A 57 8.84 -7.63 -1.71
CA THR A 57 9.70 -6.60 -1.15
C THR A 57 9.36 -5.23 -1.71
N SER A 58 9.73 -4.19 -0.98
CA SER A 58 9.46 -2.81 -1.39
C SER A 58 10.72 -2.17 -1.96
N ARG A 59 10.55 -1.38 -3.02
CA ARG A 59 11.66 -0.70 -3.66
C ARG A 59 11.27 0.72 -4.07
N ASP A 60 12.13 1.68 -3.75
CA ASP A 60 11.88 3.08 -4.09
C ASP A 60 10.45 3.48 -3.73
N GLU A 61 9.98 2.98 -2.58
CA GLU A 61 8.63 3.29 -2.12
C GLU A 61 7.59 2.67 -3.05
N ASP A 62 7.82 1.44 -3.46
CA ASP A 62 6.91 0.73 -4.35
C ASP A 62 6.94 -0.77 -4.09
N PRO A 63 5.76 -1.36 -3.84
CA PRO A 63 5.63 -2.79 -3.57
C PRO A 63 5.90 -3.64 -4.81
N TYR A 64 7.02 -4.36 -4.80
CA TYR A 64 7.39 -5.21 -5.92
C TYR A 64 7.44 -6.67 -5.50
N CYS A 65 6.94 -7.55 -6.36
CA CYS A 65 6.93 -8.98 -6.09
C CYS A 65 8.28 -9.61 -6.41
N VAL A 66 8.63 -10.68 -5.69
CA VAL A 66 9.89 -11.37 -5.92
C VAL A 66 10.14 -11.60 -7.39
N ALA A 67 9.07 -11.86 -8.15
CA ALA A 67 9.18 -12.08 -9.58
C ALA A 67 9.74 -10.86 -10.29
N CYS A 68 9.33 -9.68 -9.84
CA CYS A 68 9.78 -8.42 -10.44
C CYS A 68 11.11 -7.99 -9.83
N PHE A 69 11.18 -7.99 -8.50
CA PHE A 69 12.40 -7.59 -7.80
C PHE A 69 13.62 -8.28 -8.40
N GLY A 70 13.49 -9.58 -8.63
CA GLY A 70 14.60 -10.33 -9.21
C GLY A 70 14.53 -10.42 -10.71
N GLU A 71 13.92 -9.41 -11.34
CA GLU A 71 13.78 -9.38 -12.79
C GLU A 71 14.10 -7.99 -13.33
N LEU A 72 13.57 -6.97 -12.69
CA LEU A 72 13.81 -5.59 -13.11
C LEU A 72 15.18 -5.10 -12.63
N PHE A 73 15.34 -5.01 -11.32
CA PHE A 73 16.59 -4.56 -10.73
C PHE A 73 17.70 -5.59 -10.96
N ALA A 74 17.37 -6.86 -10.74
CA ALA A 74 18.33 -7.94 -10.92
C ALA A 74 18.36 -8.41 -12.37
N SER A 75 19.51 -8.23 -13.02
CA SER A 75 19.66 -8.64 -14.41
C SER A 75 19.63 -10.15 -14.54
N GLY A 76 20.37 -10.84 -13.68
CA GLY A 76 20.41 -12.29 -13.71
C GLY A 76 21.80 -12.83 -13.42
N PRO A 77 21.87 -14.14 -13.15
CA PRO A 77 23.13 -14.82 -12.85
C PRO A 77 24.05 -14.91 -14.05
N SER A 78 23.52 -15.41 -15.17
CA SER A 78 24.28 -15.55 -16.40
C SER A 78 23.86 -14.51 -17.42
N SER A 79 23.65 -13.28 -16.97
CA SER A 79 23.24 -12.19 -17.85
C SER A 79 21.93 -12.53 -18.55
N GLY A 80 21.00 -13.11 -17.80
CA GLY A 80 19.71 -13.47 -18.37
C GLY A 80 18.63 -12.47 -18.04
ZN ZN B . -7.78 1.26 -2.79
ZN ZN C . 5.68 -8.45 -10.13
N GLY A 1 -18.66 40.80 25.81
CA GLY A 1 -19.15 40.78 24.45
C GLY A 1 -18.44 39.76 23.58
N SER A 2 -18.87 38.51 23.66
CA SER A 2 -18.27 37.43 22.88
C SER A 2 -19.33 36.50 22.32
N SER A 3 -19.57 36.60 21.01
CA SER A 3 -20.56 35.76 20.35
C SER A 3 -19.98 35.13 19.08
N GLY A 4 -20.14 33.81 18.96
CA GLY A 4 -19.64 33.11 17.79
C GLY A 4 -19.17 31.70 18.12
N SER A 5 -20.04 30.73 17.91
CA SER A 5 -19.72 29.33 18.19
C SER A 5 -20.54 28.40 17.31
N SER A 6 -19.86 27.71 16.41
CA SER A 6 -20.53 26.78 15.50
C SER A 6 -20.92 25.49 16.22
N GLY A 7 -19.93 24.84 16.82
CA GLY A 7 -20.18 23.60 17.53
C GLY A 7 -19.30 22.46 17.05
N PRO A 8 -18.56 21.85 17.99
CA PRO A 8 -17.66 20.74 17.67
C PRO A 8 -18.42 19.46 17.31
N CYS A 9 -18.31 19.05 16.05
CA CYS A 9 -18.99 17.85 15.57
C CYS A 9 -18.00 16.71 15.38
N TYR A 10 -18.35 15.53 15.88
CA TYR A 10 -17.50 14.36 15.77
C TYR A 10 -18.31 13.07 15.88
N GLU A 11 -17.65 11.94 15.69
CA GLU A 11 -18.31 10.64 15.77
C GLU A 11 -17.47 9.65 16.57
N ASN A 12 -18.08 8.52 16.92
CA ASN A 12 -17.38 7.50 17.69
C ASN A 12 -16.70 6.48 16.77
N LYS A 13 -17.51 5.81 15.95
CA LYS A 13 -16.98 4.82 15.02
C LYS A 13 -15.84 5.40 14.19
N PHE A 14 -14.76 4.64 14.08
CA PHE A 14 -13.59 5.08 13.32
C PHE A 14 -12.86 3.89 12.72
N ALA A 15 -12.38 4.05 11.48
CA ALA A 15 -11.66 3.00 10.80
C ALA A 15 -10.64 3.57 9.81
N PRO A 16 -9.66 2.76 9.44
CA PRO A 16 -8.61 3.16 8.48
C PRO A 16 -9.14 3.33 7.07
N ARG A 17 -8.28 3.80 6.17
CA ARG A 17 -8.67 4.01 4.78
C ARG A 17 -7.49 3.77 3.85
N CYS A 18 -7.76 3.12 2.72
CA CYS A 18 -6.72 2.82 1.73
C CYS A 18 -5.79 4.01 1.55
N ALA A 19 -4.49 3.78 1.73
CA ALA A 19 -3.50 4.83 1.58
C ALA A 19 -3.47 5.36 0.14
N ARG A 20 -4.06 4.60 -0.77
CA ARG A 20 -4.10 4.98 -2.17
C ARG A 20 -5.34 5.81 -2.48
N CYS A 21 -6.51 5.24 -2.21
CA CYS A 21 -7.77 5.94 -2.44
C CYS A 21 -8.26 6.63 -1.18
N SER A 22 -8.07 5.97 -0.04
CA SER A 22 -8.51 6.52 1.23
C SER A 22 -10.02 6.51 1.36
N LYS A 23 -10.63 5.36 1.07
CA LYS A 23 -12.08 5.21 1.14
C LYS A 23 -12.49 4.63 2.48
N THR A 24 -12.28 3.33 2.65
CA THR A 24 -12.63 2.66 3.90
C THR A 24 -12.05 1.24 3.94
N LEU A 25 -11.88 0.71 5.15
CA LEU A 25 -11.33 -0.63 5.32
C LEU A 25 -11.94 -1.30 6.55
N THR A 26 -12.78 -2.30 6.31
CA THR A 26 -13.43 -3.03 7.40
C THR A 26 -13.37 -4.54 7.16
N GLN A 27 -13.52 -4.94 5.90
CA GLN A 27 -13.48 -6.36 5.55
C GLN A 27 -12.05 -6.80 5.26
N GLY A 28 -11.50 -7.62 6.15
CA GLY A 28 -10.15 -8.11 5.98
C GLY A 28 -9.14 -6.99 5.85
N GLY A 29 -9.05 -6.41 4.66
CA GLY A 29 -8.11 -5.33 4.42
C GLY A 29 -6.69 -5.71 4.77
N VAL A 30 -5.73 -4.92 4.28
CA VAL A 30 -4.33 -5.18 4.56
C VAL A 30 -3.57 -3.88 4.84
N THR A 31 -2.29 -4.01 5.17
CA THR A 31 -1.46 -2.85 5.48
C THR A 31 -0.07 -3.00 4.87
N TYR A 32 0.36 -1.97 4.14
CA TYR A 32 1.68 -1.99 3.50
C TYR A 32 2.53 -0.83 3.99
N ARG A 33 3.69 -1.14 4.55
CA ARG A 33 4.60 -0.11 5.06
C ARG A 33 3.95 0.69 6.19
N ASP A 34 3.46 -0.03 7.20
CA ASP A 34 2.81 0.61 8.34
C ASP A 34 1.70 1.54 7.88
N GLN A 35 0.97 1.12 6.85
CA GLN A 35 -0.13 1.91 6.31
C GLN A 35 -1.22 1.02 5.74
N PRO A 36 -2.48 1.44 5.93
CA PRO A 36 -3.65 0.68 5.43
C PRO A 36 -3.76 0.72 3.92
N TRP A 37 -3.89 -0.47 3.32
CA TRP A 37 -4.01 -0.57 1.86
C TRP A 37 -5.17 -1.48 1.48
N HIS A 38 -5.72 -1.26 0.28
CA HIS A 38 -6.83 -2.06 -0.20
C HIS A 38 -6.34 -3.40 -0.74
N ARG A 39 -6.81 -4.48 -0.12
CA ARG A 39 -6.41 -5.83 -0.54
C ARG A 39 -6.35 -5.92 -2.05
N GLU A 40 -7.23 -5.18 -2.73
CA GLU A 40 -7.27 -5.19 -4.19
C GLU A 40 -6.20 -4.27 -4.77
N CYS A 41 -6.08 -3.08 -4.20
CA CYS A 41 -5.11 -2.09 -4.66
C CYS A 41 -3.68 -2.64 -4.50
N LEU A 42 -3.37 -3.10 -3.29
CA LEU A 42 -2.04 -3.64 -3.01
C LEU A 42 -1.64 -4.68 -4.05
N VAL A 43 -0.87 -4.24 -5.04
CA VAL A 43 -0.42 -5.13 -6.10
C VAL A 43 0.96 -4.71 -6.63
N CYS A 44 1.67 -5.65 -7.21
CA CYS A 44 3.00 -5.39 -7.75
C CYS A 44 2.98 -4.15 -8.66
N THR A 45 4.11 -3.45 -8.72
CA THR A 45 4.21 -2.25 -9.54
C THR A 45 4.78 -2.59 -10.92
N GLY A 46 4.70 -3.86 -11.29
CA GLY A 46 5.21 -4.28 -12.59
C GLY A 46 4.27 -5.24 -13.30
N CYS A 47 3.93 -6.34 -12.62
CA CYS A 47 3.02 -7.33 -13.19
C CYS A 47 1.59 -7.11 -12.71
N GLN A 48 1.44 -6.32 -11.65
CA GLN A 48 0.13 -6.03 -11.10
C GLN A 48 -0.48 -7.28 -10.47
N THR A 49 0.25 -7.88 -9.53
CA THR A 49 -0.22 -9.08 -8.85
C THR A 49 -0.56 -8.78 -7.40
N PRO A 50 -1.64 -9.40 -6.90
CA PRO A 50 -2.10 -9.22 -5.52
C PRO A 50 -1.15 -9.86 -4.51
N LEU A 51 -0.38 -9.04 -3.83
CA LEU A 51 0.57 -9.53 -2.82
C LEU A 51 -0.12 -9.74 -1.48
N ALA A 52 -1.44 -9.77 -1.49
CA ALA A 52 -2.22 -9.96 -0.27
C ALA A 52 -1.69 -11.14 0.53
N GLY A 53 -0.88 -10.83 1.54
CA GLY A 53 -0.31 -11.88 2.38
C GLY A 53 0.67 -12.75 1.62
N GLN A 54 1.44 -12.16 0.72
CA GLN A 54 2.41 -12.91 -0.08
C GLN A 54 3.82 -12.40 0.19
N GLN A 55 4.80 -13.28 -0.01
CA GLN A 55 6.19 -12.93 0.22
C GLN A 55 6.73 -12.06 -0.92
N PHE A 56 6.96 -10.78 -0.62
CA PHE A 56 7.47 -9.85 -1.63
C PHE A 56 8.37 -8.80 -0.98
N THR A 57 8.89 -7.89 -1.80
CA THR A 57 9.77 -6.84 -1.31
C THR A 57 9.42 -5.49 -1.94
N SER A 58 9.80 -4.41 -1.27
CA SER A 58 9.52 -3.06 -1.75
C SER A 58 10.81 -2.35 -2.14
N ARG A 59 10.73 -1.49 -3.15
CA ARG A 59 11.89 -0.75 -3.61
C ARG A 59 11.50 0.69 -3.97
N ASP A 60 12.30 1.64 -3.49
CA ASP A 60 12.04 3.05 -3.76
C ASP A 60 10.58 3.41 -3.46
N GLU A 61 10.06 2.87 -2.36
CA GLU A 61 8.68 3.13 -1.96
C GLU A 61 7.70 2.55 -2.98
N ASP A 62 7.94 1.30 -3.36
CA ASP A 62 7.08 0.62 -4.33
C ASP A 62 7.10 -0.89 -4.12
N PRO A 63 5.92 -1.47 -3.87
CA PRO A 63 5.78 -2.91 -3.63
C PRO A 63 6.04 -3.73 -4.90
N TYR A 64 7.09 -4.52 -4.89
CA TYR A 64 7.44 -5.36 -6.04
C TYR A 64 7.51 -6.83 -5.63
N CYS A 65 6.88 -7.68 -6.43
CA CYS A 65 6.87 -9.11 -6.17
C CYS A 65 8.22 -9.74 -6.53
N VAL A 66 8.56 -10.82 -5.83
CA VAL A 66 9.81 -11.52 -6.07
C VAL A 66 10.04 -11.74 -7.56
N ALA A 67 8.96 -11.97 -8.29
CA ALA A 67 9.04 -12.20 -9.73
C ALA A 67 9.59 -10.97 -10.45
N CYS A 68 9.18 -9.79 -9.98
CA CYS A 68 9.63 -8.53 -10.58
C CYS A 68 10.97 -8.10 -10.01
N PHE A 69 11.09 -8.17 -8.69
CA PHE A 69 12.33 -7.79 -8.01
C PHE A 69 13.54 -8.38 -8.71
N GLY A 70 13.54 -9.71 -8.86
CA GLY A 70 14.64 -10.38 -9.52
C GLY A 70 14.48 -10.44 -11.03
N GLU A 71 13.68 -9.51 -11.57
CA GLU A 71 13.44 -9.47 -13.01
C GLU A 71 13.77 -8.09 -13.56
N LEU A 72 13.52 -7.06 -12.75
CA LEU A 72 13.78 -5.69 -13.17
C LEU A 72 15.18 -5.24 -12.75
N PHE A 73 15.44 -5.34 -11.44
CA PHE A 73 16.74 -4.95 -10.90
C PHE A 73 17.81 -5.99 -11.25
N ALA A 74 17.46 -7.26 -11.10
CA ALA A 74 18.38 -8.35 -11.40
C ALA A 74 18.52 -8.56 -12.90
N SER A 75 17.40 -8.63 -13.59
CA SER A 75 17.39 -8.83 -15.03
C SER A 75 18.05 -10.16 -15.40
N GLY A 76 17.66 -11.23 -14.69
CA GLY A 76 18.22 -12.54 -14.96
C GLY A 76 17.92 -13.03 -16.35
N PRO A 77 18.98 -13.16 -17.18
CA PRO A 77 18.86 -13.63 -18.56
C PRO A 77 18.47 -15.10 -18.65
N SER A 78 17.60 -15.42 -19.60
CA SER A 78 17.14 -16.80 -19.78
C SER A 78 18.25 -17.65 -20.40
N SER A 79 18.48 -18.82 -19.80
CA SER A 79 19.51 -19.73 -20.29
C SER A 79 18.89 -20.85 -21.12
N GLY A 80 17.94 -20.50 -21.96
CA GLY A 80 17.28 -21.49 -22.80
C GLY A 80 17.09 -21.03 -24.22
ZN ZN B . -7.49 1.70 -2.75
ZN ZN C . 5.55 -8.54 -10.12
N GLY A 1 -14.95 42.44 21.28
CA GLY A 1 -15.33 41.10 20.84
C GLY A 1 -14.15 40.32 20.30
N SER A 2 -14.44 39.21 19.61
CA SER A 2 -13.40 38.37 19.03
C SER A 2 -13.99 37.38 18.03
N SER A 3 -13.13 36.76 17.25
CA SER A 3 -13.56 35.79 16.25
C SER A 3 -14.16 34.55 16.92
N GLY A 4 -14.92 33.78 16.14
CA GLY A 4 -15.55 32.59 16.68
C GLY A 4 -14.76 31.33 16.35
N SER A 5 -14.73 30.39 17.30
CA SER A 5 -14.01 29.14 17.10
C SER A 5 -14.94 27.95 17.25
N SER A 6 -14.83 27.00 16.33
CA SER A 6 -15.68 25.80 16.35
C SER A 6 -14.84 24.55 16.07
N GLY A 7 -15.47 23.39 16.25
CA GLY A 7 -14.77 22.13 16.01
C GLY A 7 -15.49 21.25 15.01
N PRO A 8 -15.51 21.69 13.74
CA PRO A 8 -16.17 20.94 12.67
C PRO A 8 -15.43 19.66 12.32
N CYS A 9 -15.79 18.57 13.00
CA CYS A 9 -15.17 17.27 12.76
C CYS A 9 -15.90 16.17 13.53
N TYR A 10 -16.49 15.25 12.78
CA TYR A 10 -17.23 14.14 13.38
C TYR A 10 -16.60 12.80 13.01
N GLU A 11 -15.81 12.24 13.91
CA GLU A 11 -15.15 10.97 13.68
C GLU A 11 -15.91 9.83 14.36
N ASN A 12 -17.23 9.86 14.25
CA ASN A 12 -18.07 8.84 14.86
C ASN A 12 -17.41 7.47 14.78
N LYS A 13 -17.07 7.06 13.55
CA LYS A 13 -16.43 5.77 13.33
C LYS A 13 -14.95 5.95 13.00
N PHE A 14 -14.10 5.21 13.70
CA PHE A 14 -12.66 5.29 13.48
C PHE A 14 -12.14 4.00 12.86
N ALA A 15 -11.56 4.11 11.66
CA ALA A 15 -11.02 2.95 10.97
C ALA A 15 -10.00 3.37 9.91
N PRO A 16 -9.14 2.43 9.50
CA PRO A 16 -8.11 2.68 8.49
C PRO A 16 -8.69 2.89 7.10
N ARG A 17 -7.95 3.59 6.25
CA ARG A 17 -8.40 3.86 4.89
C ARG A 17 -7.27 3.60 3.89
N CYS A 18 -7.62 2.98 2.77
CA CYS A 18 -6.66 2.67 1.73
C CYS A 18 -5.72 3.85 1.47
N ALA A 19 -4.42 3.60 1.55
CA ALA A 19 -3.42 4.64 1.33
C ALA A 19 -3.49 5.18 -0.09
N ARG A 20 -4.16 4.43 -0.97
CA ARG A 20 -4.30 4.83 -2.36
C ARG A 20 -5.57 5.65 -2.57
N CYS A 21 -6.71 5.07 -2.21
CA CYS A 21 -8.00 5.74 -2.35
C CYS A 21 -8.36 6.50 -1.08
N SER A 22 -8.10 5.87 0.06
CA SER A 22 -8.41 6.48 1.35
C SER A 22 -9.91 6.58 1.57
N LYS A 23 -10.60 5.46 1.35
CA LYS A 23 -12.05 5.41 1.52
C LYS A 23 -12.42 4.78 2.85
N THR A 24 -12.26 3.45 2.94
CA THR A 24 -12.58 2.73 4.17
C THR A 24 -12.08 1.29 4.09
N LEU A 25 -11.74 0.74 5.26
CA LEU A 25 -11.26 -0.64 5.33
C LEU A 25 -11.92 -1.40 6.47
N THR A 26 -13.23 -1.23 6.59
CA THR A 26 -13.99 -1.90 7.65
C THR A 26 -13.91 -3.41 7.50
N GLN A 27 -14.08 -3.90 6.28
CA GLN A 27 -14.03 -5.34 6.01
C GLN A 27 -12.59 -5.80 5.83
N GLY A 28 -12.03 -6.40 6.89
CA GLY A 28 -10.67 -6.88 6.81
C GLY A 28 -9.73 -5.90 6.14
N GLY A 29 -8.83 -6.42 5.31
CA GLY A 29 -7.89 -5.57 4.60
C GLY A 29 -6.45 -5.97 4.84
N VAL A 30 -5.53 -5.11 4.44
CA VAL A 30 -4.10 -5.37 4.61
C VAL A 30 -3.33 -4.10 4.93
N THR A 31 -2.08 -4.26 5.35
CA THR A 31 -1.24 -3.11 5.68
C THR A 31 0.15 -3.26 5.07
N TYR A 32 0.47 -2.39 4.13
CA TYR A 32 1.77 -2.42 3.46
C TYR A 32 2.64 -1.25 3.92
N ARG A 33 3.94 -1.52 4.10
CA ARG A 33 4.88 -0.50 4.53
C ARG A 33 4.32 0.28 5.72
N ASP A 34 3.65 -0.44 6.62
CA ASP A 34 3.07 0.19 7.81
C ASP A 34 1.93 1.12 7.43
N GLN A 35 1.27 0.82 6.31
CA GLN A 35 0.15 1.63 5.83
C GLN A 35 -0.98 0.75 5.34
N PRO A 36 -2.23 1.21 5.55
CA PRO A 36 -3.43 0.47 5.13
C PRO A 36 -3.59 0.45 3.61
N TRP A 37 -3.75 -0.74 3.05
CA TRP A 37 -3.92 -0.88 1.61
C TRP A 37 -5.10 -1.80 1.29
N HIS A 38 -5.78 -1.51 0.18
CA HIS A 38 -6.93 -2.31 -0.24
C HIS A 38 -6.48 -3.63 -0.83
N ARG A 39 -6.88 -4.73 -0.19
CA ARG A 39 -6.51 -6.06 -0.66
C ARG A 39 -6.44 -6.10 -2.18
N GLU A 40 -7.41 -5.47 -2.83
CA GLU A 40 -7.44 -5.44 -4.29
C GLU A 40 -6.38 -4.48 -4.84
N CYS A 41 -6.33 -3.28 -4.29
CA CYS A 41 -5.37 -2.27 -4.72
C CYS A 41 -3.94 -2.79 -4.58
N LEU A 42 -3.60 -3.25 -3.37
CA LEU A 42 -2.27 -3.77 -3.10
C LEU A 42 -1.84 -4.75 -4.18
N VAL A 43 -1.03 -4.26 -5.11
CA VAL A 43 -0.54 -5.09 -6.21
C VAL A 43 0.86 -4.64 -6.67
N CYS A 44 1.64 -5.58 -7.19
CA CYS A 44 2.98 -5.28 -7.66
C CYS A 44 2.98 -4.08 -8.59
N THR A 45 4.11 -3.38 -8.66
CA THR A 45 4.23 -2.21 -9.51
C THR A 45 4.86 -2.58 -10.86
N GLY A 46 4.79 -3.85 -11.21
CA GLY A 46 5.36 -4.31 -12.46
C GLY A 46 4.41 -5.21 -13.24
N CYS A 47 3.99 -6.30 -12.61
CA CYS A 47 3.07 -7.24 -13.24
C CYS A 47 1.64 -7.02 -12.75
N GLN A 48 1.49 -6.20 -11.72
CA GLN A 48 0.18 -5.92 -11.16
C GLN A 48 -0.44 -7.18 -10.55
N THR A 49 0.28 -7.81 -9.65
CA THR A 49 -0.18 -9.03 -9.00
C THR A 49 -0.52 -8.78 -7.53
N PRO A 50 -1.62 -9.39 -7.07
CA PRO A 50 -2.08 -9.26 -5.68
C PRO A 50 -1.15 -9.94 -4.69
N LEU A 51 -0.37 -9.14 -3.97
CA LEU A 51 0.57 -9.67 -2.99
C LEU A 51 -0.13 -9.93 -1.66
N ALA A 52 -1.46 -9.94 -1.68
CA ALA A 52 -2.24 -10.17 -0.48
C ALA A 52 -1.74 -11.40 0.27
N GLY A 53 -0.93 -11.17 1.30
CA GLY A 53 -0.40 -12.27 2.08
C GLY A 53 0.64 -13.07 1.32
N GLN A 54 1.42 -12.40 0.48
CA GLN A 54 2.45 -13.05 -0.32
C GLN A 54 3.82 -12.47 0.01
N GLN A 55 4.85 -13.31 -0.15
CA GLN A 55 6.21 -12.88 0.13
C GLN A 55 6.74 -11.98 -0.99
N PHE A 56 6.98 -10.71 -0.65
CA PHE A 56 7.49 -9.75 -1.62
C PHE A 56 8.36 -8.71 -0.95
N THR A 57 8.86 -7.75 -1.74
CA THR A 57 9.72 -6.70 -1.21
C THR A 57 9.31 -5.34 -1.76
N SER A 58 9.79 -4.28 -1.11
CA SER A 58 9.47 -2.91 -1.53
C SER A 58 10.72 -2.19 -2.01
N ARG A 59 10.56 -1.39 -3.06
CA ARG A 59 11.68 -0.64 -3.61
C ARG A 59 11.24 0.77 -4.02
N ASP A 60 11.99 1.77 -3.56
CA ASP A 60 11.67 3.16 -3.87
C ASP A 60 10.22 3.48 -3.54
N GLU A 61 9.74 2.92 -2.43
CA GLU A 61 8.36 3.15 -2.00
C GLU A 61 7.38 2.53 -3.00
N ASP A 62 7.62 1.28 -3.37
CA ASP A 62 6.75 0.58 -4.31
C ASP A 62 6.84 -0.93 -4.11
N PRO A 63 5.68 -1.58 -3.93
CA PRO A 63 5.61 -3.03 -3.72
C PRO A 63 5.95 -3.81 -4.98
N TYR A 64 7.02 -4.61 -4.91
CA TYR A 64 7.45 -5.41 -6.05
C TYR A 64 7.56 -6.87 -5.67
N CYS A 65 6.93 -7.73 -6.47
CA CYS A 65 6.96 -9.17 -6.23
C CYS A 65 8.34 -9.75 -6.49
N VAL A 66 8.69 -10.81 -5.77
CA VAL A 66 9.98 -11.46 -5.93
C VAL A 66 10.30 -11.68 -7.41
N ALA A 67 9.28 -12.03 -8.18
CA ALA A 67 9.46 -12.26 -9.62
C ALA A 67 9.92 -11.00 -10.33
N CYS A 68 9.50 -9.84 -9.82
CA CYS A 68 9.87 -8.56 -10.41
C CYS A 68 11.17 -8.05 -9.81
N PHE A 69 11.25 -8.03 -8.48
CA PHE A 69 12.44 -7.55 -7.79
C PHE A 69 13.69 -8.14 -8.42
N GLY A 70 13.69 -9.44 -8.64
CA GLY A 70 14.84 -10.10 -9.23
C GLY A 70 14.76 -10.16 -10.74
N GLU A 71 14.07 -9.19 -11.34
CA GLU A 71 13.91 -9.14 -12.79
C GLU A 71 14.16 -7.73 -13.32
N LEU A 72 13.63 -6.75 -12.61
CA LEU A 72 13.79 -5.35 -13.01
C LEU A 72 15.15 -4.81 -12.57
N PHE A 73 15.41 -4.89 -11.27
CA PHE A 73 16.68 -4.40 -10.72
C PHE A 73 17.79 -5.43 -10.94
N ALA A 74 17.47 -6.70 -10.68
CA ALA A 74 18.44 -7.77 -10.84
C ALA A 74 18.34 -8.40 -12.22
N SER A 75 19.43 -8.98 -12.69
CA SER A 75 19.46 -9.62 -14.01
C SER A 75 19.15 -11.10 -13.90
N GLY A 76 19.74 -11.76 -12.92
CA GLY A 76 19.50 -13.19 -12.72
C GLY A 76 20.60 -13.85 -11.92
N PRO A 77 21.54 -14.51 -12.62
CA PRO A 77 22.66 -15.21 -11.98
C PRO A 77 23.66 -14.24 -11.36
N SER A 78 23.37 -12.95 -11.45
CA SER A 78 24.25 -11.92 -10.90
C SER A 78 23.51 -10.60 -10.77
N SER A 79 23.50 -10.06 -9.55
CA SER A 79 22.82 -8.79 -9.28
C SER A 79 23.38 -7.68 -10.17
N GLY A 80 22.49 -6.95 -10.83
CA GLY A 80 22.91 -5.86 -11.70
C GLY A 80 22.34 -4.52 -11.27
ZN ZN B . -7.75 1.47 -2.69
ZN ZN C . 5.59 -8.29 -10.15
N GLY A 1 0.28 37.41 32.33
CA GLY A 1 -0.17 36.61 31.20
C GLY A 1 -1.24 35.61 31.60
N SER A 2 -1.17 34.41 31.03
CA SER A 2 -2.14 33.36 31.32
C SER A 2 -1.55 31.98 31.05
N SER A 3 -2.24 30.94 31.52
CA SER A 3 -1.78 29.57 31.34
C SER A 3 -2.88 28.58 31.71
N GLY A 4 -2.77 27.36 31.19
CA GLY A 4 -3.76 26.35 31.48
C GLY A 4 -4.45 25.82 30.23
N SER A 5 -3.71 25.06 29.43
CA SER A 5 -4.26 24.51 28.19
C SER A 5 -4.03 23.01 28.13
N SER A 6 -5.13 22.26 28.01
CA SER A 6 -5.05 20.80 27.93
C SER A 6 -6.38 20.20 27.50
N GLY A 7 -6.36 19.40 26.44
CA GLY A 7 -7.57 18.79 25.94
C GLY A 7 -7.60 18.71 24.43
N PRO A 8 -6.90 17.72 23.87
CA PRO A 8 -6.83 17.52 22.42
C PRO A 8 -8.15 17.03 21.84
N CYS A 9 -8.26 17.04 20.52
CA CYS A 9 -9.47 16.60 19.84
C CYS A 9 -9.28 15.22 19.21
N TYR A 10 -10.14 14.29 19.59
CA TYR A 10 -10.06 12.93 19.07
C TYR A 10 -10.72 12.83 17.70
N GLU A 11 -10.22 11.91 16.88
CA GLU A 11 -10.76 11.72 15.54
C GLU A 11 -11.66 10.48 15.48
N ASN A 12 -12.56 10.46 14.50
CA ASN A 12 -13.48 9.34 14.35
C ASN A 12 -12.77 8.14 13.71
N LYS A 13 -11.61 7.80 14.26
CA LYS A 13 -10.83 6.68 13.74
C LYS A 13 -11.46 5.35 14.16
N PHE A 14 -12.43 4.89 13.38
CA PHE A 14 -13.11 3.64 13.67
C PHE A 14 -12.58 2.51 12.79
N ALA A 15 -11.84 2.89 11.74
CA ALA A 15 -11.27 1.90 10.82
C ALA A 15 -10.27 2.57 9.87
N PRO A 16 -9.28 1.79 9.42
CA PRO A 16 -8.25 2.28 8.50
C PRO A 16 -8.81 2.55 7.11
N ARG A 17 -8.04 3.30 6.31
CA ARG A 17 -8.46 3.64 4.95
C ARG A 17 -7.32 3.41 3.96
N CYS A 18 -7.64 2.85 2.81
CA CYS A 18 -6.64 2.58 1.78
C CYS A 18 -5.70 3.78 1.61
N ALA A 19 -4.41 3.51 1.69
CA ALA A 19 -3.41 4.56 1.54
C ALA A 19 -3.46 5.17 0.15
N ARG A 20 -4.10 4.48 -0.78
CA ARG A 20 -4.23 4.96 -2.15
C ARG A 20 -5.50 5.78 -2.33
N CYS A 21 -6.64 5.17 -2.04
CA CYS A 21 -7.92 5.84 -2.18
C CYS A 21 -8.31 6.54 -0.88
N SER A 22 -8.05 5.87 0.25
CA SER A 22 -8.38 6.44 1.56
C SER A 22 -9.88 6.52 1.75
N LYS A 23 -10.58 5.45 1.38
CA LYS A 23 -12.03 5.40 1.52
C LYS A 23 -12.43 4.72 2.82
N THR A 24 -12.31 3.39 2.85
CA THR A 24 -12.65 2.61 4.03
C THR A 24 -12.15 1.18 3.91
N LEU A 25 -11.85 0.56 5.06
CA LEU A 25 -11.37 -0.81 5.08
C LEU A 25 -12.08 -1.62 6.16
N THR A 26 -13.33 -1.99 5.88
CA THR A 26 -14.12 -2.77 6.82
C THR A 26 -13.46 -4.12 7.10
N GLN A 27 -14.04 -4.87 8.04
CA GLN A 27 -13.51 -6.17 8.41
C GLN A 27 -12.91 -6.87 7.19
N GLY A 28 -11.58 -6.97 7.18
CA GLY A 28 -10.89 -7.62 6.08
C GLY A 28 -10.06 -6.65 5.27
N GLY A 29 -8.79 -6.51 5.65
CA GLY A 29 -7.89 -5.60 4.95
C GLY A 29 -6.44 -5.94 5.17
N VAL A 30 -5.55 -5.23 4.46
CA VAL A 30 -4.12 -5.47 4.57
C VAL A 30 -3.38 -4.18 4.88
N THR A 31 -2.08 -4.30 5.13
CA THR A 31 -1.25 -3.13 5.44
C THR A 31 0.12 -3.25 4.80
N TYR A 32 0.49 -2.26 3.99
CA TYR A 32 1.78 -2.25 3.31
C TYR A 32 2.62 -1.06 3.76
N ARG A 33 3.82 -1.34 4.26
CA ARG A 33 4.72 -0.29 4.71
C ARG A 33 4.13 0.45 5.90
N ASP A 34 3.60 -0.29 6.87
CA ASP A 34 3.01 0.31 8.06
C ASP A 34 1.84 1.22 7.68
N GLN A 35 1.13 0.84 6.62
CA GLN A 35 -0.01 1.63 6.15
C GLN A 35 -1.09 0.73 5.57
N PRO A 36 -2.37 1.11 5.79
CA PRO A 36 -3.51 0.35 5.30
C PRO A 36 -3.64 0.42 3.78
N TRP A 37 -3.80 -0.75 3.15
CA TRP A 37 -3.94 -0.82 1.70
C TRP A 37 -5.10 -1.71 1.30
N HIS A 38 -5.68 -1.45 0.14
CA HIS A 38 -6.81 -2.23 -0.35
C HIS A 38 -6.33 -3.53 -1.00
N ARG A 39 -6.73 -4.66 -0.43
CA ARG A 39 -6.33 -5.96 -0.95
C ARG A 39 -6.23 -5.93 -2.48
N GLU A 40 -7.23 -5.30 -3.12
CA GLU A 40 -7.26 -5.20 -4.57
C GLU A 40 -6.18 -4.24 -5.06
N CYS A 41 -6.15 -3.04 -4.47
CA CYS A 41 -5.17 -2.02 -4.85
C CYS A 41 -3.75 -2.56 -4.72
N LEU A 42 -3.42 -3.08 -3.53
CA LEU A 42 -2.08 -3.62 -3.28
C LEU A 42 -1.69 -4.62 -4.37
N VAL A 43 -0.92 -4.14 -5.34
CA VAL A 43 -0.46 -4.98 -6.44
C VAL A 43 0.93 -4.57 -6.91
N CYS A 44 1.68 -5.54 -7.44
CA CYS A 44 3.03 -5.28 -7.92
C CYS A 44 3.03 -4.11 -8.90
N THR A 45 4.11 -3.33 -8.87
CA THR A 45 4.24 -2.18 -9.76
C THR A 45 4.91 -2.57 -11.07
N GLY A 46 4.88 -3.86 -11.39
CA GLY A 46 5.48 -4.34 -12.62
C GLY A 46 4.55 -5.25 -13.39
N CYS A 47 4.06 -6.30 -12.74
CA CYS A 47 3.16 -7.25 -13.38
C CYS A 47 1.72 -7.00 -12.95
N GLN A 48 1.54 -6.15 -11.95
CA GLN A 48 0.21 -5.83 -11.44
C GLN A 48 -0.44 -7.05 -10.79
N THR A 49 0.32 -7.71 -9.92
CA THR A 49 -0.17 -8.90 -9.23
C THR A 49 -0.50 -8.59 -7.78
N PRO A 50 -1.59 -9.19 -7.28
CA PRO A 50 -2.04 -8.99 -5.90
C PRO A 50 -1.11 -9.66 -4.88
N LEU A 51 -0.42 -8.85 -4.10
CA LEU A 51 0.51 -9.36 -3.09
C LEU A 51 -0.17 -9.46 -1.73
N ALA A 52 -1.50 -9.41 -1.73
CA ALA A 52 -2.27 -9.51 -0.50
C ALA A 52 -1.75 -10.63 0.39
N GLY A 53 -0.96 -10.26 1.40
CA GLY A 53 -0.40 -11.25 2.30
C GLY A 53 0.54 -12.21 1.61
N GLN A 54 1.32 -11.69 0.67
CA GLN A 54 2.27 -12.51 -0.07
C GLN A 54 3.71 -12.06 0.19
N GLN A 55 4.66 -12.97 0.02
CA GLN A 55 6.07 -12.66 0.24
C GLN A 55 6.62 -11.81 -0.90
N PHE A 56 6.87 -10.53 -0.63
CA PHE A 56 7.40 -9.62 -1.62
C PHE A 56 8.28 -8.55 -0.98
N THR A 57 8.85 -7.68 -1.80
CA THR A 57 9.71 -6.62 -1.31
C THR A 57 9.39 -5.29 -1.99
N SER A 58 9.63 -4.20 -1.28
CA SER A 58 9.36 -2.87 -1.81
C SER A 58 10.65 -2.17 -2.21
N ARG A 59 10.57 -1.34 -3.25
CA ARG A 59 11.74 -0.61 -3.74
C ARG A 59 11.36 0.82 -4.13
N ASP A 60 12.12 1.78 -3.62
CA ASP A 60 11.86 3.19 -3.92
C ASP A 60 10.40 3.55 -3.65
N GLU A 61 9.86 3.02 -2.55
CA GLU A 61 8.48 3.29 -2.18
C GLU A 61 7.52 2.67 -3.18
N ASP A 62 7.78 1.43 -3.56
CA ASP A 62 6.93 0.72 -4.52
C ASP A 62 6.96 -0.79 -4.27
N PRO A 63 5.78 -1.37 -4.03
CA PRO A 63 5.65 -2.81 -3.77
C PRO A 63 5.94 -3.66 -5.01
N TYR A 64 6.99 -4.47 -4.94
CA TYR A 64 7.37 -5.33 -6.05
C TYR A 64 7.43 -6.79 -5.62
N CYS A 65 6.82 -7.66 -6.41
CA CYS A 65 6.80 -9.08 -6.11
C CYS A 65 8.18 -9.70 -6.36
N VAL A 66 8.45 -10.82 -5.69
CA VAL A 66 9.73 -11.51 -5.85
C VAL A 66 10.04 -11.76 -7.32
N ALA A 67 9.02 -12.09 -8.09
CA ALA A 67 9.19 -12.35 -9.52
C ALA A 67 9.76 -11.13 -10.23
N CYS A 68 9.34 -9.94 -9.79
CA CYS A 68 9.80 -8.70 -10.38
C CYS A 68 11.12 -8.25 -9.76
N PHE A 69 11.17 -8.27 -8.44
CA PHE A 69 12.37 -7.86 -7.71
C PHE A 69 13.60 -8.56 -8.28
N GLY A 70 13.52 -9.88 -8.42
CA GLY A 70 14.64 -10.64 -8.95
C GLY A 70 14.59 -10.77 -10.46
N GLU A 71 13.98 -9.78 -11.12
CA GLU A 71 13.87 -9.79 -12.57
C GLU A 71 14.22 -8.43 -13.16
N LEU A 72 13.84 -7.37 -12.44
CA LEU A 72 14.11 -6.01 -12.89
C LEU A 72 15.44 -5.52 -12.36
N PHE A 73 15.54 -5.40 -11.04
CA PHE A 73 16.77 -4.95 -10.40
C PHE A 73 17.86 -6.01 -10.48
N ALA A 74 17.48 -7.26 -10.23
CA ALA A 74 18.42 -8.38 -10.28
C ALA A 74 18.55 -8.92 -11.69
N SER A 75 19.38 -8.25 -12.49
CA SER A 75 19.60 -8.66 -13.88
C SER A 75 20.68 -7.81 -14.54
N GLY A 76 21.52 -8.46 -15.34
CA GLY A 76 22.59 -7.75 -16.02
C GLY A 76 23.45 -8.66 -16.87
N PRO A 77 23.04 -8.87 -18.13
CA PRO A 77 23.76 -9.72 -19.07
C PRO A 77 25.10 -9.12 -19.49
N SER A 78 25.57 -8.14 -18.74
CA SER A 78 26.83 -7.47 -19.04
C SER A 78 28.02 -8.35 -18.64
N SER A 79 27.97 -9.62 -19.03
CA SER A 79 29.03 -10.56 -18.72
C SER A 79 30.39 -9.97 -19.03
N GLY A 80 30.58 -9.56 -20.28
CA GLY A 80 31.84 -8.97 -20.70
C GLY A 80 31.68 -7.91 -21.76
ZN ZN B . -7.62 1.60 -2.71
ZN ZN C . 5.62 -8.46 -10.21
N GLY A 1 5.68 10.75 -1.94
CA GLY A 1 4.39 10.77 -2.60
C GLY A 1 3.54 11.95 -2.20
N SER A 2 3.41 12.16 -0.89
CA SER A 2 2.62 13.27 -0.37
C SER A 2 2.83 13.43 1.14
N SER A 3 3.56 14.46 1.52
CA SER A 3 3.84 14.73 2.93
C SER A 3 2.96 15.86 3.45
N GLY A 4 1.69 15.83 3.06
CA GLY A 4 0.76 16.85 3.51
C GLY A 4 -0.67 16.56 3.08
N SER A 5 -1.15 15.37 3.39
CA SER A 5 -2.50 14.97 3.03
C SER A 5 -3.22 14.34 4.21
N SER A 6 -3.05 14.94 5.39
CA SER A 6 -3.67 14.43 6.60
C SER A 6 -5.01 15.14 6.86
N GLY A 7 -5.95 14.41 7.45
CA GLY A 7 -7.25 14.97 7.75
C GLY A 7 -7.95 14.26 8.89
N PRO A 8 -7.48 14.50 10.12
CA PRO A 8 -8.06 13.89 11.32
C PRO A 8 -9.45 14.43 11.64
N CYS A 9 -10.32 13.55 12.13
CA CYS A 9 -11.69 13.93 12.47
C CYS A 9 -12.35 12.86 13.33
N TYR A 10 -13.38 13.26 14.07
CA TYR A 10 -14.10 12.33 14.93
C TYR A 10 -15.30 11.74 14.21
N GLU A 11 -15.10 10.56 13.62
CA GLU A 11 -16.18 9.88 12.90
C GLU A 11 -16.69 8.68 13.70
N ASN A 12 -17.93 8.29 13.42
CA ASN A 12 -18.55 7.16 14.11
C ASN A 12 -17.81 5.87 13.80
N LYS A 13 -17.48 5.67 12.52
CA LYS A 13 -16.78 4.48 12.08
C LYS A 13 -15.27 4.71 12.06
N PHE A 14 -14.64 4.56 13.22
CA PHE A 14 -13.20 4.76 13.33
C PHE A 14 -12.44 3.59 12.71
N ALA A 15 -12.21 3.67 11.40
CA ALA A 15 -11.50 2.62 10.69
C ALA A 15 -10.49 3.20 9.70
N PRO A 16 -9.49 2.40 9.32
CA PRO A 16 -8.45 2.83 8.38
C PRO A 16 -8.99 2.99 6.96
N ARG A 17 -8.24 3.71 6.13
CA ARG A 17 -8.64 3.94 4.75
C ARG A 17 -7.47 3.67 3.80
N CYS A 18 -7.78 3.05 2.66
CA CYS A 18 -6.76 2.74 1.67
C CYS A 18 -5.82 3.91 1.45
N ALA A 19 -4.52 3.65 1.58
CA ALA A 19 -3.51 4.69 1.41
C ALA A 19 -3.53 5.24 -0.01
N ARG A 20 -4.21 4.53 -0.91
CA ARG A 20 -4.30 4.96 -2.30
C ARG A 20 -5.58 5.75 -2.55
N CYS A 21 -6.71 5.15 -2.21
CA CYS A 21 -8.01 5.81 -2.39
C CYS A 21 -8.40 6.59 -1.14
N SER A 22 -8.17 5.99 0.02
CA SER A 22 -8.50 6.62 1.29
C SER A 22 -10.02 6.67 1.50
N LYS A 23 -10.66 5.53 1.32
CA LYS A 23 -12.10 5.43 1.48
C LYS A 23 -12.47 4.75 2.81
N THR A 24 -12.22 3.45 2.89
CA THR A 24 -12.51 2.69 4.09
C THR A 24 -11.90 1.30 4.02
N LEU A 25 -11.74 0.67 5.17
CA LEU A 25 -11.17 -0.67 5.25
C LEU A 25 -11.75 -1.45 6.42
N THR A 26 -12.54 -2.48 6.12
CA THR A 26 -13.15 -3.32 7.15
C THR A 26 -13.29 -4.76 6.68
N GLN A 27 -13.48 -5.66 7.63
CA GLN A 27 -13.62 -7.08 7.32
C GLN A 27 -12.36 -7.63 6.68
N GLY A 28 -11.22 -7.32 7.29
CA GLY A 28 -9.94 -7.80 6.77
C GLY A 28 -9.01 -6.66 6.37
N GLY A 29 -8.68 -6.59 5.09
CA GLY A 29 -7.80 -5.55 4.61
C GLY A 29 -6.34 -5.87 4.84
N VAL A 30 -5.45 -5.05 4.27
CA VAL A 30 -4.02 -5.25 4.42
C VAL A 30 -3.30 -3.94 4.69
N THR A 31 -2.00 -4.01 4.93
CA THR A 31 -1.20 -2.82 5.20
C THR A 31 0.18 -2.92 4.55
N TYR A 32 0.55 -1.89 3.80
CA TYR A 32 1.84 -1.86 3.12
C TYR A 32 2.67 -0.67 3.58
N ARG A 33 3.85 -0.95 4.12
CA ARG A 33 4.75 0.09 4.59
C ARG A 33 4.11 0.87 5.75
N ASP A 34 3.69 0.14 6.77
CA ASP A 34 3.06 0.75 7.94
C ASP A 34 1.89 1.65 7.53
N GLN A 35 1.15 1.21 6.52
CA GLN A 35 0.00 1.97 6.03
C GLN A 35 -1.08 1.04 5.49
N PRO A 36 -2.35 1.41 5.72
CA PRO A 36 -3.49 0.63 5.26
C PRO A 36 -3.66 0.66 3.75
N TRP A 37 -3.78 -0.53 3.15
CA TRP A 37 -3.94 -0.63 1.71
C TRP A 37 -5.10 -1.57 1.36
N HIS A 38 -5.71 -1.34 0.20
CA HIS A 38 -6.82 -2.16 -0.25
C HIS A 38 -6.32 -3.48 -0.83
N ARG A 39 -6.71 -4.58 -0.21
CA ARG A 39 -6.30 -5.91 -0.67
C ARG A 39 -6.23 -5.96 -2.19
N GLU A 40 -7.15 -5.26 -2.84
CA GLU A 40 -7.19 -5.22 -4.31
C GLU A 40 -6.12 -4.28 -4.86
N CYS A 41 -6.09 -3.06 -4.31
CA CYS A 41 -5.11 -2.07 -4.75
C CYS A 41 -3.69 -2.59 -4.59
N LEU A 42 -3.36 -3.05 -3.39
CA LEU A 42 -2.03 -3.57 -3.10
C LEU A 42 -1.61 -4.59 -4.16
N VAL A 43 -0.92 -4.10 -5.20
CA VAL A 43 -0.45 -4.97 -6.27
C VAL A 43 0.92 -4.54 -6.77
N CYS A 44 1.67 -5.49 -7.31
CA CYS A 44 3.00 -5.21 -7.83
C CYS A 44 2.99 -3.99 -8.75
N THR A 45 4.16 -3.38 -8.95
CA THR A 45 4.28 -2.22 -9.80
C THR A 45 4.78 -2.60 -11.19
N GLY A 46 5.15 -3.87 -11.36
CA GLY A 46 5.64 -4.34 -12.64
C GLY A 46 4.62 -5.19 -13.37
N CYS A 47 4.13 -6.23 -12.70
CA CYS A 47 3.14 -7.12 -13.29
C CYS A 47 1.74 -6.79 -12.80
N GLN A 48 1.66 -5.97 -11.76
CA GLN A 48 0.37 -5.58 -11.18
C GLN A 48 -0.35 -6.79 -10.61
N THR A 49 0.36 -7.57 -9.79
CA THR A 49 -0.22 -8.76 -9.18
C THR A 49 -0.54 -8.50 -7.71
N PRO A 50 -1.69 -9.05 -7.26
CA PRO A 50 -2.13 -8.90 -5.87
C PRO A 50 -1.25 -9.68 -4.89
N LEU A 51 -0.43 -8.96 -4.13
CA LEU A 51 0.45 -9.58 -3.16
C LEU A 51 -0.29 -9.84 -1.85
N ALA A 52 -1.61 -9.77 -1.89
CA ALA A 52 -2.43 -10.00 -0.70
C ALA A 52 -1.97 -11.25 0.03
N GLY A 53 -1.22 -11.06 1.11
CA GLY A 53 -0.73 -12.18 1.89
C GLY A 53 0.31 -13.00 1.14
N GLN A 54 1.14 -12.32 0.34
CA GLN A 54 2.16 -13.01 -0.43
C GLN A 54 3.55 -12.49 -0.06
N GLN A 55 4.57 -13.31 -0.29
CA GLN A 55 5.94 -12.94 0.02
C GLN A 55 6.50 -11.99 -1.03
N PHE A 56 6.72 -10.73 -0.63
CA PHE A 56 7.25 -9.72 -1.55
C PHE A 56 8.11 -8.71 -0.80
N THR A 57 8.68 -7.77 -1.53
CA THR A 57 9.53 -6.75 -0.94
C THR A 57 9.18 -5.37 -1.48
N SER A 58 9.62 -4.33 -0.77
CA SER A 58 9.35 -2.96 -1.17
C SER A 58 10.61 -2.30 -1.72
N ARG A 59 10.46 -1.57 -2.83
CA ARG A 59 11.58 -0.89 -3.46
C ARG A 59 11.17 0.49 -3.97
N ASP A 60 12.02 1.48 -3.71
CA ASP A 60 11.73 2.85 -4.14
C ASP A 60 10.31 3.26 -3.78
N GLU A 61 9.93 2.99 -2.54
CA GLU A 61 8.58 3.33 -2.07
C GLU A 61 7.52 2.71 -2.96
N ASP A 62 7.82 1.52 -3.49
CA ASP A 62 6.89 0.82 -4.36
C ASP A 62 6.94 -0.69 -4.12
N PRO A 63 5.76 -1.29 -3.89
CA PRO A 63 5.65 -2.73 -3.64
C PRO A 63 5.96 -3.57 -4.87
N TYR A 64 6.97 -4.42 -4.77
CA TYR A 64 7.38 -5.28 -5.88
C TYR A 64 7.40 -6.74 -5.46
N CYS A 65 6.79 -7.59 -6.28
CA CYS A 65 6.74 -9.02 -6.00
C CYS A 65 8.11 -9.67 -6.18
N VAL A 66 8.24 -10.90 -5.71
CA VAL A 66 9.51 -11.63 -5.83
C VAL A 66 9.84 -11.91 -7.29
N ALA A 67 8.83 -12.07 -8.11
CA ALA A 67 9.02 -12.34 -9.53
C ALA A 67 9.58 -11.12 -10.25
N CYS A 68 9.30 -9.94 -9.71
CA CYS A 68 9.78 -8.69 -10.30
C CYS A 68 11.10 -8.27 -9.66
N PHE A 69 11.13 -8.27 -8.33
CA PHE A 69 12.33 -7.88 -7.59
C PHE A 69 13.57 -8.55 -8.18
N GLY A 70 13.45 -9.85 -8.46
CA GLY A 70 14.57 -10.58 -9.02
C GLY A 70 14.51 -10.67 -10.53
N GLU A 71 13.90 -9.66 -11.16
CA GLU A 71 13.78 -9.63 -12.61
C GLU A 71 14.11 -8.25 -13.16
N LEU A 72 13.68 -7.22 -12.43
CA LEU A 72 13.93 -5.84 -12.85
C LEU A 72 15.31 -5.37 -12.37
N PHE A 73 15.49 -5.36 -11.06
CA PHE A 73 16.76 -4.94 -10.47
C PHE A 73 17.84 -6.00 -10.67
N ALA A 74 17.46 -7.26 -10.48
CA ALA A 74 18.39 -8.37 -10.64
C ALA A 74 18.73 -8.59 -12.10
N SER A 75 19.98 -8.96 -12.38
CA SER A 75 20.43 -9.19 -13.73
C SER A 75 19.91 -8.12 -14.68
N GLY A 76 19.92 -6.87 -14.21
CA GLY A 76 19.44 -5.77 -15.02
C GLY A 76 20.07 -5.75 -16.41
N PRO A 77 19.59 -4.84 -17.27
CA PRO A 77 20.09 -4.70 -18.64
C PRO A 77 21.51 -4.14 -18.68
N SER A 78 21.74 -3.05 -17.97
CA SER A 78 23.05 -2.42 -17.92
C SER A 78 23.59 -2.38 -16.49
N SER A 79 23.40 -3.48 -15.77
CA SER A 79 23.87 -3.57 -14.39
C SER A 79 23.55 -2.30 -13.62
N GLY A 80 22.34 -1.78 -13.83
CA GLY A 80 21.92 -0.57 -13.15
C GLY A 80 20.95 -0.84 -12.01
ZN ZN B . -7.67 1.55 -2.79
ZN ZN C . 5.58 -8.37 -10.16
N GLY A 1 -18.28 46.83 11.78
CA GLY A 1 -18.16 47.29 10.42
C GLY A 1 -18.17 46.15 9.41
N SER A 2 -17.27 45.21 9.58
CA SER A 2 -17.18 44.06 8.68
C SER A 2 -16.47 42.89 9.36
N SER A 3 -17.19 41.79 9.52
CA SER A 3 -16.64 40.60 10.17
C SER A 3 -17.62 39.43 10.08
N GLY A 4 -17.11 38.28 9.63
CA GLY A 4 -17.96 37.10 9.51
C GLY A 4 -17.37 36.06 8.58
N SER A 5 -17.44 34.80 8.99
CA SER A 5 -16.91 33.71 8.19
C SER A 5 -17.34 32.36 8.75
N SER A 6 -17.61 31.41 7.86
CA SER A 6 -18.03 30.08 8.27
C SER A 6 -17.19 29.00 7.58
N GLY A 7 -16.78 28.00 8.35
CA GLY A 7 -15.97 26.93 7.81
C GLY A 7 -15.97 25.69 8.69
N PRO A 8 -17.04 24.90 8.58
CA PRO A 8 -17.19 23.67 9.37
C PRO A 8 -16.21 22.58 8.94
N CYS A 9 -15.66 21.87 9.92
CA CYS A 9 -14.70 20.79 9.64
C CYS A 9 -14.95 19.60 10.55
N TYR A 10 -14.81 18.40 9.98
CA TYR A 10 -15.03 17.18 10.74
C TYR A 10 -13.87 16.20 10.53
N GLU A 11 -13.33 15.69 11.64
CA GLU A 11 -12.22 14.74 11.57
C GLU A 11 -12.64 13.37 12.10
N ASN A 12 -13.85 12.96 11.74
CA ASN A 12 -14.37 11.67 12.18
C ASN A 12 -13.64 10.52 11.49
N LYS A 13 -12.46 10.19 12.00
CA LYS A 13 -11.66 9.11 11.44
C LYS A 13 -11.37 8.04 12.48
N PHE A 14 -12.29 7.09 12.60
CA PHE A 14 -12.14 6.00 13.56
C PHE A 14 -11.87 4.67 12.85
N ALA A 15 -11.12 4.74 11.76
CA ALA A 15 -10.79 3.55 10.99
C ALA A 15 -9.81 3.87 9.86
N PRO A 16 -8.94 2.90 9.54
CA PRO A 16 -7.94 3.06 8.47
C PRO A 16 -8.57 3.11 7.09
N ARG A 17 -7.93 3.84 6.17
CA ARG A 17 -8.42 3.96 4.81
C ARG A 17 -7.30 3.71 3.80
N CYS A 18 -7.64 3.01 2.72
CA CYS A 18 -6.66 2.70 1.68
C CYS A 18 -5.75 3.90 1.41
N ALA A 19 -4.44 3.66 1.48
CA ALA A 19 -3.47 4.73 1.25
C ALA A 19 -3.54 5.23 -0.19
N ARG A 20 -4.22 4.47 -1.04
CA ARG A 20 -4.37 4.84 -2.44
C ARG A 20 -5.64 5.66 -2.67
N CYS A 21 -6.77 5.10 -2.24
CA CYS A 21 -8.05 5.77 -2.40
C CYS A 21 -8.45 6.49 -1.11
N SER A 22 -8.20 5.84 0.03
CA SER A 22 -8.53 6.42 1.33
C SER A 22 -10.04 6.40 1.55
N LYS A 23 -10.65 5.25 1.33
CA LYS A 23 -12.09 5.10 1.51
C LYS A 23 -12.42 4.59 2.92
N THR A 24 -12.17 3.29 3.13
CA THR A 24 -12.44 2.68 4.43
C THR A 24 -11.95 1.23 4.46
N LEU A 25 -11.47 0.79 5.62
CA LEU A 25 -10.98 -0.56 5.78
C LEU A 25 -11.51 -1.18 7.06
N THR A 26 -12.75 -1.66 7.01
CA THR A 26 -13.37 -2.29 8.17
C THR A 26 -13.33 -3.80 8.07
N GLN A 27 -13.87 -4.34 6.98
CA GLN A 27 -13.89 -5.78 6.75
C GLN A 27 -12.94 -6.17 5.63
N GLY A 28 -12.01 -7.08 5.94
CA GLY A 28 -11.05 -7.52 4.95
C GLY A 28 -10.14 -6.40 4.48
N GLY A 29 -8.93 -6.36 5.02
CA GLY A 29 -7.98 -5.33 4.64
C GLY A 29 -6.55 -5.74 4.89
N VAL A 30 -5.61 -4.98 4.33
CA VAL A 30 -4.19 -5.27 4.50
C VAL A 30 -3.40 -4.00 4.75
N THR A 31 -2.14 -4.15 5.14
CA THR A 31 -1.27 -3.02 5.42
C THR A 31 0.12 -3.22 4.82
N TYR A 32 0.50 -2.33 3.91
CA TYR A 32 1.79 -2.41 3.25
C TYR A 32 2.69 -1.24 3.67
N ARG A 33 3.98 -1.52 3.79
CA ARG A 33 4.95 -0.49 4.19
C ARG A 33 4.46 0.28 5.41
N ASP A 34 3.81 -0.43 6.33
CA ASP A 34 3.29 0.18 7.55
C ASP A 34 2.14 1.13 7.23
N GLN A 35 1.45 0.87 6.12
CA GLN A 35 0.33 1.69 5.70
C GLN A 35 -0.84 0.83 5.24
N PRO A 36 -2.07 1.34 5.45
CA PRO A 36 -3.29 0.63 5.05
C PRO A 36 -3.46 0.58 3.54
N TRP A 37 -3.65 -0.63 3.01
CA TRP A 37 -3.84 -0.82 1.57
C TRP A 37 -5.03 -1.71 1.29
N HIS A 38 -5.70 -1.46 0.18
CA HIS A 38 -6.87 -2.25 -0.21
C HIS A 38 -6.45 -3.60 -0.78
N ARG A 39 -6.82 -4.67 -0.09
CA ARG A 39 -6.48 -6.02 -0.52
C ARG A 39 -6.44 -6.10 -2.05
N GLU A 40 -7.33 -5.36 -2.70
CA GLU A 40 -7.40 -5.35 -4.16
C GLU A 40 -6.35 -4.42 -4.74
N CYS A 41 -6.33 -3.18 -4.28
CA CYS A 41 -5.38 -2.20 -4.76
C CYS A 41 -3.94 -2.70 -4.60
N LEU A 42 -3.63 -3.19 -3.41
CA LEU A 42 -2.29 -3.71 -3.13
C LEU A 42 -1.85 -4.70 -4.21
N VAL A 43 -1.04 -4.22 -5.14
CA VAL A 43 -0.55 -5.06 -6.23
C VAL A 43 0.85 -4.62 -6.68
N CYS A 44 1.63 -5.57 -7.17
CA CYS A 44 2.99 -5.29 -7.63
C CYS A 44 3.00 -4.07 -8.55
N THR A 45 4.16 -3.42 -8.64
CA THR A 45 4.31 -2.24 -9.48
C THR A 45 4.94 -2.61 -10.83
N GLY A 46 4.84 -3.88 -11.20
CA GLY A 46 5.39 -4.34 -12.46
C GLY A 46 4.45 -5.24 -13.22
N CYS A 47 3.95 -6.27 -12.55
CA CYS A 47 3.03 -7.22 -13.17
C CYS A 47 1.60 -6.99 -12.68
N GLN A 48 1.46 -6.15 -11.66
CA GLN A 48 0.15 -5.85 -11.10
C GLN A 48 -0.48 -7.09 -10.49
N THR A 49 0.27 -7.77 -9.63
CA THR A 49 -0.20 -8.98 -8.97
C THR A 49 -0.57 -8.70 -7.52
N PRO A 50 -1.67 -9.32 -7.06
CA PRO A 50 -2.15 -9.17 -5.68
C PRO A 50 -1.23 -9.83 -4.66
N LEU A 51 -0.45 -9.03 -3.94
CA LEU A 51 0.47 -9.55 -2.94
C LEU A 51 -0.26 -9.83 -1.63
N ALA A 52 -1.58 -9.85 -1.69
CA ALA A 52 -2.39 -10.11 -0.51
C ALA A 52 -1.85 -11.30 0.29
N GLY A 53 -1.03 -11.02 1.28
CA GLY A 53 -0.45 -12.08 2.10
C GLY A 53 0.56 -12.91 1.34
N GLN A 54 1.32 -12.26 0.46
CA GLN A 54 2.32 -12.95 -0.34
C GLN A 54 3.72 -12.44 -0.02
N GLN A 55 4.73 -13.28 -0.26
CA GLN A 55 6.11 -12.91 0.01
C GLN A 55 6.62 -11.95 -1.06
N PHE A 56 6.86 -10.71 -0.66
CA PHE A 56 7.36 -9.70 -1.58
C PHE A 56 8.22 -8.68 -0.86
N THR A 57 8.75 -7.71 -1.61
CA THR A 57 9.59 -6.67 -1.04
C THR A 57 9.19 -5.29 -1.55
N SER A 58 9.78 -4.25 -0.95
CA SER A 58 9.48 -2.88 -1.35
C SER A 58 10.75 -2.16 -1.80
N ARG A 59 10.63 -1.40 -2.89
CA ARG A 59 11.77 -0.67 -3.43
C ARG A 59 11.34 0.71 -3.93
N ASP A 60 12.05 1.75 -3.49
CA ASP A 60 11.74 3.10 -3.90
C ASP A 60 10.27 3.42 -3.66
N GLU A 61 9.73 2.93 -2.55
CA GLU A 61 8.33 3.17 -2.21
C GLU A 61 7.42 2.53 -3.26
N ASP A 62 7.69 1.28 -3.60
CA ASP A 62 6.89 0.55 -4.58
C ASP A 62 6.93 -0.95 -4.31
N PRO A 63 5.75 -1.54 -4.09
CA PRO A 63 5.62 -2.98 -3.81
C PRO A 63 5.93 -3.83 -5.04
N TYR A 64 6.99 -4.61 -4.96
CA TYR A 64 7.40 -5.48 -6.06
C TYR A 64 7.44 -6.94 -5.62
N CYS A 65 6.86 -7.81 -6.46
CA CYS A 65 6.83 -9.23 -6.15
C CYS A 65 8.20 -9.87 -6.38
N VAL A 66 8.55 -10.82 -5.53
CA VAL A 66 9.83 -11.51 -5.63
C VAL A 66 10.17 -11.81 -7.08
N ALA A 67 9.15 -12.11 -7.88
CA ALA A 67 9.34 -12.41 -9.30
C ALA A 67 9.90 -11.20 -10.04
N CYS A 68 9.37 -10.03 -9.73
CA CYS A 68 9.83 -8.80 -10.38
C CYS A 68 11.11 -8.29 -9.74
N PHE A 69 11.17 -8.35 -8.41
CA PHE A 69 12.35 -7.89 -7.68
C PHE A 69 13.63 -8.42 -8.32
N GLY A 70 13.58 -9.67 -8.77
CA GLY A 70 14.74 -10.27 -9.39
C GLY A 70 14.76 -10.08 -10.89
N GLU A 71 14.10 -9.03 -11.36
CA GLU A 71 14.05 -8.74 -12.79
C GLU A 71 14.32 -7.26 -13.05
N LEU A 72 13.71 -6.39 -12.26
CA LEU A 72 13.89 -4.95 -12.41
C LEU A 72 15.21 -4.51 -11.79
N PHE A 73 15.37 -4.77 -10.50
CA PHE A 73 16.59 -4.40 -9.79
C PHE A 73 17.69 -5.43 -10.02
N ALA A 74 17.32 -6.70 -10.03
CA ALA A 74 18.27 -7.78 -10.24
C ALA A 74 18.40 -8.12 -11.73
N SER A 75 19.08 -7.25 -12.47
CA SER A 75 19.26 -7.45 -13.90
C SER A 75 20.71 -7.17 -14.30
N GLY A 76 21.54 -8.21 -14.24
CA GLY A 76 22.93 -8.07 -14.60
C GLY A 76 23.69 -7.15 -13.65
N PRO A 77 25.02 -7.30 -13.61
CA PRO A 77 25.88 -6.49 -12.74
C PRO A 77 25.96 -5.04 -13.19
N SER A 78 26.65 -4.22 -12.41
CA SER A 78 26.80 -2.81 -12.73
C SER A 78 28.24 -2.48 -13.11
N SER A 79 28.40 -1.51 -14.01
CA SER A 79 29.73 -1.11 -14.46
C SER A 79 30.24 0.08 -13.65
N GLY A 80 29.42 1.12 -13.57
CA GLY A 80 29.80 2.31 -12.82
C GLY A 80 28.62 3.00 -12.18
ZN ZN B . -7.80 1.50 -2.71
ZN ZN C . 5.56 -8.31 -10.14
N GLY A 1 -42.68 33.64 14.89
CA GLY A 1 -41.23 33.66 14.80
C GLY A 1 -40.60 32.53 15.59
N SER A 2 -39.82 31.70 14.89
CA SER A 2 -39.14 30.57 15.53
C SER A 2 -38.09 29.96 14.60
N SER A 3 -36.83 30.13 14.96
CA SER A 3 -35.73 29.60 14.17
C SER A 3 -34.61 29.07 15.06
N GLY A 4 -34.14 27.86 14.74
CA GLY A 4 -33.08 27.26 15.52
C GLY A 4 -33.29 25.78 15.75
N SER A 5 -33.74 25.09 14.72
CA SER A 5 -33.99 23.65 14.80
C SER A 5 -32.91 22.86 14.07
N SER A 6 -31.78 22.66 14.73
CA SER A 6 -30.66 21.92 14.13
C SER A 6 -29.81 21.28 15.22
N GLY A 7 -29.69 19.95 15.15
CA GLY A 7 -28.89 19.23 16.13
C GLY A 7 -27.52 18.88 15.62
N PRO A 8 -26.49 19.05 16.47
CA PRO A 8 -25.10 18.77 16.12
C PRO A 8 -24.85 17.27 15.95
N CYS A 9 -24.86 16.80 14.71
CA CYS A 9 -24.64 15.39 14.42
C CYS A 9 -23.37 14.89 15.10
N TYR A 10 -23.54 14.02 16.09
CA TYR A 10 -22.41 13.48 16.83
C TYR A 10 -22.08 12.06 16.36
N GLU A 11 -20.80 11.77 16.22
CA GLU A 11 -20.35 10.45 15.78
C GLU A 11 -18.86 10.25 16.07
N ASN A 12 -18.57 9.25 16.90
CA ASN A 12 -17.18 8.94 17.26
C ASN A 12 -16.73 7.63 16.63
N LYS A 13 -16.23 7.71 15.40
CA LYS A 13 -15.76 6.54 14.69
C LYS A 13 -14.40 6.80 14.04
N PHE A 14 -13.47 5.87 14.23
CA PHE A 14 -12.14 5.99 13.66
C PHE A 14 -11.70 4.69 13.01
N ALA A 15 -11.66 4.68 11.67
CA ALA A 15 -11.26 3.50 10.93
C ALA A 15 -10.22 3.85 9.87
N PRO A 16 -9.35 2.88 9.56
CA PRO A 16 -8.29 3.07 8.56
C PRO A 16 -8.84 3.16 7.14
N ARG A 17 -8.11 3.86 6.28
CA ARG A 17 -8.53 4.03 4.89
C ARG A 17 -7.36 3.77 3.94
N CYS A 18 -7.66 3.09 2.83
CA CYS A 18 -6.64 2.77 1.84
C CYS A 18 -5.71 3.96 1.60
N ALA A 19 -4.42 3.73 1.78
CA ALA A 19 -3.42 4.79 1.59
C ALA A 19 -3.47 5.32 0.16
N ARG A 20 -4.11 4.57 -0.73
CA ARG A 20 -4.21 4.97 -2.13
C ARG A 20 -5.49 5.76 -2.38
N CYS A 21 -6.63 5.11 -2.17
CA CYS A 21 -7.93 5.74 -2.37
C CYS A 21 -8.39 6.44 -1.10
N SER A 22 -8.10 5.84 0.05
CA SER A 22 -8.49 6.40 1.34
C SER A 22 -10.00 6.44 1.48
N LYS A 23 -10.64 5.30 1.21
CA LYS A 23 -12.09 5.20 1.31
C LYS A 23 -12.51 4.69 2.68
N THR A 24 -12.34 3.38 2.91
CA THR A 24 -12.69 2.77 4.18
C THR A 24 -12.19 1.33 4.26
N LEU A 25 -11.78 0.92 5.45
CA LEU A 25 -11.29 -0.43 5.66
C LEU A 25 -11.89 -1.05 6.91
N THR A 26 -12.97 -1.81 6.74
CA THR A 26 -13.65 -2.45 7.85
C THR A 26 -13.48 -3.96 7.79
N GLN A 27 -13.91 -4.56 6.68
CA GLN A 27 -13.81 -6.00 6.51
C GLN A 27 -12.89 -6.35 5.34
N GLY A 28 -11.95 -7.26 5.57
CA GLY A 28 -11.03 -7.65 4.53
C GLY A 28 -10.10 -6.53 4.13
N GLY A 29 -8.98 -6.40 4.84
CA GLY A 29 -8.03 -5.35 4.53
C GLY A 29 -6.60 -5.75 4.86
N VAL A 30 -5.64 -4.97 4.38
CA VAL A 30 -4.23 -5.25 4.62
C VAL A 30 -3.46 -3.97 4.90
N THR A 31 -2.16 -4.12 5.18
CA THR A 31 -1.31 -2.98 5.46
C THR A 31 0.07 -3.15 4.84
N TYR A 32 0.49 -2.17 4.06
CA TYR A 32 1.79 -2.22 3.40
C TYR A 32 2.67 -1.05 3.85
N ARG A 33 3.83 -1.37 4.42
CA ARG A 33 4.76 -0.35 4.88
C ARG A 33 4.14 0.48 6.00
N ASP A 34 3.67 -0.20 7.04
CA ASP A 34 3.05 0.48 8.17
C ASP A 34 1.93 1.40 7.71
N GLN A 35 1.20 0.97 6.68
CA GLN A 35 0.11 1.77 6.14
C GLN A 35 -1.00 0.88 5.60
N PRO A 36 -2.25 1.32 5.79
CA PRO A 36 -3.42 0.56 5.33
C PRO A 36 -3.55 0.56 3.80
N TRP A 37 -3.68 -0.63 3.24
CA TRP A 37 -3.81 -0.78 1.79
C TRP A 37 -4.95 -1.71 1.43
N HIS A 38 -5.62 -1.43 0.31
CA HIS A 38 -6.75 -2.24 -0.14
C HIS A 38 -6.25 -3.56 -0.73
N ARG A 39 -6.68 -4.66 -0.11
CA ARG A 39 -6.29 -5.98 -0.57
C ARG A 39 -6.20 -6.03 -2.09
N GLU A 40 -7.14 -5.36 -2.75
CA GLU A 40 -7.17 -5.33 -4.22
C GLU A 40 -6.10 -4.38 -4.76
N CYS A 41 -6.03 -3.19 -4.18
CA CYS A 41 -5.05 -2.19 -4.60
C CYS A 41 -3.63 -2.72 -4.45
N LEU A 42 -3.31 -3.19 -3.26
CA LEU A 42 -1.98 -3.73 -2.98
C LEU A 42 -1.57 -4.74 -4.04
N VAL A 43 -0.92 -4.25 -5.10
CA VAL A 43 -0.47 -5.11 -6.18
C VAL A 43 0.92 -4.70 -6.67
N CYS A 44 1.64 -5.64 -7.26
CA CYS A 44 2.98 -5.38 -7.78
C CYS A 44 2.97 -4.21 -8.74
N THR A 45 4.04 -3.42 -8.72
CA THR A 45 4.16 -2.26 -9.60
C THR A 45 4.79 -2.64 -10.93
N GLY A 46 4.75 -3.92 -11.26
CA GLY A 46 5.32 -4.39 -12.51
C GLY A 46 4.38 -5.29 -13.27
N CYS A 47 3.89 -6.33 -12.61
CA CYS A 47 2.98 -7.28 -13.24
C CYS A 47 1.55 -7.06 -12.76
N GLN A 48 1.39 -6.20 -11.75
CA GLN A 48 0.08 -5.90 -11.19
C GLN A 48 -0.54 -7.15 -10.56
N THR A 49 0.19 -7.78 -9.65
CA THR A 49 -0.29 -8.97 -8.97
C THR A 49 -0.57 -8.70 -7.50
N PRO A 50 -1.66 -9.29 -6.99
CA PRO A 50 -2.06 -9.12 -5.58
C PRO A 50 -1.11 -9.83 -4.62
N LEU A 51 -0.35 -9.04 -3.86
CA LEU A 51 0.60 -9.60 -2.90
C LEU A 51 -0.09 -9.94 -1.59
N ALA A 52 -1.42 -9.86 -1.59
CA ALA A 52 -2.19 -10.16 -0.40
C ALA A 52 -1.76 -11.47 0.24
N GLY A 53 -0.96 -11.39 1.30
CA GLY A 53 -0.48 -12.58 1.97
C GLY A 53 0.58 -13.31 1.17
N GLN A 54 1.39 -12.55 0.44
CA GLN A 54 2.46 -13.13 -0.37
C GLN A 54 3.80 -12.48 -0.06
N GLN A 55 4.87 -13.24 -0.26
CA GLN A 55 6.22 -12.73 0.01
C GLN A 55 6.68 -11.79 -1.09
N PHE A 56 6.97 -10.55 -0.73
CA PHE A 56 7.42 -9.55 -1.69
C PHE A 56 8.37 -8.54 -1.04
N THR A 57 8.84 -7.58 -1.83
CA THR A 57 9.75 -6.56 -1.32
C THR A 57 9.37 -5.18 -1.84
N SER A 58 9.81 -4.15 -1.13
CA SER A 58 9.52 -2.77 -1.52
C SER A 58 10.77 -2.07 -2.05
N ARG A 59 10.59 -1.29 -3.11
CA ARG A 59 11.69 -0.56 -3.72
C ARG A 59 11.27 0.84 -4.13
N ASP A 60 12.07 1.83 -3.76
CA ASP A 60 11.78 3.22 -4.10
C ASP A 60 10.32 3.55 -3.78
N GLU A 61 9.83 3.04 -2.66
CA GLU A 61 8.45 3.29 -2.26
C GLU A 61 7.47 2.64 -3.23
N ASP A 62 7.75 1.40 -3.60
CA ASP A 62 6.89 0.66 -4.52
C ASP A 62 6.95 -0.83 -4.25
N PRO A 63 5.78 -1.43 -3.97
CA PRO A 63 5.67 -2.86 -3.69
C PRO A 63 5.94 -3.73 -4.92
N TYR A 64 7.07 -4.42 -4.92
CA TYR A 64 7.43 -5.28 -6.04
C TYR A 64 7.53 -6.74 -5.61
N CYS A 65 6.88 -7.61 -6.36
CA CYS A 65 6.89 -9.04 -6.05
C CYS A 65 8.26 -9.64 -6.31
N VAL A 66 8.56 -10.75 -5.63
CA VAL A 66 9.85 -11.43 -5.80
C VAL A 66 10.13 -11.71 -7.27
N ALA A 67 9.09 -12.07 -8.01
CA ALA A 67 9.23 -12.36 -9.43
C ALA A 67 9.71 -11.14 -10.20
N CYS A 68 9.33 -9.96 -9.73
CA CYS A 68 9.73 -8.72 -10.38
C CYS A 68 11.07 -8.22 -9.83
N PHE A 69 11.17 -8.18 -8.50
CA PHE A 69 12.40 -7.72 -7.86
C PHE A 69 13.62 -8.36 -8.49
N GLY A 70 13.60 -9.68 -8.62
CA GLY A 70 14.72 -10.40 -9.20
C GLY A 70 14.60 -10.50 -10.71
N GLU A 71 13.92 -9.53 -11.32
CA GLU A 71 13.74 -9.52 -12.76
C GLU A 71 14.00 -8.13 -13.33
N LEU A 72 13.62 -7.12 -12.57
CA LEU A 72 13.81 -5.73 -13.00
C LEU A 72 15.12 -5.16 -12.46
N PHE A 73 15.23 -5.08 -11.14
CA PHE A 73 16.42 -4.56 -10.49
C PHE A 73 17.59 -5.53 -10.65
N ALA A 74 17.31 -6.81 -10.45
CA ALA A 74 18.33 -7.85 -10.57
C ALA A 74 18.97 -7.82 -11.96
N SER A 75 18.14 -7.76 -12.99
CA SER A 75 18.62 -7.74 -14.37
C SER A 75 19.26 -6.39 -14.70
N GLY A 76 18.59 -5.31 -14.31
CA GLY A 76 19.11 -3.98 -14.57
C GLY A 76 18.05 -3.05 -15.13
N PRO A 77 17.86 -1.90 -14.45
CA PRO A 77 16.88 -0.90 -14.87
C PRO A 77 17.28 -0.19 -16.16
N SER A 78 16.34 -0.12 -17.10
CA SER A 78 16.59 0.54 -18.38
C SER A 78 17.01 1.99 -18.18
N SER A 79 16.17 2.75 -17.48
CA SER A 79 16.44 4.16 -17.22
C SER A 79 15.76 4.62 -15.94
N GLY A 80 16.45 5.45 -15.17
CA GLY A 80 15.90 5.95 -13.93
C GLY A 80 16.01 7.45 -13.81
ZN ZN B . -7.49 1.53 -2.62
ZN ZN C . 5.52 -8.55 -10.15
#